data_3HNU
# 
_entry.id   3HNU 
# 
_audit_conform.dict_name       mmcif_pdbx.dic 
_audit_conform.dict_version    5.378 
_audit_conform.dict_location   http://mmcif.pdb.org/dictionaries/ascii/mmcif_pdbx.dic 
# 
loop_
_database_2.database_id 
_database_2.database_code 
_database_2.pdbx_database_accession 
_database_2.pdbx_DOI 
PDB   3HNU         pdb_00003hnu 10.2210/pdb3hnu/pdb 
RCSB  RCSB053363   ?            ?                   
WWPDB D_1000053363 ?            ?                   
# 
loop_
_pdbx_database_related.db_name 
_pdbx_database_related.db_id 
_pdbx_database_related.details 
_pdbx_database_related.content_type 
PDB 2KJL 'Solution structures of a designed Cyanovirin-N homolog lectin; LKAMG'                      unspecified 
PDB 3HNX 'Crystal structure of a designed Cyanovirin-N homolog lectin; LKAMG in P212121 space group' unspecified 
PDB 3HP8 'Crystal structure of a designed Cyanovirin-N homolog lectin; LKAMG, bound to sucrose'      unspecified 
# 
_pdbx_database_status.status_code                     REL 
_pdbx_database_status.entry_id                        3HNU 
_pdbx_database_status.recvd_initial_deposition_date   2009-06-01 
_pdbx_database_status.deposit_site                    RCSB 
_pdbx_database_status.process_site                    RCSB 
_pdbx_database_status.status_code_sf                  REL 
_pdbx_database_status.status_code_mr                  ? 
_pdbx_database_status.SG_entry                        ? 
_pdbx_database_status.pdb_format_compatible           Y 
_pdbx_database_status.status_code_cs                  ? 
_pdbx_database_status.methods_development_category    ? 
_pdbx_database_status.status_code_nmr_data            ? 
# 
loop_
_audit_author.name 
_audit_author.pdbx_ordinal 
_audit_author.identifier_ORCID 
'Koharudin, L.M.I.' 1 ? 
'Furey, W.'         2 ? 
'Gronenborn, A.M.'  3 ? 
# 
loop_
_citation.id 
_citation.title 
_citation.journal_abbrev 
_citation.journal_volume 
_citation.page_first 
_citation.page_last 
_citation.year 
_citation.journal_id_ASTM 
_citation.country 
_citation.journal_id_ISSN 
_citation.journal_id_CSD 
_citation.book_publisher 
_citation.pdbx_database_id_PubMed 
_citation.pdbx_database_id_DOI 
primary 'A designed chimeric cyanovirin-N homolog lectin: Structure and molecular basis of sucrose binding.'    Proteins  77 904 
915 2009 PSFGEY US 0887-3585 0867 ? 19639634 10.1002/prot.22514 
1       'The evolutionarily conserved family of cyanovirin-N homologs: structures and carbohydrate specificity' Structure 16 570 
584 2008 STRUE6 UK 0969-2126 2005 ? 18400178 ?                  
# 
loop_
_citation_author.citation_id 
_citation_author.name 
_citation_author.ordinal 
_citation_author.identifier_ORCID 
primary 'Koharudin, L.M.'  1 ? 
primary 'Furey, W.'        2 ? 
primary 'Gronenborn, A.M.' 3 ? 
1       'Koharudin, L.M.'  4 ? 
1       'Viscomi, A.R.'    5 ? 
1       'Jee, J.G.'        6 ? 
1       'Ottonello, S.'    7 ? 
1       'Gronenborn, A.M.' 8 ? 
# 
_cell.entry_id           3HNU 
_cell.length_a           33.876 
_cell.length_b           34.444 
_cell.length_c           45.632 
_cell.angle_alpha        90.00 
_cell.angle_beta         101.24 
_cell.angle_gamma        90.00 
_cell.Z_PDB              2 
_cell.pdbx_unique_axis   ? 
_cell.length_a_esd       ? 
_cell.length_b_esd       ? 
_cell.length_c_esd       ? 
_cell.angle_alpha_esd    ? 
_cell.angle_beta_esd     ? 
_cell.angle_gamma_esd    ? 
# 
_symmetry.entry_id                         3HNU 
_symmetry.space_group_name_H-M             'P 1 21 1' 
_symmetry.pdbx_full_space_group_name_H-M   ? 
_symmetry.cell_setting                     ? 
_symmetry.Int_Tables_number                4 
_symmetry.space_group_name_Hall            ? 
# 
loop_
_entity.id 
_entity.type 
_entity.src_method 
_entity.pdbx_description 
_entity.formula_weight 
_entity.pdbx_number_of_molecules 
_entity.pdbx_ec 
_entity.pdbx_mutation 
_entity.pdbx_fragment 
_entity.details 
1 polymer man 'Cyanovirin-N-like protein' 12386.461 1   ? ? ? ? 
2 water   nat water                       18.015    167 ? ? ? ? 
# 
_entity_poly.entity_id                      1 
_entity_poly.type                           'polypeptide(L)' 
_entity_poly.nstd_linkage                   no 
_entity_poly.nstd_monomer                   no 
_entity_poly.pdbx_seq_one_letter_code       
;GSHMSYADSSRNAVLTNGGRTLRAECRNADGNWVTSELDLDTIIGNNDGHFQWGGQNFTETAEDIRFHPKEGAAEQPILR
ARLRDCNGEFHDRDVNLNRIQNVNGRLVFQ
;
_entity_poly.pdbx_seq_one_letter_code_can   
;GSHMSYADSSRNAVLTNGGRTLRAECRNADGNWVTSELDLDTIIGNNDGHFQWGGQNFTETAEDIRFHPKEGAAEQPILR
ARLRDCNGEFHDRDVNLNRIQNVNGRLVFQ
;
_entity_poly.pdbx_strand_id                 X 
_entity_poly.pdbx_target_identifier         ? 
# 
loop_
_entity_poly_seq.entity_id 
_entity_poly_seq.num 
_entity_poly_seq.mon_id 
_entity_poly_seq.hetero 
1 1   GLY n 
1 2   SER n 
1 3   HIS n 
1 4   MET n 
1 5   SER n 
1 6   TYR n 
1 7   ALA n 
1 8   ASP n 
1 9   SER n 
1 10  SER n 
1 11  ARG n 
1 12  ASN n 
1 13  ALA n 
1 14  VAL n 
1 15  LEU n 
1 16  THR n 
1 17  ASN n 
1 18  GLY n 
1 19  GLY n 
1 20  ARG n 
1 21  THR n 
1 22  LEU n 
1 23  ARG n 
1 24  ALA n 
1 25  GLU n 
1 26  CYS n 
1 27  ARG n 
1 28  ASN n 
1 29  ALA n 
1 30  ASP n 
1 31  GLY n 
1 32  ASN n 
1 33  TRP n 
1 34  VAL n 
1 35  THR n 
1 36  SER n 
1 37  GLU n 
1 38  LEU n 
1 39  ASP n 
1 40  LEU n 
1 41  ASP n 
1 42  THR n 
1 43  ILE n 
1 44  ILE n 
1 45  GLY n 
1 46  ASN n 
1 47  ASN n 
1 48  ASP n 
1 49  GLY n 
1 50  HIS n 
1 51  PHE n 
1 52  GLN n 
1 53  TRP n 
1 54  GLY n 
1 55  GLY n 
1 56  GLN n 
1 57  ASN n 
1 58  PHE n 
1 59  THR n 
1 60  GLU n 
1 61  THR n 
1 62  ALA n 
1 63  GLU n 
1 64  ASP n 
1 65  ILE n 
1 66  ARG n 
1 67  PHE n 
1 68  HIS n 
1 69  PRO n 
1 70  LYS n 
1 71  GLU n 
1 72  GLY n 
1 73  ALA n 
1 74  ALA n 
1 75  GLU n 
1 76  GLN n 
1 77  PRO n 
1 78  ILE n 
1 79  LEU n 
1 80  ARG n 
1 81  ALA n 
1 82  ARG n 
1 83  LEU n 
1 84  ARG n 
1 85  ASP n 
1 86  CYS n 
1 87  ASN n 
1 88  GLY n 
1 89  GLU n 
1 90  PHE n 
1 91  HIS n 
1 92  ASP n 
1 93  ARG n 
1 94  ASP n 
1 95  VAL n 
1 96  ASN n 
1 97  LEU n 
1 98  ASN n 
1 99  ARG n 
1 100 ILE n 
1 101 GLN n 
1 102 ASN n 
1 103 VAL n 
1 104 ASN n 
1 105 GLY n 
1 106 ARG n 
1 107 LEU n 
1 108 VAL n 
1 109 PHE n 
1 110 GLN n 
# 
loop_
_entity_src_gen.entity_id 
_entity_src_gen.pdbx_src_id 
_entity_src_gen.pdbx_alt_source_flag 
_entity_src_gen.pdbx_seq_type 
_entity_src_gen.pdbx_beg_seq_num 
_entity_src_gen.pdbx_end_seq_num 
_entity_src_gen.gene_src_common_name 
_entity_src_gen.gene_src_genus 
_entity_src_gen.pdbx_gene_src_gene 
_entity_src_gen.gene_src_species 
_entity_src_gen.gene_src_strain 
_entity_src_gen.gene_src_tissue 
_entity_src_gen.gene_src_tissue_fraction 
_entity_src_gen.gene_src_details 
_entity_src_gen.pdbx_gene_src_fragment 
_entity_src_gen.pdbx_gene_src_scientific_name 
_entity_src_gen.pdbx_gene_src_ncbi_taxonomy_id 
_entity_src_gen.pdbx_gene_src_variant 
_entity_src_gen.pdbx_gene_src_cell_line 
_entity_src_gen.pdbx_gene_src_atcc 
_entity_src_gen.pdbx_gene_src_organ 
_entity_src_gen.pdbx_gene_src_organelle 
_entity_src_gen.pdbx_gene_src_cell 
_entity_src_gen.pdbx_gene_src_cellular_location 
_entity_src_gen.host_org_common_name 
_entity_src_gen.pdbx_host_org_scientific_name 
_entity_src_gen.pdbx_host_org_ncbi_taxonomy_id 
_entity_src_gen.host_org_genus 
_entity_src_gen.pdbx_host_org_gene 
_entity_src_gen.pdbx_host_org_organ 
_entity_src_gen.host_org_species 
_entity_src_gen.pdbx_host_org_tissue 
_entity_src_gen.pdbx_host_org_tissue_fraction 
_entity_src_gen.pdbx_host_org_strain 
_entity_src_gen.pdbx_host_org_variant 
_entity_src_gen.pdbx_host_org_cell_line 
_entity_src_gen.pdbx_host_org_atcc 
_entity_src_gen.pdbx_host_org_culture_collection 
_entity_src_gen.pdbx_host_org_cell 
_entity_src_gen.pdbx_host_org_organelle 
_entity_src_gen.pdbx_host_org_cellular_location 
_entity_src_gen.pdbx_host_org_vector_type 
_entity_src_gen.pdbx_host_org_vector 
_entity_src_gen.host_org_details 
_entity_src_gen.expression_system_id 
_entity_src_gen.plasmid_name 
_entity_src_gen.plasmid_details 
_entity_src_gen.pdbx_description 
1 1 sample ? 4  42  ? ? ? ? ? ? ? ? ? 'Tuber borchii'     42251 ? ? ? ? ? ? ? ? 'Escherichia coli' 562 ? ? ? ? ? ? 'BL21(DE3)' ? ? 
? ? ? ? ? plasmid ? ? ? pET15b ? ? 
1 2 sample ? 43 96  ? ? ? ? ? ? ? ? ? 'Neurospora crassa' 5141  ? ? ? ? ? ? ? ? 'Escherichia coli' 562 ? ? ? ? ? ? 'BL21(DE3)' ? ? 
? ? ? ? ? plasmid ? ? ? pET15b ? ? 
1 3 sample ? 97 110 ? ? ? ? ? ? ? ? ? 'Tuber borchii'     42251 ? ? ? ? ? ? ? ? 'Escherichia coli' 562 ? ? ? ? ? ? 'BL21(DE3)' ? ? 
? ? ? ? ? plasmid ? ? ? pET15b ? ? 
# 
loop_
_struct_ref.id 
_struct_ref.db_name 
_struct_ref.db_code 
_struct_ref.pdbx_db_accession 
_struct_ref.entity_id 
_struct_ref.pdbx_seq_one_letter_code 
_struct_ref.pdbx_align_begin 
_struct_ref.pdbx_db_isoform 
1 UNP Q5MK11_TUBBO Q5MK11 1 MSYADSSRNAVLTNGGRTLRAECRNADGNWVTSELDLDT                1  ? 
2 UNP Q7S6U4_NEUCR Q7S6U4 1 IIGNNDGHFQWGGQNFTETAEDIRFHPKEGAAEQPILRARLRDCNGEFHDRDVN 42 ? 
3 UNP Q5MK11_TUBBO Q5MK11 1 LNRIQNVNGRLVFQ                                         90 ? 
# 
loop_
_struct_ref_seq.align_id 
_struct_ref_seq.ref_id 
_struct_ref_seq.pdbx_PDB_id_code 
_struct_ref_seq.pdbx_strand_id 
_struct_ref_seq.seq_align_beg 
_struct_ref_seq.pdbx_seq_align_beg_ins_code 
_struct_ref_seq.seq_align_end 
_struct_ref_seq.pdbx_seq_align_end_ins_code 
_struct_ref_seq.pdbx_db_accession 
_struct_ref_seq.db_align_beg 
_struct_ref_seq.pdbx_db_align_beg_ins_code 
_struct_ref_seq.db_align_end 
_struct_ref_seq.pdbx_db_align_end_ins_code 
_struct_ref_seq.pdbx_auth_seq_align_beg 
_struct_ref_seq.pdbx_auth_seq_align_end 
1 1 3HNU X 4  ? 42  ? Q5MK11 1  ? 39  ? 1  39  
2 2 3HNU X 43 ? 96  ? Q7S6U4 42 ? 95  ? 40 93  
3 3 3HNU X 97 ? 110 ? Q5MK11 90 ? 103 ? 94 107 
# 
loop_
_struct_ref_seq_dif.align_id 
_struct_ref_seq_dif.pdbx_pdb_id_code 
_struct_ref_seq_dif.mon_id 
_struct_ref_seq_dif.pdbx_pdb_strand_id 
_struct_ref_seq_dif.seq_num 
_struct_ref_seq_dif.pdbx_pdb_ins_code 
_struct_ref_seq_dif.pdbx_seq_db_name 
_struct_ref_seq_dif.pdbx_seq_db_accession_code 
_struct_ref_seq_dif.db_mon_id 
_struct_ref_seq_dif.pdbx_seq_db_seq_num 
_struct_ref_seq_dif.details 
_struct_ref_seq_dif.pdbx_auth_seq_num 
_struct_ref_seq_dif.pdbx_ordinal 
1 3HNU GLY X 1 ? UNP Q5MK11 ? ? 'expression tag' -2 1 
1 3HNU SER X 2 ? UNP Q5MK11 ? ? 'expression tag' -1 2 
1 3HNU HIS X 3 ? UNP Q5MK11 ? ? 'expression tag' 0  3 
# 
loop_
_chem_comp.id 
_chem_comp.type 
_chem_comp.mon_nstd_flag 
_chem_comp.name 
_chem_comp.pdbx_synonyms 
_chem_comp.formula 
_chem_comp.formula_weight 
ALA 'L-peptide linking' y ALANINE         ? 'C3 H7 N O2'     89.093  
ARG 'L-peptide linking' y ARGININE        ? 'C6 H15 N4 O2 1' 175.209 
ASN 'L-peptide linking' y ASPARAGINE      ? 'C4 H8 N2 O3'    132.118 
ASP 'L-peptide linking' y 'ASPARTIC ACID' ? 'C4 H7 N O4'     133.103 
CYS 'L-peptide linking' y CYSTEINE        ? 'C3 H7 N O2 S'   121.158 
GLN 'L-peptide linking' y GLUTAMINE       ? 'C5 H10 N2 O3'   146.144 
GLU 'L-peptide linking' y 'GLUTAMIC ACID' ? 'C5 H9 N O4'     147.129 
GLY 'peptide linking'   y GLYCINE         ? 'C2 H5 N O2'     75.067  
HIS 'L-peptide linking' y HISTIDINE       ? 'C6 H10 N3 O2 1' 156.162 
HOH non-polymer         . WATER           ? 'H2 O'           18.015  
ILE 'L-peptide linking' y ISOLEUCINE      ? 'C6 H13 N O2'    131.173 
LEU 'L-peptide linking' y LEUCINE         ? 'C6 H13 N O2'    131.173 
LYS 'L-peptide linking' y LYSINE          ? 'C6 H15 N2 O2 1' 147.195 
MET 'L-peptide linking' y METHIONINE      ? 'C5 H11 N O2 S'  149.211 
PHE 'L-peptide linking' y PHENYLALANINE   ? 'C9 H11 N O2'    165.189 
PRO 'L-peptide linking' y PROLINE         ? 'C5 H9 N O2'     115.130 
SER 'L-peptide linking' y SERINE          ? 'C3 H7 N O3'     105.093 
THR 'L-peptide linking' y THREONINE       ? 'C4 H9 N O3'     119.119 
TRP 'L-peptide linking' y TRYPTOPHAN      ? 'C11 H12 N2 O2'  204.225 
TYR 'L-peptide linking' y TYROSINE        ? 'C9 H11 N O3'    181.189 
VAL 'L-peptide linking' y VALINE          ? 'C5 H11 N O2'    117.146 
# 
_exptl.entry_id          3HNU 
_exptl.method            'X-RAY DIFFRACTION' 
_exptl.crystals_number   1 
# 
_exptl_crystal.id                    1 
_exptl_crystal.density_meas          ? 
_exptl_crystal.density_Matthews      2.11 
_exptl_crystal.density_percent_sol   41.65 
_exptl_crystal.description           ? 
_exptl_crystal.F_000                 ? 
_exptl_crystal.preparation           ? 
# 
_exptl_crystal_grow.crystal_id      1 
_exptl_crystal_grow.method          ? 
_exptl_crystal_grow.temp            277 
_exptl_crystal_grow.temp_details    ? 
_exptl_crystal_grow.pH              8.0 
_exptl_crystal_grow.pdbx_pH_range   ? 
_exptl_crystal_grow.pdbx_details    
;40 mg/ml protein in 0.2 M Li2SO4, 0.1 M Tris-HCl (pH 8.5), and 30% PEG 4000 at 8 to 1 ratio between protein and mother liquor, VAPOR DIFFUSION, SITTING DROP, temperature 277K
;
# 
_diffrn.id                     1 
_diffrn.ambient_temp           100 
_diffrn.ambient_temp_details   ? 
_diffrn.crystal_id             1 
# 
_diffrn_detector.diffrn_id              1 
_diffrn_detector.detector               CCD 
_diffrn_detector.type                   'RIGAKU SATURN 944' 
_diffrn_detector.pdbx_collection_date   2006-10-16 
_diffrn_detector.details                MIRRORS 
# 
_diffrn_radiation.diffrn_id                        1 
_diffrn_radiation.wavelength_id                    1 
_diffrn_radiation.pdbx_monochromatic_or_laue_m_l   M 
_diffrn_radiation.monochromator                    'OSMIC MIRRORS' 
_diffrn_radiation.pdbx_diffrn_protocol             'SINGLE WAVELENGTH' 
_diffrn_radiation.pdbx_scattering_type             x-ray 
# 
_diffrn_radiation_wavelength.id           1 
_diffrn_radiation_wavelength.wavelength   1.5418 
_diffrn_radiation_wavelength.wt           1.0 
# 
_diffrn_source.diffrn_id                   1 
_diffrn_source.source                      'ROTATING ANODE' 
_diffrn_source.type                        'RIGAKU FR-E SUPERBRIGHT' 
_diffrn_source.pdbx_synchrotron_site       ? 
_diffrn_source.pdbx_synchrotron_beamline   ? 
_diffrn_source.pdbx_wavelength             1.5418 
_diffrn_source.pdbx_wavelength_list        ? 
# 
_reflns.entry_id                     3HNU 
_reflns.observed_criterion_sigma_I   2.000 
_reflns.observed_criterion_sigma_F   ? 
_reflns.d_resolution_low             24.490 
_reflns.d_resolution_high            1.560 
_reflns.number_obs                   14212 
_reflns.number_all                   ? 
_reflns.percent_possible_obs         95.5 
_reflns.pdbx_Rmerge_I_obs            0.04700 
_reflns.pdbx_Rsym_value              ? 
_reflns.pdbx_netI_over_sigmaI        19.9000 
_reflns.B_iso_Wilson_estimate        ? 
_reflns.pdbx_redundancy              3.900 
_reflns.R_free_details               ? 
_reflns.limit_h_max                  ? 
_reflns.limit_h_min                  ? 
_reflns.limit_k_max                  ? 
_reflns.limit_k_min                  ? 
_reflns.limit_l_max                  ? 
_reflns.limit_l_min                  ? 
_reflns.observed_criterion_F_max     ? 
_reflns.observed_criterion_F_min     ? 
_reflns.pdbx_chi_squared             ? 
_reflns.pdbx_scaling_rejects         ? 
_reflns.pdbx_diffrn_id               1 
_reflns.pdbx_ordinal                 1 
# 
_reflns_shell.d_res_high             1.56 
_reflns_shell.d_res_low              1.62 
_reflns_shell.percent_possible_all   71.4 
_reflns_shell.Rmerge_I_obs           0.17500 
_reflns_shell.pdbx_Rsym_value        ? 
_reflns_shell.meanI_over_sigI_obs    3.200 
_reflns_shell.pdbx_redundancy        2.21 
_reflns_shell.percent_possible_obs   ? 
_reflns_shell.number_unique_all      ? 
_reflns_shell.number_measured_all    ? 
_reflns_shell.number_measured_obs    ? 
_reflns_shell.number_unique_obs      ? 
_reflns_shell.pdbx_chi_squared       ? 
_reflns_shell.pdbx_diffrn_id         ? 
_reflns_shell.pdbx_ordinal           1 
# 
_refine.pdbx_refine_id                           'X-RAY DIFFRACTION' 
_refine.entry_id                                 3HNU 
_refine.ls_number_reflns_obs                     12776 
_refine.ls_number_reflns_all                     ? 
_refine.pdbx_ls_sigma_I                          ? 
_refine.pdbx_ls_sigma_F                          0.000 
_refine.pdbx_data_cutoff_high_absF               ? 
_refine.pdbx_data_cutoff_low_absF                ? 
_refine.pdbx_data_cutoff_high_rms_absF           ? 
_refine.ls_d_res_low                             24.49 
_refine.ls_d_res_high                            1.56 
_refine.ls_percent_reflns_obs                    95.5 
_refine.ls_R_factor_obs                          0.187 
_refine.ls_R_factor_all                          ? 
_refine.ls_R_factor_R_work                       0.183 
_refine.ls_R_factor_R_free                       0.225 
_refine.ls_R_factor_R_free_error                 ? 
_refine.ls_R_factor_R_free_error_details         ? 
_refine.ls_percent_reflns_R_free                 10.100 
_refine.ls_number_reflns_R_free                  1436 
_refine.ls_number_parameters                     ? 
_refine.ls_number_restraints                     ? 
_refine.occupancy_min                            ? 
_refine.occupancy_max                            ? 
_refine.correlation_coeff_Fo_to_Fc               0.963 
_refine.correlation_coeff_Fo_to_Fc_free          0.938 
_refine.B_iso_mean                               17.88 
_refine.aniso_B[1][1]                            -0.53000 
_refine.aniso_B[2][2]                            -0.18000 
_refine.aniso_B[3][3]                            0.65000 
_refine.aniso_B[1][2]                            -0.00000 
_refine.aniso_B[1][3]                            -0.14000 
_refine.aniso_B[2][3]                            0.00000 
_refine.solvent_model_details                    MASK 
_refine.solvent_model_param_ksol                 ? 
_refine.solvent_model_param_bsol                 ? 
_refine.pdbx_solvent_vdw_probe_radii             1.40 
_refine.pdbx_solvent_ion_probe_radii             0.80 
_refine.pdbx_solvent_shrinkage_radii             0.80 
_refine.pdbx_ls_cross_valid_method               THROUGHOUT 
_refine.details                                  'HYDROGENS HAVE BEEN ADDED IN THE RIDING POSITIONS' 
_refine.pdbx_starting_model                      'PSEUDO-MONOMERIC CV-N (1M5M)' 
_refine.pdbx_method_to_determine_struct          'MOLECULAR REPLACEMENT' 
_refine.pdbx_isotropic_thermal_model             ? 
_refine.pdbx_stereochemistry_target_values       'MAXIMUM LIKELIHOOD' 
_refine.pdbx_stereochem_target_val_spec_case     ? 
_refine.pdbx_R_Free_selection_details            RANDOM 
_refine.pdbx_overall_ESU_R                       0.104 
_refine.pdbx_overall_ESU_R_Free                  0.105 
_refine.overall_SU_ML                            0.057 
_refine.pdbx_overall_phase_error                 ? 
_refine.overall_SU_B                             1.542 
_refine.ls_redundancy_reflns_obs                 ? 
_refine.B_iso_min                                ? 
_refine.B_iso_max                                ? 
_refine.overall_SU_R_Cruickshank_DPI             ? 
_refine.overall_SU_R_free                        ? 
_refine.ls_wR_factor_R_free                      ? 
_refine.ls_wR_factor_R_work                      ? 
_refine.overall_FOM_free_R_set                   ? 
_refine.overall_FOM_work_R_set                   ? 
_refine.pdbx_diffrn_id                           1 
_refine.pdbx_TLS_residual_ADP_flag               ? 
_refine.pdbx_overall_SU_R_free_Cruickshank_DPI   ? 
_refine.pdbx_overall_SU_R_Blow_DPI               ? 
_refine.pdbx_overall_SU_R_free_Blow_DPI          ? 
# 
_refine_hist.pdbx_refine_id                   'X-RAY DIFFRACTION' 
_refine_hist.cycle_id                         LAST 
_refine_hist.pdbx_number_atoms_protein        863 
_refine_hist.pdbx_number_atoms_nucleic_acid   0 
_refine_hist.pdbx_number_atoms_ligand         0 
_refine_hist.number_atoms_solvent             167 
_refine_hist.number_atoms_total               1030 
_refine_hist.d_res_high                       1.56 
_refine_hist.d_res_low                        24.49 
# 
loop_
_refine_ls_restr.type 
_refine_ls_restr.dev_ideal 
_refine_ls_restr.dev_ideal_target 
_refine_ls_restr.weight 
_refine_ls_restr.number 
_refine_ls_restr.pdbx_refine_id 
_refine_ls_restr.pdbx_restraint_function 
r_bond_refined_d             0.009  0.021  ? 881  'X-RAY DIFFRACTION' ? 
r_bond_other_d               ?      ?      ? ?    'X-RAY DIFFRACTION' ? 
r_angle_refined_deg          1.141  1.912  ? 1197 'X-RAY DIFFRACTION' ? 
r_angle_other_deg            ?      ?      ? ?    'X-RAY DIFFRACTION' ? 
r_dihedral_angle_1_deg       7.624  5.000  ? 111  'X-RAY DIFFRACTION' ? 
r_dihedral_angle_2_deg       29.281 24.000 ? 55   'X-RAY DIFFRACTION' ? 
r_dihedral_angle_3_deg       11.102 15.000 ? 140  'X-RAY DIFFRACTION' ? 
r_dihedral_angle_4_deg       21.919 15.000 ? 11   'X-RAY DIFFRACTION' ? 
r_chiral_restr               0.098  0.200  ? 125  'X-RAY DIFFRACTION' ? 
r_gen_planes_refined         0.013  0.020  ? 724  'X-RAY DIFFRACTION' ? 
r_gen_planes_other           ?      ?      ? ?    'X-RAY DIFFRACTION' ? 
r_nbd_refined                ?      ?      ? ?    'X-RAY DIFFRACTION' ? 
r_nbd_other                  ?      ?      ? ?    'X-RAY DIFFRACTION' ? 
r_nbtor_refined              ?      ?      ? ?    'X-RAY DIFFRACTION' ? 
r_nbtor_other                ?      ?      ? ?    'X-RAY DIFFRACTION' ? 
r_xyhbond_nbd_refined        ?      ?      ? ?    'X-RAY DIFFRACTION' ? 
r_xyhbond_nbd_other          ?      ?      ? ?    'X-RAY DIFFRACTION' ? 
r_metal_ion_refined          ?      ?      ? ?    'X-RAY DIFFRACTION' ? 
r_metal_ion_other            ?      ?      ? ?    'X-RAY DIFFRACTION' ? 
r_symmetry_vdw_refined       ?      ?      ? ?    'X-RAY DIFFRACTION' ? 
r_symmetry_vdw_other         ?      ?      ? ?    'X-RAY DIFFRACTION' ? 
r_symmetry_hbond_refined     ?      ?      ? ?    'X-RAY DIFFRACTION' ? 
r_symmetry_hbond_other       ?      ?      ? ?    'X-RAY DIFFRACTION' ? 
r_symmetry_metal_ion_refined ?      ?      ? ?    'X-RAY DIFFRACTION' ? 
r_symmetry_metal_ion_other   ?      ?      ? ?    'X-RAY DIFFRACTION' ? 
r_mcbond_it                  1.375  1.500  ? 540  'X-RAY DIFFRACTION' ? 
r_mcbond_other               ?      ?      ? ?    'X-RAY DIFFRACTION' ? 
r_mcangle_it                 2.311  2.000  ? 866  'X-RAY DIFFRACTION' ? 
r_scbond_it                  3.696  3.000  ? 341  'X-RAY DIFFRACTION' ? 
r_scangle_it                 5.965  4.500  ? 331  'X-RAY DIFFRACTION' ? 
r_rigid_bond_restr           ?      ?      ? ?    'X-RAY DIFFRACTION' ? 
r_sphericity_free            ?      ?      ? ?    'X-RAY DIFFRACTION' ? 
r_sphericity_bonded          ?      ?      ? ?    'X-RAY DIFFRACTION' ? 
# 
_refine_ls_shell.pdbx_refine_id                   'X-RAY DIFFRACTION' 
_refine_ls_shell.pdbx_total_number_of_bins_used   20 
_refine_ls_shell.d_res_high                       1.56 
_refine_ls_shell.d_res_low                        1.60 
_refine_ls_shell.number_reflns_R_work             644 
_refine_ls_shell.R_factor_R_work                  0.3390 
_refine_ls_shell.percent_reflns_obs               65.83 
_refine_ls_shell.R_factor_R_free                  0.3820 
_refine_ls_shell.R_factor_R_free_error            ? 
_refine_ls_shell.percent_reflns_R_free            ? 
_refine_ls_shell.number_reflns_R_free             67 
_refine_ls_shell.number_reflns_all                ? 
_refine_ls_shell.R_factor_all                     ? 
_refine_ls_shell.redundancy_reflns_obs            ? 
_refine_ls_shell.number_reflns_obs                ? 
# 
_struct.entry_id                  3HNU 
_struct.title                     'Crystal structure of a designed Cyanovirin-N homolog lectin; LKAMG in P21 space group' 
_struct.pdbx_model_details        ? 
_struct.pdbx_CASP_flag            ? 
_struct.pdbx_model_type_details   ? 
# 
_struct_keywords.entry_id        3HNU 
_struct_keywords.pdbx_keywords   'SUGAR BINDING PROTEIN' 
_struct_keywords.text            'Cyanovirin-N, CVNH, lectin, SUGAR BINDING PROTEIN' 
# 
loop_
_struct_asym.id 
_struct_asym.pdbx_blank_PDB_chainid_flag 
_struct_asym.pdbx_modified 
_struct_asym.entity_id 
_struct_asym.details 
A N N 1 ? 
B N N 2 ? 
# 
loop_
_struct_conf.conf_type_id 
_struct_conf.id 
_struct_conf.pdbx_PDB_helix_id 
_struct_conf.beg_label_comp_id 
_struct_conf.beg_label_asym_id 
_struct_conf.beg_label_seq_id 
_struct_conf.pdbx_beg_PDB_ins_code 
_struct_conf.end_label_comp_id 
_struct_conf.end_label_asym_id 
_struct_conf.end_label_seq_id 
_struct_conf.pdbx_end_PDB_ins_code 
_struct_conf.beg_auth_comp_id 
_struct_conf.beg_auth_asym_id 
_struct_conf.beg_auth_seq_id 
_struct_conf.end_auth_comp_id 
_struct_conf.end_auth_asym_id 
_struct_conf.end_auth_seq_id 
_struct_conf.pdbx_PDB_helix_class 
_struct_conf.details 
_struct_conf.pdbx_PDB_helix_length 
HELX_P HELX_P1 1 SER A 5  ? ASP A 8   ? SER X 2  ASP X 5  5 ? 4 
HELX_P HELX_P2 2 ASN A 57 ? GLU A 60  ? ASN X 54 GLU X 57 5 ? 4 
HELX_P HELX_P3 3 ASN A 98 ? ILE A 100 ? ASN X 95 ILE X 97 5 ? 3 
# 
_struct_conf_type.id          HELX_P 
_struct_conf_type.criteria    ? 
_struct_conf_type.reference   ? 
# 
loop_
_struct_sheet.id 
_struct_sheet.type 
_struct_sheet.number_strands 
_struct_sheet.details 
A ? 3 ? 
B ? 2 ? 
C ? 3 ? 
D ? 2 ? 
# 
loop_
_struct_sheet_order.sheet_id 
_struct_sheet_order.range_id_1 
_struct_sheet_order.range_id_2 
_struct_sheet_order.offset 
_struct_sheet_order.sense 
A 1 2 ? anti-parallel 
A 2 3 ? anti-parallel 
B 1 2 ? anti-parallel 
C 1 2 ? anti-parallel 
C 2 3 ? anti-parallel 
D 1 2 ? anti-parallel 
# 
loop_
_struct_sheet_range.sheet_id 
_struct_sheet_range.id 
_struct_sheet_range.beg_label_comp_id 
_struct_sheet_range.beg_label_asym_id 
_struct_sheet_range.beg_label_seq_id 
_struct_sheet_range.pdbx_beg_PDB_ins_code 
_struct_sheet_range.end_label_comp_id 
_struct_sheet_range.end_label_asym_id 
_struct_sheet_range.end_label_seq_id 
_struct_sheet_range.pdbx_end_PDB_ins_code 
_struct_sheet_range.beg_auth_comp_id 
_struct_sheet_range.beg_auth_asym_id 
_struct_sheet_range.beg_auth_seq_id 
_struct_sheet_range.end_auth_comp_id 
_struct_sheet_range.end_auth_asym_id 
_struct_sheet_range.end_auth_seq_id 
A 1 SER A 10  ? THR A 16  ? SER X 7   THR X 13  
A 2 THR A 21  ? ARG A 27  ? THR X 18  ARG X 24  
A 3 TRP A 33  ? ASP A 39  ? TRP X 30  ASP X 36  
B 1 ILE A 44  ? ASN A 47  ? ILE X 41  ASN X 44  
B 2 HIS A 50  ? TRP A 53  ? HIS X 47  TRP X 50  
C 1 ALA A 62  ? GLU A 71  ? ALA X 59  GLU X 68  
C 2 GLN A 76  ? ARG A 84  ? GLN X 73  ARG X 81  
C 3 PHE A 90  ? ASN A 96  ? PHE X 87  ASN X 93  
D 1 GLN A 101 ? VAL A 103 ? GLN X 98  VAL X 100 
D 2 ARG A 106 ? VAL A 108 ? ARG X 103 VAL X 105 
# 
loop_
_pdbx_struct_sheet_hbond.sheet_id 
_pdbx_struct_sheet_hbond.range_id_1 
_pdbx_struct_sheet_hbond.range_id_2 
_pdbx_struct_sheet_hbond.range_1_label_atom_id 
_pdbx_struct_sheet_hbond.range_1_label_comp_id 
_pdbx_struct_sheet_hbond.range_1_label_asym_id 
_pdbx_struct_sheet_hbond.range_1_label_seq_id 
_pdbx_struct_sheet_hbond.range_1_PDB_ins_code 
_pdbx_struct_sheet_hbond.range_1_auth_atom_id 
_pdbx_struct_sheet_hbond.range_1_auth_comp_id 
_pdbx_struct_sheet_hbond.range_1_auth_asym_id 
_pdbx_struct_sheet_hbond.range_1_auth_seq_id 
_pdbx_struct_sheet_hbond.range_2_label_atom_id 
_pdbx_struct_sheet_hbond.range_2_label_comp_id 
_pdbx_struct_sheet_hbond.range_2_label_asym_id 
_pdbx_struct_sheet_hbond.range_2_label_seq_id 
_pdbx_struct_sheet_hbond.range_2_PDB_ins_code 
_pdbx_struct_sheet_hbond.range_2_auth_atom_id 
_pdbx_struct_sheet_hbond.range_2_auth_comp_id 
_pdbx_struct_sheet_hbond.range_2_auth_asym_id 
_pdbx_struct_sheet_hbond.range_2_auth_seq_id 
A 1 2 N THR A 16  ? N THR X 13 O THR A 21  ? O THR X 18  
A 2 3 N CYS A 26  ? N CYS X 23 O VAL A 34  ? O VAL X 31  
B 1 2 N ASN A 47  ? N ASN X 44 O HIS A 50  ? O HIS X 47  
C 1 2 N GLU A 63  ? N GLU X 60 O ARG A 82  ? O ARG X 79  
C 2 3 N ALA A 81  ? N ALA X 78 O ARG A 93  ? O ARG X 90  
D 1 2 N GLN A 101 ? N GLN X 98 O VAL A 108 ? O VAL X 105 
# 
_atom_sites.entry_id                    3HNU 
_atom_sites.fract_transf_matrix[1][1]   0.02367386 
_atom_sites.fract_transf_matrix[1][2]   -0.00469014 
_atom_sites.fract_transf_matrix[1][3]   -0.01798145 
_atom_sites.fract_transf_matrix[2][1]   -0.00554063 
_atom_sites.fract_transf_matrix[2][2]   -0.02849907 
_atom_sites.fract_transf_matrix[2][3]   0.00013883 
_atom_sites.fract_transf_matrix[3][1]   -0.00944316 
_atom_sites.fract_transf_matrix[3][2]   0.00173761 
_atom_sites.fract_transf_matrix[3][3]   -0.02017467 
_atom_sites.fract_transf_vector[1]      0.141960 
_atom_sites.fract_transf_vector[2]      -0.005648 
_atom_sites.fract_transf_vector[3]      0.267260 
# 
loop_
_atom_type.symbol 
C 
N 
O 
S 
# 
loop_
_atom_site.group_PDB 
_atom_site.id 
_atom_site.type_symbol 
_atom_site.label_atom_id 
_atom_site.label_alt_id 
_atom_site.label_comp_id 
_atom_site.label_asym_id 
_atom_site.label_entity_id 
_atom_site.label_seq_id 
_atom_site.pdbx_PDB_ins_code 
_atom_site.Cartn_x 
_atom_site.Cartn_y 
_atom_site.Cartn_z 
_atom_site.occupancy 
_atom_site.B_iso_or_equiv 
_atom_site.pdbx_formal_charge 
_atom_site.auth_seq_id 
_atom_site.auth_comp_id 
_atom_site.auth_asym_id 
_atom_site.auth_atom_id 
_atom_site.pdbx_PDB_model_num 
ATOM   1    N N   . MET A 1 4   ? -5.581  -2.786  13.782  1.00 28.46 ? 1   MET X N   1 
ATOM   2    C CA  . MET A 1 4   ? -6.738  -2.523  12.872  1.00 26.11 ? 1   MET X CA  1 
ATOM   3    C C   . MET A 1 4   ? -6.262  -2.447  11.431  1.00 22.76 ? 1   MET X C   1 
ATOM   4    O O   . MET A 1 4   ? -6.833  -1.699  10.619  1.00 22.38 ? 1   MET X O   1 
ATOM   5    C CB  . MET A 1 4   ? -7.439  -1.204  13.220  1.00 29.21 ? 1   MET X CB  1 
ATOM   6    C CG  . MET A 1 4   ? -7.437  -0.826  14.693  1.00 36.81 ? 1   MET X CG  1 
ATOM   7    S SD  . MET A 1 4   ? -5.999  0.175   15.112  1.00 54.18 ? 1   MET X SD  1 
ATOM   8    C CE  . MET A 1 4   ? -6.085  1.480   13.879  1.00 49.29 ? 1   MET X CE  1 
ATOM   9    N N   . SER A 1 5   ? -5.170  -3.155  11.133  1.00 20.24 ? 2   SER X N   1 
ATOM   10   C CA  . SER A 1 5   ? -4.754  -3.320  9.743   1.00 16.30 ? 2   SER X CA  1 
ATOM   11   C C   . SER A 1 5   ? -5.911  -3.886  8.937   1.00 15.56 ? 2   SER X C   1 
ATOM   12   O O   . SER A 1 5   ? -6.500  -4.896  9.317   1.00 14.13 ? 2   SER X O   1 
ATOM   13   C CB  . SER A 1 5   ? -3.598  -4.308  9.674   1.00 19.49 ? 2   SER X CB  1 
ATOM   14   O OG  . SER A 1 5   ? -3.235  -4.561  8.325   1.00 17.67 ? 2   SER X OG  1 
ATOM   15   N N   . TYR A 1 6   ? -6.107  -3.375  7.725   1.00 12.80 ? 3   TYR X N   1 
ATOM   16   C CA  . TYR A 1 6   ? -7.090  -3.996  6.822   1.00 10.85 ? 3   TYR X CA  1 
ATOM   17   C C   . TYR A 1 6   ? -6.796  -5.496  6.625   1.00 10.79 ? 3   TYR X C   1 
ATOM   18   O O   . TYR A 1 6   ? -7.717  -6.293  6.362   1.00 12.38 ? 3   TYR X O   1 
ATOM   19   C CB  . TYR A 1 6   ? -7.070  -3.272  5.448   1.00 10.33 ? 3   TYR X CB  1 
ATOM   20   C CG  . TYR A 1 6   ? -5.952  -3.738  4.519   1.00 10.41 ? 3   TYR X CG  1 
ATOM   21   C CD1 . TYR A 1 6   ? -4.682  -3.183  4.609   1.00 12.10 ? 3   TYR X CD1 1 
ATOM   22   C CD2 . TYR A 1 6   ? -6.160  -4.776  3.628   1.00 10.90 ? 3   TYR X CD2 1 
ATOM   23   C CE1 . TYR A 1 6   ? -3.622  -3.687  3.864   1.00 12.23 ? 3   TYR X CE1 1 
ATOM   24   C CE2 . TYR A 1 6   ? -5.103  -5.304  2.892   1.00 10.45 ? 3   TYR X CE2 1 
ATOM   25   C CZ  . TYR A 1 6   ? -3.850  -4.724  3.002   1.00 11.86 ? 3   TYR X CZ  1 
ATOM   26   O OH  . TYR A 1 6   ? -2.775  -5.244  2.299   1.00 12.39 ? 3   TYR X OH  1 
ATOM   27   N N   . ALA A 1 7   ? -5.527  -5.900  6.732   1.00 11.86 ? 4   ALA X N   1 
ATOM   28   C CA  . ALA A 1 7   ? -5.166  -7.239  6.327   1.00 11.69 ? 4   ALA X CA  1 
ATOM   29   C C   . ALA A 1 7   ? -5.795  -8.282  7.263   1.00 14.28 ? 4   ALA X C   1 
ATOM   30   O O   . ALA A 1 7   ? -6.029  -9.433  6.860   1.00 17.14 ? 4   ALA X O   1 
ATOM   31   C CB  . ALA A 1 7   ? -3.653  -7.376  6.253   1.00 13.94 ? 4   ALA X CB  1 
ATOM   32   N N   . ASP A 1 8   ? -6.162  -7.862  8.466   1.00 13.63 ? 5   ASP X N   1 
ATOM   33   C CA  . ASP A 1 8   ? -6.721  -8.788  9.438   1.00 15.67 ? 5   ASP X CA  1 
ATOM   34   C C   . ASP A 1 8   ? -8.129  -9.245  9.070   1.00 15.26 ? 5   ASP X C   1 
ATOM   35   O O   . ASP A 1 8   ? -8.619  -10.230 9.627   1.00 17.71 ? 5   ASP X O   1 
ATOM   36   C CB  . ASP A 1 8   ? -6.725  -8.176  10.834  1.00 16.76 ? 5   ASP X CB  1 
ATOM   37   C CG  . ASP A 1 8   ? -5.332  -7.996  11.399  1.00 23.46 ? 5   ASP X CG  1 
ATOM   38   O OD1 . ASP A 1 8   ? -4.345  -8.345  10.715  1.00 29.21 ? 5   ASP X OD1 1 
ATOM   39   O OD2 . ASP A 1 8   ? -5.221  -7.451  12.516  1.00 29.47 ? 5   ASP X OD2 1 
ATOM   40   N N   . SER A 1 9   ? -8.765  -8.551  8.122   1.00 13.95 ? 6   SER X N   1 
ATOM   41   C CA  . SER A 1 9   ? -10.176 -8.823  7.774   1.00 14.25 ? 6   SER X CA  1 
ATOM   42   C C   . SER A 1 9   ? -10.381 -8.679  6.258   1.00 13.55 ? 6   SER X C   1 
ATOM   43   O O   . SER A 1 9   ? -11.479 -8.397  5.787   1.00 13.17 ? 6   SER X O   1 
ATOM   44   C CB  . SER A 1 9   ? -11.109 -7.873  8.533   1.00 12.73 ? 6   SER X CB  1 
ATOM   45   O OG  . SER A 1 9   ? -10.807 -6.506  8.251   1.00 16.09 ? 6   SER X OG  1 
ATOM   46   N N   . SER A 1 10  ? -9.303  -8.894  5.511   1.00 12.56 ? 7   SER X N   1 
ATOM   47   C CA  . SER A 1 10  ? -9.350  -8.835  4.049   1.00 11.23 ? 7   SER X CA  1 
ATOM   48   C C   . SER A 1 10  ? -8.603  -10.025 3.486   1.00 12.26 ? 7   SER X C   1 
ATOM   49   O O   . SER A 1 10  ? -7.924  -10.751 4.229   1.00 14.66 ? 7   SER X O   1 
ATOM   50   C CB  . SER A 1 10  ? -8.697  -7.543  3.548   1.00 10.53 ? 7   SER X CB  1 
ATOM   51   O OG  . SER A 1 10  ? -9.300  -6.408  4.148   1.00 15.93 ? 7   SER X OG  1 
ATOM   52   N N   . ARG A 1 11  ? -8.715  -10.205 2.171   1.00 11.94 ? 8   ARG X N   1 
ATOM   53   C CA  . ARG A 1 11  ? -8.052  -11.306 1.483   1.00 11.80 ? 8   ARG X CA  1 
ATOM   54   C C   . ARG A 1 11  ? -7.745  -10.940 0.047   1.00 12.05 ? 8   ARG X C   1 
ATOM   55   O O   . ARG A 1 11  ? -8.310  -9.980  -0.495  1.00 12.62 ? 8   ARG X O   1 
ATOM   56   C CB  . ARG A 1 11  ? -8.918  -12.565 1.536   1.00 12.21 ? 8   ARG X CB  1 
ATOM   57   C CG  . ARG A 1 11  ? -10.166 -12.444 0.674   1.00 11.82 ? 8   ARG X CG  1 
ATOM   58   C CD  . ARG A 1 11  ? -11.112 -13.587 0.862   1.00 15.80 ? 8   ARG X CD  1 
ATOM   59   N NE  . ARG A 1 11  ? -12.195 -13.466 -0.109  1.00 14.05 ? 8   ARG X NE  1 
ATOM   60   C CZ  . ARG A 1 11  ? -13.323 -14.172 -0.086  1.00 15.65 ? 8   ARG X CZ  1 
ATOM   61   N NH1 . ARG A 1 11  ? -13.508 -15.115 0.830   1.00 17.23 ? 8   ARG X NH1 1 
ATOM   62   N NH2 . ARG A 1 11  ? -14.212 -13.996 -1.051  1.00 18.65 ? 8   ARG X NH2 1 
ATOM   63   N N   . ASN A 1 12  ? -6.908  -11.753 -0.597  1.00 12.61 ? 9   ASN X N   1 
ATOM   64   C CA  . ASN A 1 12  ? -6.672  -11.618 -2.035  1.00 13.74 ? 9   ASN X CA  1 
ATOM   65   C C   . ASN A 1 12  ? -6.167  -10.206 -2.383  1.00 13.01 ? 9   ASN X C   1 
ATOM   66   O O   . ASN A 1 12  ? -6.469  -9.667  -3.448  1.00 15.21 ? 9   ASN X O   1 
ATOM   67   C CB  . ASN A 1 12  ? -7.925  -11.982 -2.825  1.00 15.64 ? 9   ASN X CB  1 
ATOM   68   C CG  . ASN A 1 12  ? -8.269  -13.458 -2.710  1.00 20.50 ? 9   ASN X CG  1 
ATOM   69   O OD1 . ASN A 1 12  ? -7.404  -14.277 -2.376  1.00 27.36 ? 9   ASN X OD1 1 
ATOM   70   N ND2 . ASN A 1 12  ? -9.550  -13.790 -2.870  1.00 22.68 ? 9   ASN X ND2 1 
ATOM   71   N N   . ALA A 1 13  ? -5.356  -9.635  -1.493  1.00 12.52 ? 10  ALA X N   1 
ATOM   72   C CA  . ALA A 1 13  ? -4.800  -8.292  -1.724  1.00 11.43 ? 10  ALA X CA  1 
ATOM   73   C C   . ALA A 1 13  ? -3.733  -8.280  -2.816  1.00 11.02 ? 10  ALA X C   1 
ATOM   74   O O   . ALA A 1 13  ? -2.868  -9.173  -2.878  1.00 12.87 ? 10  ALA X O   1 
ATOM   75   C CB  . ALA A 1 13  ? -4.242  -7.732  -0.444  1.00 13.91 ? 10  ALA X CB  1 
ATOM   76   N N   . VAL A 1 14  ? -3.855  -7.315  -3.733  1.00 11.56 ? 11  VAL X N   1 
ATOM   77   C CA  . VAL A 1 14  ? -2.892  -7.162  -4.825  1.00 11.99 ? 11  VAL X CA  1 
ATOM   78   C C   . VAL A 1 14  ? -2.589  -5.698  -5.074  1.00 12.82 ? 11  VAL X C   1 
ATOM   79   O O   . VAL A 1 14  ? -3.420  -4.814  -4.807  1.00 10.70 ? 11  VAL X O   1 
ATOM   80   C CB  . VAL A 1 14  ? -3.415  -7.813  -6.138  1.00 14.39 ? 11  VAL X CB  1 
ATOM   81   C CG1 . VAL A 1 14  ? -3.587  -9.316  -5.973  1.00 19.18 ? 11  VAL X CG1 1 
ATOM   82   C CG2 . VAL A 1 14  ? -4.711  -7.145  -6.608  1.00 14.71 ? 11  VAL X CG2 1 
ATOM   83   N N   . LEU A 1 15  ? -1.431  -5.432  -5.673  1.00 11.58 ? 12  LEU X N   1 
ATOM   84   C CA  . LEU A 1 15  ? -1.110  -4.084  -6.165  1.00 10.16 ? 12  LEU X CA  1 
ATOM   85   C C   . LEU A 1 15  ? -1.312  -4.072  -7.673  1.00 13.31 ? 12  LEU X C   1 
ATOM   86   O O   . LEU A 1 15  ? -0.805  -4.958  -8.384  1.00 14.06 ? 12  LEU X O   1 
ATOM   87   C CB  . LEU A 1 15  ? 0.345   -3.739  -5.847  1.00 10.72 ? 12  LEU X CB  1 
ATOM   88   C CG  . LEU A 1 15  ? 0.723   -2.269  -6.061  1.00 10.19 ? 12  LEU X CG  1 
ATOM   89   C CD1 . LEU A 1 15  ? 0.039   -1.374  -5.045  1.00 13.06 ? 12  LEU X CD1 1 
ATOM   90   C CD2 . LEU A 1 15  ? 2.244   -2.115  -5.940  1.00 12.60 ? 12  LEU X CD2 1 
ATOM   91   N N   A THR A 1 16  ? -2.033  -3.074  -8.162  0.50 11.38 ? 13  THR X N   1 
ATOM   92   N N   B THR A 1 16  ? -2.037  -3.063  -8.145  0.50 11.92 ? 13  THR X N   1 
ATOM   93   C CA  A THR A 1 16  ? -2.376  -3.002  -9.584  0.50 11.69 ? 13  THR X CA  1 
ATOM   94   C CA  B THR A 1 16  ? -2.446  -2.965  -9.549  0.50 12.67 ? 13  THR X CA  1 
ATOM   95   C C   A THR A 1 16  ? -2.334  -1.543  -10.056 0.50 11.88 ? 13  THR X C   1 
ATOM   96   C C   B THR A 1 16  ? -2.204  -1.554  -10.092 0.50 12.11 ? 13  THR X C   1 
ATOM   97   O O   A THR A 1 16  ? -1.911  -0.651  -9.317  0.50 11.63 ? 13  THR X O   1 
ATOM   98   O O   B THR A 1 16  ? -1.619  -0.703  -9.412  0.50 10.73 ? 13  THR X O   1 
ATOM   99   C CB  A THR A 1 16  ? -3.739  -3.695  -9.857  0.50 11.52 ? 13  THR X CB  1 
ATOM   100  C CB  B THR A 1 16  ? -3.934  -3.329  -9.722  0.50 13.74 ? 13  THR X CB  1 
ATOM   101  O OG1 A THR A 1 16  ? -3.979  -3.820  -11.267 0.50 9.83  ? 13  THR X OG1 1 
ATOM   102  O OG1 B THR A 1 16  ? -4.757  -2.319  -9.117  0.50 14.33 ? 13  THR X OG1 1 
ATOM   103  C CG2 A THR A 1 16  ? -4.892  -2.942  -9.174  0.50 14.14 ? 13  THR X CG2 1 
ATOM   104  C CG2 B THR A 1 16  ? -4.235  -4.664  -9.068  0.50 15.15 ? 13  THR X CG2 1 
ATOM   105  N N   . ASN A 1 17  ? -2.640  -1.313  -11.328 1.00 12.32 ? 14  ASN X N   1 
ATOM   106  C CA  . ASN A 1 17  ? -2.769  0.057   -11.838 1.00 11.81 ? 14  ASN X CA  1 
ATOM   107  C C   . ASN A 1 17  ? -1.437  0.791   -11.871 1.00 12.43 ? 14  ASN X C   1 
ATOM   108  O O   . ASN A 1 17  ? -1.332  1.965   -11.491 1.00 13.45 ? 14  ASN X O   1 
ATOM   109  C CB  . ASN A 1 17  ? -3.822  0.837   -11.034 1.00 10.36 ? 14  ASN X CB  1 
ATOM   110  C CG  . ASN A 1 17  ? -4.240  2.129   -11.712 1.00 11.80 ? 14  ASN X CG  1 
ATOM   111  O OD1 . ASN A 1 17  ? -4.275  2.218   -12.950 1.00 14.27 ? 14  ASN X OD1 1 
ATOM   112  N ND2 . ASN A 1 17  ? -4.499  3.163   -10.903 1.00 11.80 ? 14  ASN X ND2 1 
ATOM   113  N N   . GLY A 1 18  ? -0.408  0.090   -12.344 1.00 13.63 ? 15  GLY X N   1 
ATOM   114  C CA  . GLY A 1 18  ? 0.889   0.723   -12.532 1.00 15.15 ? 15  GLY X CA  1 
ATOM   115  C C   . GLY A 1 18  ? 1.621   0.962   -11.230 1.00 15.24 ? 15  GLY X C   1 
ATOM   116  O O   . GLY A 1 18  ? 2.430   1.891   -11.117 1.00 17.54 ? 15  GLY X O   1 
ATOM   117  N N   . GLY A 1 19  ? 1.283   0.165   -10.219 1.00 12.88 ? 16  GLY X N   1 
ATOM   118  C CA  . GLY A 1 19  ? 1.937   0.250   -8.904  1.00 14.34 ? 16  GLY X CA  1 
ATOM   119  C C   . GLY A 1 19  ? 1.235   1.219   -7.964  1.00 12.51 ? 16  GLY X C   1 
ATOM   120  O O   . GLY A 1 19  ? 1.721   1.464   -6.855  1.00 13.32 ? 16  GLY X O   1 
ATOM   121  N N   . ARG A 1 20  ? 0.078   1.733   -8.386  1.00 11.55 ? 17  ARG X N   1 
ATOM   122  C CA  . ARG A 1 20  ? -0.639  2.773   -7.630  1.00 11.79 ? 17  ARG X CA  1 
ATOM   123  C C   . ARG A 1 20  ? -1.684  2.244   -6.657  1.00 12.65 ? 17  ARG X C   1 
ATOM   124  O O   . ARG A 1 20  ? -1.986  2.922   -5.670  1.00 14.51 ? 17  ARG X O   1 
ATOM   125  C CB  . ARG A 1 20  ? -1.389  3.738   -8.560  1.00 13.30 ? 17  ARG X CB  1 
ATOM   126  C CG  . ARG A 1 20  ? -0.540  4.536   -9.521  1.00 17.35 ? 17  ARG X CG  1 
ATOM   127  C CD  . ARG A 1 20  ? -1.434  5.274   -10.492 1.00 15.08 ? 17  ARG X CD  1 
ATOM   128  N NE  . ARG A 1 20  ? -0.654  6.140   -11.385 1.00 19.05 ? 17  ARG X NE  1 
ATOM   129  C CZ  . ARG A 1 20  ? -0.012  5.718   -12.467 1.00 20.13 ? 17  ARG X CZ  1 
ATOM   130  N NH1 . ARG A 1 20  ? 0.658   6.590   -13.217 1.00 22.79 ? 17  ARG X NH1 1 
ATOM   131  N NH2 . ARG A 1 20  ? -0.026  4.433   -12.799 1.00 16.93 ? 17  ARG X NH2 1 
ATOM   132  N N   . THR A 1 21  ? -2.352  1.144   -7.006  1.00 11.20 ? 18  THR X N   1 
ATOM   133  C CA  . THR A 1 21  ? -3.658  0.855   -6.422  1.00 11.22 ? 18  THR X CA  1 
ATOM   134  C C   . THR A 1 21  ? -3.620  -0.450  -5.649  1.00 11.12 ? 18  THR X C   1 
ATOM   135  O O   . THR A 1 21  ? -3.266  -1.517  -6.200  1.00 11.65 ? 18  THR X O   1 
ATOM   136  C CB  . THR A 1 21  ? -4.763  0.820   -7.479  1.00 11.84 ? 18  THR X CB  1 
ATOM   137  O OG1 . THR A 1 21  ? -4.884  2.135   -8.048  1.00 12.75 ? 18  THR X OG1 1 
ATOM   138  C CG2 . THR A 1 21  ? -6.102  0.408   -6.865  1.00 11.01 ? 18  THR X CG2 1 
ATOM   139  N N   . LEU A 1 22  ? -4.012  -0.366  -4.380  1.00 9.69  ? 19  LEU X N   1 
ATOM   140  C CA  . LEU A 1 22  ? -4.242  -1.574  -3.586  1.00 9.85  ? 19  LEU X CA  1 
ATOM   141  C C   . LEU A 1 22  ? -5.658  -2.054  -3.819  1.00 9.86  ? 19  LEU X C   1 
ATOM   142  O O   . LEU A 1 22  ? -6.595  -1.275  -3.675  1.00 10.88 ? 19  LEU X O   1 
ATOM   143  C CB  . LEU A 1 22  ? -4.032  -1.283  -2.101  1.00 10.29 ? 19  LEU X CB  1 
ATOM   144  C CG  . LEU A 1 22  ? -4.288  -2.422  -1.128  1.00 10.64 ? 19  LEU X CG  1 
ATOM   145  C CD1 . LEU A 1 22  ? -3.209  -3.513  -1.337  1.00 12.76 ? 19  LEU X CD1 1 
ATOM   146  C CD2 . LEU A 1 22  ? -4.306  -1.930  0.301   1.00 12.42 ? 19  LEU X CD2 1 
ATOM   147  N N   . ARG A 1 23  ? -5.799  -3.314  -4.210  1.00 8.88  ? 20  ARG X N   1 
ATOM   148  C CA  . ARG A 1 23  ? -7.116  -3.949  -4.347  1.00 10.03 ? 20  ARG X CA  1 
ATOM   149  C C   . ARG A 1 23  ? -7.204  -5.154  -3.420  1.00 10.46 ? 20  ARG X C   1 
ATOM   150  O O   . ARG A 1 23  ? -6.300  -6.002  -3.363  1.00 11.44 ? 20  ARG X O   1 
ATOM   151  C CB  . ARG A 1 23  ? -7.404  -4.348  -5.790  1.00 10.49 ? 20  ARG X CB  1 
ATOM   152  C CG  . ARG A 1 23  ? -8.760  -5.050  -5.945  1.00 15.23 ? 20  ARG X CG  1 
ATOM   153  C CD  . ARG A 1 23  ? -9.192  -5.093  -7.394  1.00 28.21 ? 20  ARG X CD  1 
ATOM   154  N NE  . ARG A 1 23  ? -8.302  -5.924  -8.185  1.00 36.59 ? 20  ARG X NE  1 
ATOM   155  C CZ  . ARG A 1 23  ? -7.901  -5.624  -9.416  1.00 38.36 ? 20  ARG X CZ  1 
ATOM   156  N NH1 . ARG A 1 23  ? -8.319  -4.506  -10.008 1.00 38.99 ? 20  ARG X NH1 1 
ATOM   157  N NH2 . ARG A 1 23  ? -7.079  -6.441  -10.054 1.00 38.59 ? 20  ARG X NH2 1 
ATOM   158  N N   . ALA A 1 24  ? -8.334  -5.292  -2.732  1.00 10.52 ? 21  ALA X N   1 
ATOM   159  C CA  . ALA A 1 24  ? -8.530  -6.479  -1.915  1.00 9.09  ? 21  ALA X CA  1 
ATOM   160  C C   . ALA A 1 24  ? -10.009 -6.771  -1.827  1.00 10.42 ? 21  ALA X C   1 
ATOM   161  O O   . ALA A 1 24  ? -10.839 -5.939  -2.178  1.00 11.96 ? 21  ALA X O   1 
ATOM   162  C CB  . ALA A 1 24  ? -7.933  -6.301  -0.517  1.00 11.63 ? 21  ALA X CB  1 
ATOM   163  N N   . GLU A 1 25  ? -10.324 -7.941  -1.292  1.00 9.87  ? 22  GLU X N   1 
ATOM   164  C CA  . GLU A 1 25  ? -11.672 -8.233  -0.875  1.00 9.52  ? 22  GLU X CA  1 
ATOM   165  C C   . GLU A 1 25  ? -11.720 -8.069  0.644   1.00 9.51  ? 22  GLU X C   1 
ATOM   166  O O   . GLU A 1 25  ? -10.938 -8.689  1.387   1.00 10.72 ? 22  GLU X O   1 
ATOM   167  C CB  . GLU A 1 25  ? -12.018 -9.657  -1.311  1.00 10.08 ? 22  GLU X CB  1 
ATOM   168  C CG  . GLU A 1 25  ? -12.111 -9.781  -2.819  1.00 12.97 ? 22  GLU X CG  1 
ATOM   169  C CD  . GLU A 1 25  ? -12.152 -11.216 -3.333  1.00 19.62 ? 22  GLU X CD  1 
ATOM   170  O OE1 . GLU A 1 25  ? -12.194 -12.155 -2.522  1.00 24.67 ? 22  GLU X OE1 1 
ATOM   171  O OE2 . GLU A 1 25  ? -12.216 -11.377 -4.573  1.00 19.29 ? 22  GLU X OE2 1 
ATOM   172  N N   . CYS A 1 26  ? -12.660 -7.244  1.086   1.00 9.92  ? 23  CYS X N   1 
ATOM   173  C CA  . CYS A 1 26  ? -12.708 -6.758  2.449   1.00 10.18 ? 23  CYS X CA  1 
ATOM   174  C C   . CYS A 1 26  ? -13.990 -7.247  3.089   1.00 10.79 ? 23  CYS X C   1 
ATOM   175  O O   . CYS A 1 26  ? -15.062 -7.002  2.569   1.00 11.46 ? 23  CYS X O   1 
ATOM   176  C CB  . CYS A 1 26  ? -12.745 -5.235  2.415   1.00 8.54  ? 23  CYS X CB  1 
ATOM   177  S SG  . CYS A 1 26  ? -11.161 -4.457  1.878   1.00 13.90 ? 23  CYS X SG  1 
ATOM   178  N N   . ARG A 1 27  ? -13.882 -7.891  4.245   1.00 10.11 ? 24  ARG X N   1 
ATOM   179  C CA  . ARG A 1 27  ? -15.093 -8.458  4.873   1.00 11.31 ? 24  ARG X CA  1 
ATOM   180  C C   . ARG A 1 27  ? -15.888 -7.340  5.533   1.00 11.77 ? 24  ARG X C   1 
ATOM   181  O O   . ARG A 1 27  ? -15.325 -6.433  6.158   1.00 12.59 ? 24  ARG X O   1 
ATOM   182  C CB  . ARG A 1 27  ? -14.705 -9.527  5.890   1.00 12.08 ? 24  ARG X CB  1 
ATOM   183  C CG  . ARG A 1 27  ? -15.874 -10.405 6.349   1.00 15.63 ? 24  ARG X CG  1 
ATOM   184  C CD  . ARG A 1 27  ? -15.390 -11.495 7.298   1.00 16.43 ? 24  ARG X CD  1 
ATOM   185  N NE  . ARG A 1 27  ? -14.718 -10.897 8.448   1.00 19.92 ? 24  ARG X NE  1 
ATOM   186  C CZ  . ARG A 1 27  ? -13.497 -11.219 8.863   1.00 22.76 ? 24  ARG X CZ  1 
ATOM   187  N NH1 . ARG A 1 27  ? -12.862 -12.256 8.331   1.00 23.99 ? 24  ARG X NH1 1 
ATOM   188  N NH2 . ARG A 1 27  ? -12.952 -10.550 9.869   1.00 21.71 ? 24  ARG X NH2 1 
ATOM   189  N N   . ASN A 1 28  ? -17.205 -7.398  5.387   1.00 11.61 ? 25  ASN X N   1 
ATOM   190  C CA  . ASN A 1 28  ? -18.075 -6.396  6.007   1.00 13.25 ? 25  ASN X CA  1 
ATOM   191  C C   . ASN A 1 28  ? -18.728 -6.980  7.268   1.00 12.35 ? 25  ASN X C   1 
ATOM   192  O O   . ASN A 1 28  ? -18.430 -8.112  7.654   1.00 12.96 ? 25  ASN X O   1 
ATOM   193  C CB  . ASN A 1 28  ? -19.100 -5.844  4.994   1.00 13.01 ? 25  ASN X CB  1 
ATOM   194  C CG  . ASN A 1 28  ? -20.166 -6.883  4.576   1.00 10.40 ? 25  ASN X CG  1 
ATOM   195  O OD1 . ASN A 1 28  ? -20.336 -7.905  5.223   1.00 12.21 ? 25  ASN X OD1 1 
ATOM   196  N ND2 . ASN A 1 28  ? -20.847 -6.616  3.476   1.00 15.43 ? 25  ASN X ND2 1 
ATOM   197  N N   . ALA A 1 29  ? -19.600 -6.208  7.902   1.00 14.26 ? 26  ALA X N   1 
ATOM   198  C CA  . ALA A 1 29  ? -20.103 -6.563  9.223   1.00 17.52 ? 26  ALA X CA  1 
ATOM   199  C C   . ALA A 1 29  ? -20.946 -7.820  9.184   1.00 19.13 ? 26  ALA X C   1 
ATOM   200  O O   . ALA A 1 29  ? -21.030 -8.541  10.182  1.00 21.73 ? 26  ALA X O   1 
ATOM   201  C CB  . ALA A 1 29  ? -20.895 -5.415  9.814   1.00 18.17 ? 26  ALA X CB  1 
ATOM   202  N N   . ASP A 1 30  ? -21.565 -8.060  8.029   1.00 19.88 ? 27  ASP X N   1 
ATOM   203  C CA  . ASP A 1 30  ? -22.361 -9.258  7.761   1.00 20.38 ? 27  ASP X CA  1 
ATOM   204  C C   . ASP A 1 30  ? -21.507 -10.511 7.535   1.00 20.07 ? 27  ASP X C   1 
ATOM   205  O O   . ASP A 1 30  ? -21.991 -11.643 7.659   1.00 20.87 ? 27  ASP X O   1 
ATOM   206  C CB  . ASP A 1 30  ? -23.261 -9.024  6.544   1.00 21.34 ? 27  ASP X CB  1 
ATOM   207  C CG  . ASP A 1 30  ? -24.303 -7.939  6.773   1.00 27.95 ? 27  ASP X CG  1 
ATOM   208  O OD1 . ASP A 1 30  ? -24.868 -7.869  7.885   1.00 34.55 ? 27  ASP X OD1 1 
ATOM   209  O OD2 . ASP A 1 30  ? -24.621 -7.206  5.810   1.00 36.31 ? 27  ASP X OD2 1 
ATOM   210  N N   . GLY A 1 31  ? -20.225 -10.328 7.237   1.00 16.51 ? 28  GLY X N   1 
ATOM   211  C CA  . GLY A 1 31  ? -19.357 -11.465 6.990   1.00 14.30 ? 28  GLY X CA  1 
ATOM   212  C C   . GLY A 1 31  ? -19.244 -11.768 5.503   1.00 13.90 ? 28  GLY X C   1 
ATOM   213  O O   . GLY A 1 31  ? -18.673 -12.788 5.118   1.00 14.16 ? 28  GLY X O   1 
ATOM   214  N N   . ASN A 1 32  ? -19.804 -10.897 4.677   1.00 13.05 ? 29  ASN X N   1 
ATOM   215  C CA  . ASN A 1 32  ? -19.592 -10.971 3.211   1.00 12.20 ? 29  ASN X CA  1 
ATOM   216  C C   . ASN A 1 32  ? -18.372 -10.179 2.763   1.00 12.06 ? 29  ASN X C   1 
ATOM   217  O O   . ASN A 1 32  ? -17.798 -9.449  3.546   1.00 13.30 ? 29  ASN X O   1 
ATOM   218  C CB  . ASN A 1 32  ? -20.821 -10.485 2.472   1.00 13.43 ? 29  ASN X CB  1 
ATOM   219  C CG  . ASN A 1 32  ? -22.002 -11.398 2.672   1.00 14.50 ? 29  ASN X CG  1 
ATOM   220  O OD1 . ASN A 1 32  ? -21.874 -12.634 2.657   1.00 18.99 ? 29  ASN X OD1 1 
ATOM   221  N ND2 . ASN A 1 32  ? -23.160 -10.804 2.821   1.00 15.31 ? 29  ASN X ND2 1 
ATOM   222  N N   . TRP A 1 33  ? -17.934 -10.411 1.528   1.00 11.79 ? 30  TRP X N   1 
ATOM   223  C CA  . TRP A 1 33  ? -16.627 -9.920  1.080   1.00 11.03 ? 30  TRP X CA  1 
ATOM   224  C C   . TRP A 1 33  ? -16.827 -8.932  -0.056  1.00 10.59 ? 30  TRP X C   1 
ATOM   225  O O   . TRP A 1 33  ? -17.494 -9.253  -1.043  1.00 13.60 ? 30  TRP X O   1 
ATOM   226  C CB  . TRP A 1 33  ? -15.780 -11.099 0.609   1.00 12.55 ? 30  TRP X CB  1 
ATOM   227  C CG  . TRP A 1 33  ? -15.425 -12.025 1.741   1.00 14.13 ? 30  TRP X CG  1 
ATOM   228  C CD1 . TRP A 1 33  ? -16.163 -13.099 2.201   1.00 14.91 ? 30  TRP X CD1 1 
ATOM   229  C CD2 . TRP A 1 33  ? -14.274 -11.941 2.588   1.00 14.38 ? 30  TRP X CD2 1 
ATOM   230  N NE1 . TRP A 1 33  ? -15.508 -13.699 3.262   1.00 15.46 ? 30  TRP X NE1 1 
ATOM   231  C CE2 . TRP A 1 33  ? -14.381 -12.971 3.558   1.00 13.21 ? 30  TRP X CE2 1 
ATOM   232  C CE3 . TRP A 1 33  ? -13.167 -11.086 2.631   1.00 12.46 ? 30  TRP X CE3 1 
ATOM   233  C CZ2 . TRP A 1 33  ? -13.390 -13.194 4.525   1.00 14.26 ? 30  TRP X CZ2 1 
ATOM   234  C CZ3 . TRP A 1 33  ? -12.207 -11.290 3.599   1.00 15.67 ? 30  TRP X CZ3 1 
ATOM   235  C CH2 . TRP A 1 33  ? -12.307 -12.344 4.523   1.00 16.51 ? 30  TRP X CH2 1 
ATOM   236  N N   . VAL A 1 34  ? -16.301 -7.716  0.104   1.00 11.24 ? 31  VAL X N   1 
ATOM   237  C CA  . VAL A 1 34  ? -16.583 -6.615  -0.830  1.00 10.93 ? 31  VAL X CA  1 
ATOM   238  C C   . VAL A 1 34  ? -15.286 -6.248  -1.547  1.00 9.44  ? 31  VAL X C   1 
ATOM   239  O O   . VAL A 1 34  ? -14.243 -6.138  -0.914  1.00 10.87 ? 31  VAL X O   1 
ATOM   240  C CB  . VAL A 1 34  ? -17.090 -5.393  -0.049  1.00 11.71 ? 31  VAL X CB  1 
ATOM   241  C CG1 . VAL A 1 34  ? -17.383 -4.219  -0.980  1.00 14.30 ? 31  VAL X CG1 1 
ATOM   242  C CG2 . VAL A 1 34  ? -18.350 -5.820  0.765   1.00 14.65 ? 31  VAL X CG2 1 
ATOM   243  N N   . THR A 1 35  ? -15.320 -6.144  -2.875  1.00 8.34  ? 32  THR X N   1 
ATOM   244  C CA  . THR A 1 35  ? -14.105 -5.716  -3.580  1.00 9.50  ? 32  THR X CA  1 
ATOM   245  C C   . THR A 1 35  ? -13.872 -4.233  -3.424  1.00 10.46 ? 32  THR X C   1 
ATOM   246  O O   . THR A 1 35  ? -14.767 -3.432  -3.695  1.00 13.43 ? 32  THR X O   1 
ATOM   247  C CB  . THR A 1 35  ? -14.170 -6.073  -5.069  1.00 9.72  ? 32  THR X CB  1 
ATOM   248  O OG1 . THR A 1 35  ? -14.356 -7.475  -5.161  1.00 11.70 ? 32  THR X OG1 1 
ATOM   249  C CG2 . THR A 1 35  ? -12.853 -5.704  -5.732  1.00 12.49 ? 32  THR X CG2 1 
ATOM   250  N N   . SER A 1 36  ? -12.678 -3.858  -2.959  1.00 9.33  ? 33  SER X N   1 
ATOM   251  C CA  . SER A 1 36  ? -12.379 -2.457  -2.683  1.00 9.93  ? 33  SER X CA  1 
ATOM   252  C C   . SER A 1 36  ? -11.023 -2.122  -3.262  1.00 10.65 ? 33  SER X C   1 
ATOM   253  O O   . SER A 1 36  ? -10.119 -2.954  -3.245  1.00 11.08 ? 33  SER X O   1 
ATOM   254  C CB  . SER A 1 36  ? -12.376 -2.199  -1.169  1.00 11.31 ? 33  SER X CB  1 
ATOM   255  O OG  . SER A 1 36  ? -12.127 -0.830  -0.910  1.00 14.08 ? 33  SER X OG  1 
ATOM   256  N N   . GLU A 1 37  ? -10.911 -0.920  -3.815  1.00 10.66 ? 34  GLU X N   1 
ATOM   257  C CA  . GLU A 1 37  ? -9.625  -0.376  -4.284  1.00 9.45  ? 34  GLU X CA  1 
ATOM   258  C C   . GLU A 1 37  ? -9.309  0.941   -3.577  1.00 10.66 ? 34  GLU X C   1 
ATOM   259  O O   . GLU A 1 37  ? -10.206 1.752   -3.278  1.00 12.05 ? 34  GLU X O   1 
ATOM   260  C CB  . GLU A 1 37  ? -9.656  -0.144  -5.798  1.00 10.98 ? 34  GLU X CB  1 
ATOM   261  C CG  . GLU A 1 37  ? -9.858  -1.408  -6.651  1.00 16.24 ? 34  GLU X CG  1 
ATOM   262  C CD  . GLU A 1 37  ? -9.769  -1.163  -8.161  1.00 20.79 ? 34  GLU X CD  1 
ATOM   263  O OE1 . GLU A 1 37  ? -9.507  -0.026  -8.594  1.00 26.87 ? 34  GLU X OE1 1 
ATOM   264  O OE2 . GLU A 1 37  ? -9.932  -2.135  -8.917  1.00 31.35 ? 34  GLU X OE2 1 
ATOM   265  N N   . LEU A 1 38  ? -8.013  1.185   -3.378  1.00 9.79  ? 35  LEU X N   1 
ATOM   266  C CA  . LEU A 1 38  ? -7.549  2.448   -2.825  1.00 9.68  ? 35  LEU X CA  1 
ATOM   267  C C   . LEU A 1 38  ? -6.297  2.878   -3.592  1.00 9.77  ? 35  LEU X C   1 
ATOM   268  O O   . LEU A 1 38  ? -5.327  2.143   -3.680  1.00 10.42 ? 35  LEU X O   1 
ATOM   269  C CB  . LEU A 1 38  ? -7.248  2.295   -1.330  1.00 9.42  ? 35  LEU X CB  1 
ATOM   270  C CG  . LEU A 1 38  ? -6.714  3.523   -0.598  1.00 11.35 ? 35  LEU X CG  1 
ATOM   271  C CD1 . LEU A 1 38  ? -7.666  4.673   -0.764  1.00 15.34 ? 35  LEU X CD1 1 
ATOM   272  C CD2 . LEU A 1 38  ? -6.542  3.137   0.875   1.00 14.49 ? 35  LEU X CD2 1 
ATOM   273  N N   . ASP A 1 39  ? -6.351  4.055   -4.195  1.00 11.37 ? 36  ASP X N   1 
ATOM   274  C CA  . ASP A 1 39  ? -5.212  4.616   -4.920  1.00 10.73 ? 36  ASP X CA  1 
ATOM   275  C C   . ASP A 1 39  ? -4.178  5.145   -3.913  1.00 9.32  ? 36  ASP X C   1 
ATOM   276  O O   . ASP A 1 39  ? -4.371  6.182   -3.270  1.00 12.23 ? 36  ASP X O   1 
ATOM   277  C CB  . ASP A 1 39  ? -5.721  5.733   -5.846  1.00 11.22 ? 36  ASP X CB  1 
ATOM   278  C CG  . ASP A 1 39  ? -4.617  6.389   -6.657  1.00 12.74 ? 36  ASP X CG  1 
ATOM   279  O OD1 . ASP A 1 39  ? -3.435  6.071   -6.432  1.00 12.67 ? 36  ASP X OD1 1 
ATOM   280  O OD2 . ASP A 1 39  ? -4.959  7.122   -7.605  1.00 14.27 ? 36  ASP X OD2 1 
ATOM   281  N N   . LEU A 1 40  ? -3.077  4.411   -3.775  1.00 10.56 ? 37  LEU X N   1 
ATOM   282  C CA  . LEU A 1 40  ? -2.065  4.745   -2.783  1.00 9.55  ? 37  LEU X CA  1 
ATOM   283  C C   . LEU A 1 40  ? -1.368  6.073   -3.070  1.00 10.73 ? 37  LEU X C   1 
ATOM   284  O O   . LEU A 1 40  ? -0.784  6.665   -2.182  1.00 10.49 ? 37  LEU X O   1 
ATOM   285  C CB  . LEU A 1 40  ? -1.032  3.632   -2.713  1.00 10.03 ? 37  LEU X CB  1 
ATOM   286  C CG  . LEU A 1 40  ? -1.547  2.248   -2.337  1.00 11.47 ? 37  LEU X CG  1 
ATOM   287  C CD1 . LEU A 1 40  ? -0.386  1.277   -2.272  1.00 15.17 ? 37  LEU X CD1 1 
ATOM   288  C CD2 . LEU A 1 40  ? -2.268  2.252   -0.989  1.00 13.94 ? 37  LEU X CD2 1 
ATOM   289  N N   . ASP A 1 41  ? -1.410  6.519   -4.322  1.00 10.14 ? 38  ASP X N   1 
ATOM   290  C CA  . ASP A 1 41  ? -0.756  7.770   -4.685  1.00 10.14 ? 38  ASP X CA  1 
ATOM   291  C C   . ASP A 1 41  ? -1.545  8.950   -4.088  1.00 11.75 ? 38  ASP X C   1 
ATOM   292  O O   . ASP A 1 41  ? -1.043  10.075  -4.017  1.00 12.35 ? 38  ASP X O   1 
ATOM   293  C CB  . ASP A 1 41  ? -0.714  7.897   -6.212  1.00 10.40 ? 38  ASP X CB  1 
ATOM   294  C CG  . ASP A 1 41  ? 0.665   7.641   -6.789  1.00 14.83 ? 38  ASP X CG  1 
ATOM   295  O OD1 . ASP A 1 41  ? 1.645   7.615   -6.018  1.00 13.84 ? 38  ASP X OD1 1 
ATOM   296  O OD2 . ASP A 1 41  ? 0.766   7.566   -8.039  1.00 15.34 ? 38  ASP X OD2 1 
ATOM   297  N N   . THR A 1 42  ? -2.763  8.694   -3.607  1.00 12.37 ? 39  THR X N   1 
ATOM   298  C CA  . THR A 1 42  ? -3.497  9.764   -2.942  1.00 12.90 ? 39  THR X CA  1 
ATOM   299  C C   . THR A 1 42  ? -3.060  9.973   -1.466  1.00 13.28 ? 39  THR X C   1 
ATOM   300  O O   . THR A 1 42  ? -3.376  11.007  -0.861  1.00 13.30 ? 39  THR X O   1 
ATOM   301  C CB  . THR A 1 42  ? -5.025  9.549   -3.030  1.00 11.10 ? 39  THR X CB  1 
ATOM   302  O OG1 . THR A 1 42  ? -5.383  8.383   -2.285  1.00 15.54 ? 39  THR X OG1 1 
ATOM   303  C CG2 . THR A 1 42  ? -5.463  9.398   -4.504  1.00 14.12 ? 39  THR X CG2 1 
ATOM   304  N N   . ILE A 1 43  ? -2.295  9.018   -0.924  1.00 11.63 ? 40  ILE X N   1 
ATOM   305  C CA  . ILE A 1 43  ? -2.040  8.950   0.522   1.00 12.48 ? 40  ILE X CA  1 
ATOM   306  C C   . ILE A 1 43  ? -0.615  8.597   0.905   1.00 12.33 ? 40  ILE X C   1 
ATOM   307  O O   . ILE A 1 43  ? -0.277  8.636   2.083   1.00 12.82 ? 40  ILE X O   1 
ATOM   308  C CB  . ILE A 1 43  ? -2.995  7.961   1.258   1.00 13.20 ? 40  ILE X CB  1 
ATOM   309  C CG1 . ILE A 1 43  ? -2.856  6.542   0.666   1.00 14.86 ? 40  ILE X CG1 1 
ATOM   310  C CG2 . ILE A 1 43  ? -4.435  8.492   1.222   1.00 14.92 ? 40  ILE X CG2 1 
ATOM   311  C CD1 . ILE A 1 43  ? -3.597  5.445   1.404   1.00 18.23 ? 40  ILE X CD1 1 
ATOM   312  N N   . ILE A 1 44  ? 0.228   8.283   -0.075  1.00 10.75 ? 41  ILE X N   1 
ATOM   313  C CA  . ILE A 1 44  ? 1.628   8.001   0.210   1.00 10.99 ? 41  ILE X CA  1 
ATOM   314  C C   . ILE A 1 44  ? 2.480   8.861   -0.688  1.00 10.63 ? 41  ILE X C   1 
ATOM   315  O O   . ILE A 1 44  ? 2.303   8.879   -1.924  1.00 10.68 ? 41  ILE X O   1 
ATOM   316  C CB  . ILE A 1 44  ? 1.982   6.493   -0.021  1.00 11.94 ? 41  ILE X CB  1 
ATOM   317  C CG1 . ILE A 1 44  ? 1.233   5.612   0.991   1.00 12.69 ? 41  ILE X CG1 1 
ATOM   318  C CG2 . ILE A 1 44  ? 3.508   6.250   0.129   1.00 15.06 ? 41  ILE X CG2 1 
ATOM   319  C CD1 . ILE A 1 44  ? 1.460   4.099   0.790   1.00 11.82 ? 41  ILE X CD1 1 
ATOM   320  N N   . GLY A 1 45  ? 3.436   9.554   -0.074  1.00 11.80 ? 42  GLY X N   1 
ATOM   321  C CA  . GLY A 1 45  ? 4.402   10.327  -0.838  1.00 11.54 ? 42  GLY X CA  1 
ATOM   322  C C   . GLY A 1 45  ? 5.824   9.783   -0.778  1.00 12.09 ? 42  GLY X C   1 
ATOM   323  O O   . GLY A 1 45  ? 6.140   8.888   0.009   1.00 12.15 ? 42  GLY X O   1 
ATOM   324  N N   . ASN A 1 46  ? 6.695   10.407  -1.556  1.00 12.40 ? 43  ASN X N   1 
ATOM   325  C CA  . ASN A 1 46  ? 8.140   10.179  -1.439  1.00 13.21 ? 43  ASN X CA  1 
ATOM   326  C C   . ASN A 1 46  ? 8.774   11.439  -0.881  1.00 13.52 ? 43  ASN X C   1 
ATOM   327  O O   . ASN A 1 46  ? 8.867   12.443  -1.583  1.00 16.35 ? 43  ASN X O   1 
ATOM   328  C CB  . ASN A 1 46  ? 8.738   9.856   -2.816  1.00 12.44 ? 43  ASN X CB  1 
ATOM   329  C CG  . ASN A 1 46  ? 10.267  9.843   -2.801  1.00 13.81 ? 43  ASN X CG  1 
ATOM   330  O OD1 . ASN A 1 46  ? 10.874  9.876   -1.739  1.00 15.35 ? 43  ASN X OD1 1 
ATOM   331  N ND2 . ASN A 1 46  ? 10.878  9.712   -3.979  1.00 16.95 ? 43  ASN X ND2 1 
ATOM   332  N N   . ASN A 1 47  ? 9.203   11.380  0.378   1.00 14.40 ? 44  ASN X N   1 
ATOM   333  C CA  . ASN A 1 47  ? 9.826   12.536  1.016   1.00 15.63 ? 44  ASN X CA  1 
ATOM   334  C C   . ASN A 1 47  ? 11.319  12.276  1.125   1.00 15.08 ? 44  ASN X C   1 
ATOM   335  O O   . ASN A 1 47  ? 11.748  11.467  1.953   1.00 14.21 ? 44  ASN X O   1 
ATOM   336  C CB  . ASN A 1 47  ? 9.227   12.768  2.402   1.00 16.17 ? 44  ASN X CB  1 
ATOM   337  C CG  . ASN A 1 47  ? 9.801   14.004  3.093   1.00 20.93 ? 44  ASN X CG  1 
ATOM   338  O OD1 . ASN A 1 47  ? 10.882  14.481  2.740   1.00 24.90 ? 44  ASN X OD1 1 
ATOM   339  N ND2 . ASN A 1 47  ? 9.146   14.441  4.160   1.00 24.43 ? 44  ASN X ND2 1 
ATOM   340  N N   . ASP A 1 48  ? 12.083  12.898  0.221   1.00 18.00 ? 45  ASP X N   1 
ATOM   341  C CA  . ASP A 1 48  ? 13.548  12.769  0.194   1.00 18.54 ? 45  ASP X CA  1 
ATOM   342  C C   . ASP A 1 48  ? 13.989  11.306  0.246   1.00 17.52 ? 45  ASP X C   1 
ATOM   343  O O   . ASP A 1 48  ? 14.897  10.927  0.998   1.00 17.96 ? 45  ASP X O   1 
ATOM   344  C CB  . ASP A 1 48  ? 14.200  13.590  1.324   1.00 19.25 ? 45  ASP X CB  1 
ATOM   345  C CG  . ASP A 1 48  ? 15.721  13.689  1.178   1.00 24.58 ? 45  ASP X CG  1 
ATOM   346  O OD1 . ASP A 1 48  ? 16.232  13.595  0.032   1.00 23.60 ? 45  ASP X OD1 1 
ATOM   347  O OD2 . ASP A 1 48  ? 16.404  13.830  2.219   1.00 26.64 ? 45  ASP X OD2 1 
ATOM   348  N N   . GLY A 1 49  ? 13.344  10.475  -0.572  1.00 15.70 ? 46  GLY X N   1 
ATOM   349  C CA  . GLY A 1 49  ? 13.730  9.069   -0.686  1.00 15.38 ? 46  GLY X CA  1 
ATOM   350  C C   . GLY A 1 49  ? 13.106  8.124   0.337   1.00 15.01 ? 46  GLY X C   1 
ATOM   351  O O   . GLY A 1 49  ? 13.495  6.973   0.426   1.00 15.25 ? 46  GLY X O   1 
ATOM   352  N N   . HIS A 1 50  ? 12.165  8.615   1.139   1.00 14.61 ? 47  HIS X N   1 
ATOM   353  C CA  . HIS A 1 50  ? 11.455  7.749   2.091   1.00 14.32 ? 47  HIS X CA  1 
ATOM   354  C C   . HIS A 1 50  ? 9.949   7.787   1.876   1.00 12.39 ? 47  HIS X C   1 
ATOM   355  O O   . HIS A 1 50  ? 9.388   8.834   1.579   1.00 13.47 ? 47  HIS X O   1 
ATOM   356  C CB  . HIS A 1 50  ? 11.756  8.174   3.535   1.00 15.00 ? 47  HIS X CB  1 
ATOM   357  C CG  . HIS A 1 50  ? 13.126  7.801   3.995   1.00 19.83 ? 47  HIS X CG  1 
ATOM   358  N ND1 . HIS A 1 50  ? 13.418  6.561   4.520   1.00 25.25 ? 47  HIS X ND1 1 
ATOM   359  C CD2 . HIS A 1 50  ? 14.280  8.509   4.031   1.00 26.73 ? 47  HIS X CD2 1 
ATOM   360  C CE1 . HIS A 1 50  ? 14.705  6.506   4.817   1.00 26.98 ? 47  HIS X CE1 1 
ATOM   361  N NE2 . HIS A 1 50  ? 15.248  7.678   4.538   1.00 26.22 ? 47  HIS X NE2 1 
ATOM   362  N N   . PHE A 1 51  ? 9.288   6.658   2.102   1.00 11.77 ? 48  PHE X N   1 
ATOM   363  C CA  . PHE A 1 51  ? 7.821   6.649   2.062   1.00 13.24 ? 48  PHE X CA  1 
ATOM   364  C C   . PHE A 1 51  ? 7.282   7.567   3.155   1.00 13.46 ? 48  PHE X C   1 
ATOM   365  O O   . PHE A 1 51  ? 7.785   7.554   4.283   1.00 15.85 ? 48  PHE X O   1 
ATOM   366  C CB  . PHE A 1 51  ? 7.266   5.240   2.260   1.00 12.57 ? 48  PHE X CB  1 
ATOM   367  C CG  . PHE A 1 51  ? 7.435   4.331   1.073   1.00 11.31 ? 48  PHE X CG  1 
ATOM   368  C CD1 . PHE A 1 51  ? 6.697   4.530   -0.085  1.00 12.88 ? 48  PHE X CD1 1 
ATOM   369  C CD2 . PHE A 1 51  ? 8.243   3.206   1.164   1.00 13.71 ? 48  PHE X CD2 1 
ATOM   370  C CE1 . PHE A 1 51  ? 6.800   3.662   -1.153  1.00 12.06 ? 48  PHE X CE1 1 
ATOM   371  C CE2 . PHE A 1 51  ? 8.370   2.329   0.086   1.00 12.36 ? 48  PHE X CE2 1 
ATOM   372  C CZ  . PHE A 1 51  ? 7.636   2.545   -1.073  1.00 10.43 ? 48  PHE X CZ  1 
ATOM   373  N N   . GLN A 1 52  ? 6.230   8.319   2.831   1.00 13.19 ? 49  GLN X N   1 
ATOM   374  C CA  . GLN A 1 52  ? 5.579   9.187   3.829   1.00 12.83 ? 49  GLN X CA  1 
ATOM   375  C C   . GLN A 1 52  ? 4.057   9.134   3.772   1.00 13.22 ? 49  GLN X C   1 
ATOM   376  O O   . GLN A 1 52  ? 3.441   9.534   2.792   1.00 13.03 ? 49  GLN X O   1 
ATOM   377  C CB  . GLN A 1 52  ? 6.053   10.631  3.701   1.00 16.59 ? 49  GLN X CB  1 
ATOM   378  C CG  . GLN A 1 52  ? 5.448   11.549  4.747   1.00 18.37 ? 49  GLN X CG  1 
ATOM   379  C CD  . GLN A 1 52  ? 5.807   13.002  4.529   1.00 27.25 ? 49  GLN X CD  1 
ATOM   380  O OE1 . GLN A 1 52  ? 5.894   13.479  3.391   1.00 28.78 ? 49  GLN X OE1 1 
ATOM   381  N NE2 . GLN A 1 52  ? 6.013   13.720  5.625   1.00 32.41 ? 49  GLN X NE2 1 
ATOM   382  N N   . TRP A 1 53  ? 3.452   8.598   4.825   1.00 12.86 ? 50  TRP X N   1 
ATOM   383  C CA  . TRP A 1 53  ? 1.998   8.614   4.928   1.00 13.58 ? 50  TRP X CA  1 
ATOM   384  C C   . TRP A 1 53  ? 1.466   10.041  4.970   1.00 14.29 ? 50  TRP X C   1 
ATOM   385  O O   . TRP A 1 53  ? 2.039   10.930  5.636   1.00 15.70 ? 50  TRP X O   1 
ATOM   386  C CB  . TRP A 1 53  ? 1.523   7.844   6.159   1.00 13.71 ? 50  TRP X CB  1 
ATOM   387  C CG  . TRP A 1 53  ? 1.754   6.359   6.109   1.00 12.50 ? 50  TRP X CG  1 
ATOM   388  C CD1 . TRP A 1 53  ? 2.669   5.657   6.825   1.00 15.03 ? 50  TRP X CD1 1 
ATOM   389  C CD2 . TRP A 1 53  ? 1.001   5.390   5.362   1.00 13.41 ? 50  TRP X CD2 1 
ATOM   390  N NE1 . TRP A 1 53  ? 2.585   4.324   6.525   1.00 15.82 ? 50  TRP X NE1 1 
ATOM   391  C CE2 . TRP A 1 53  ? 1.544   4.124   5.660   1.00 12.94 ? 50  TRP X CE2 1 
ATOM   392  C CE3 . TRP A 1 53  ? -0.071  5.474   4.467   1.00 15.83 ? 50  TRP X CE3 1 
ATOM   393  C CZ2 . TRP A 1 53  ? 1.050   2.934   5.093   1.00 14.35 ? 50  TRP X CZ2 1 
ATOM   394  C CZ3 . TRP A 1 53  ? -0.583  4.288   3.923   1.00 16.90 ? 50  TRP X CZ3 1 
ATOM   395  C CH2 . TRP A 1 53  ? -0.025  3.038   4.250   1.00 14.45 ? 50  TRP X CH2 1 
ATOM   396  N N   . GLY A 1 54  ? 0.386   10.256  4.227   1.00 14.71 ? 51  GLY X N   1 
ATOM   397  C CA  . GLY A 1 54  ? -0.251  11.562  4.105   1.00 15.58 ? 51  GLY X CA  1 
ATOM   398  C C   . GLY A 1 54  ? 0.339   12.413  2.990   1.00 16.69 ? 51  GLY X C   1 
ATOM   399  O O   . GLY A 1 54  ? -0.199  13.476  2.667   1.00 18.27 ? 51  GLY X O   1 
ATOM   400  N N   . GLY A 1 55  ? 1.431   11.933  2.386   1.00 14.63 ? 52  GLY X N   1 
ATOM   401  C CA  . GLY A 1 55  ? 1.974   12.522  1.163   1.00 15.86 ? 52  GLY X CA  1 
ATOM   402  C C   . GLY A 1 55  ? 1.183   12.056  -0.047  1.00 12.51 ? 52  GLY X C   1 
ATOM   403  O O   . GLY A 1 55  ? 0.120   11.439  0.082   1.00 13.91 ? 52  GLY X O   1 
ATOM   404  N N   . GLN A 1 56  ? 1.670   12.411  -1.230  1.00 13.89 ? 53  GLN X N   1 
ATOM   405  C CA  . GLN A 1 56  ? 1.008   12.010  -2.457  1.00 13.41 ? 53  GLN X CA  1 
ATOM   406  C C   . GLN A 1 56  ? 2.012   11.708  -3.550  1.00 12.93 ? 53  GLN X C   1 
ATOM   407  O O   . GLN A 1 56  ? 3.152   12.192  -3.523  1.00 14.13 ? 53  GLN X O   1 
ATOM   408  C CB  . GLN A 1 56  ? -0.011  13.061  -2.931  1.00 15.70 ? 53  GLN X CB  1 
ATOM   409  C CG  . GLN A 1 56  ? 0.564   14.438  -3.155  1.00 20.89 ? 53  GLN X CG  1 
ATOM   410  C CD  . GLN A 1 56  ? -0.503  15.490  -3.375  1.00 28.02 ? 53  GLN X CD  1 
ATOM   411  O OE1 . GLN A 1 56  ? -1.674  15.172  -3.620  1.00 35.46 ? 53  GLN X OE1 1 
ATOM   412  N NE2 . GLN A 1 56  ? -0.115  16.757  -3.231  1.00 30.61 ? 53  GLN X NE2 1 
ATOM   413  N N   . ASN A 1 57  ? 1.581   10.886  -4.490  1.00 12.36 ? 54  ASN X N   1 
ATOM   414  C CA  . ASN A 1 57  ? 2.279   10.724  -5.754  1.00 13.31 ? 54  ASN X CA  1 
ATOM   415  C C   . ASN A 1 57  ? 3.665   10.130  -5.592  1.00 13.57 ? 54  ASN X C   1 
ATOM   416  O O   . ASN A 1 57  ? 4.587   10.509  -6.322  1.00 15.17 ? 54  ASN X O   1 
ATOM   417  C CB  . ASN A 1 57  ? 2.355   12.067  -6.493  1.00 14.83 ? 54  ASN X CB  1 
ATOM   418  C CG  . ASN A 1 57  ? 0.983   12.630  -6.812  1.00 16.42 ? 54  ASN X CG  1 
ATOM   419  O OD1 . ASN A 1 57  ? 0.727   13.842  -6.672  1.00 21.68 ? 54  ASN X OD1 1 
ATOM   420  N ND2 . ASN A 1 57  ? 0.075   11.758  -7.216  1.00 15.99 ? 54  ASN X ND2 1 
ATOM   421  N N   . PHE A 1 58  ? 3.818   9.201   -4.648  1.00 12.59 ? 55  PHE X N   1 
ATOM   422  C CA  . PHE A 1 58  ? 5.100   8.489   -4.529  1.00 12.70 ? 55  PHE X CA  1 
ATOM   423  C C   . PHE A 1 58  ? 5.532   7.854   -5.841  1.00 13.15 ? 55  PHE X C   1 
ATOM   424  O O   . PHE A 1 58  ? 6.736   7.756   -6.113  1.00 13.31 ? 55  PHE X O   1 
ATOM   425  C CB  . PHE A 1 58  ? 5.110   7.449   -3.387  1.00 12.12 ? 55  PHE X CB  1 
ATOM   426  C CG  . PHE A 1 58  ? 4.488   6.139   -3.754  1.00 11.19 ? 55  PHE X CG  1 
ATOM   427  C CD1 . PHE A 1 58  ? 3.108   5.948   -3.665  1.00 12.44 ? 55  PHE X CD1 1 
ATOM   428  C CD2 . PHE A 1 58  ? 5.285   5.092   -4.228  1.00 10.95 ? 55  PHE X CD2 1 
ATOM   429  C CE1 . PHE A 1 58  ? 2.530   4.748   -4.091  1.00 12.55 ? 55  PHE X CE1 1 
ATOM   430  C CE2 . PHE A 1 58  ? 4.724   3.863   -4.570  1.00 14.31 ? 55  PHE X CE2 1 
ATOM   431  C CZ  . PHE A 1 58  ? 3.346   3.696   -4.517  1.00 14.01 ? 55  PHE X CZ  1 
ATOM   432  N N   . THR A 1 59  ? 4.582   7.437   -6.677  1.00 11.48 ? 56  THR X N   1 
ATOM   433  C CA  . THR A 1 59  ? 4.978   6.708   -7.885  1.00 13.80 ? 56  THR X CA  1 
ATOM   434  C C   . THR A 1 59  ? 5.755   7.569   -8.862  1.00 15.62 ? 56  THR X C   1 
ATOM   435  O O   . THR A 1 59  ? 6.516   7.039   -9.670  1.00 16.23 ? 56  THR X O   1 
ATOM   436  C CB  . THR A 1 59  ? 3.809   6.086   -8.645  1.00 13.59 ? 56  THR X CB  1 
ATOM   437  O OG1 . THR A 1 59  ? 2.939   7.119   -9.133  1.00 14.89 ? 56  THR X OG1 1 
ATOM   438  C CG2 . THR A 1 59  ? 3.048   5.115   -7.770  1.00 13.22 ? 56  THR X CG2 1 
ATOM   439  N N   . GLU A 1 60  ? 5.583   8.885   -8.778  1.00 16.59 ? 57  GLU X N   1 
ATOM   440  C CA  . GLU A 1 60  ? 6.157   9.780   -9.776  1.00 21.29 ? 57  GLU X CA  1 
ATOM   441  C C   . GLU A 1 60  ? 7.676   9.768   -9.723  1.00 22.69 ? 57  GLU X C   1 
ATOM   442  O O   . GLU A 1 60  ? 8.331   10.023  -10.724 1.00 25.63 ? 57  GLU X O   1 
ATOM   443  C CB  . GLU A 1 60  ? 5.608   11.194  -9.605  1.00 23.17 ? 57  GLU X CB  1 
ATOM   444  C CG  . GLU A 1 60  ? 4.124   11.259  -9.970  1.00 28.79 ? 57  GLU X CG  1 
ATOM   445  C CD  . GLU A 1 60  ? 3.603   12.675  -10.129 1.00 36.34 ? 57  GLU X CD  1 
ATOM   446  O OE1 . GLU A 1 60  ? 4.370   13.630  -9.889  1.00 39.38 ? 57  GLU X OE1 1 
ATOM   447  O OE2 . GLU A 1 60  ? 2.412   12.831  -10.471 1.00 38.89 ? 57  GLU X OE2 1 
ATOM   448  N N   . THR A 1 61  ? 8.218   9.384   -8.567  1.00 22.59 ? 58  THR X N   1 
ATOM   449  C CA  . THR A 1 61  ? 9.658   9.415   -8.317  1.00 22.45 ? 58  THR X CA  1 
ATOM   450  C C   . THR A 1 61  ? 10.128  8.060   -7.782  1.00 20.58 ? 58  THR X C   1 
ATOM   451  O O   . THR A 1 61  ? 11.058  8.004   -6.928  1.00 16.90 ? 58  THR X O   1 
ATOM   452  C CB  . THR A 1 61  ? 10.021  10.501  -7.283  1.00 23.70 ? 58  THR X CB  1 
ATOM   453  O OG1 . THR A 1 61  ? 9.129   10.396  -6.158  1.00 25.23 ? 58  THR X OG1 1 
ATOM   454  C CG2 . THR A 1 61  ? 9.902   11.908  -7.909  1.00 24.67 ? 58  THR X CG2 1 
ATOM   455  N N   . ALA A 1 62  ? 9.473   7.002   -8.293  1.00 17.36 ? 59  ALA X N   1 
ATOM   456  C CA  . ALA A 1 62  ? 9.751   5.606   -7.907  1.00 15.99 ? 59  ALA X CA  1 
ATOM   457  C C   . ALA A 1 62  ? 10.038  4.663   -9.057  1.00 15.36 ? 59  ALA X C   1 
ATOM   458  O O   . ALA A 1 62  ? 9.465   4.784   -10.149 1.00 16.00 ? 59  ALA X O   1 
ATOM   459  C CB  . ALA A 1 62  ? 8.611   5.042   -7.081  1.00 15.26 ? 59  ALA X CB  1 
ATOM   460  N N   . GLU A 1 63  ? 10.880  3.668   -8.775  1.00 13.56 ? 60  GLU X N   1 
ATOM   461  C CA  . GLU A 1 63  ? 11.064  2.523   -9.676  1.00 13.44 ? 60  GLU X CA  1 
ATOM   462  C C   . GLU A 1 63  ? 10.856  1.200   -8.939  1.00 12.72 ? 60  GLU X C   1 
ATOM   463  O O   . GLU A 1 63  ? 10.964  1.165   -7.713  1.00 12.77 ? 60  GLU X O   1 
ATOM   464  C CB  . GLU A 1 63  ? 12.467  2.589   -10.284 1.00 14.76 ? 60  GLU X CB  1 
ATOM   465  C CG  . GLU A 1 63  ? 12.648  3.876   -11.060 1.00 17.99 ? 60  GLU X CG  1 
ATOM   466  C CD  . GLU A 1 63  ? 13.899  3.912   -11.902 1.00 25.83 ? 60  GLU X CD  1 
ATOM   467  O OE1 . GLU A 1 63  ? 14.807  3.082   -11.691 1.00 27.89 ? 60  GLU X OE1 1 
ATOM   468  O OE2 . GLU A 1 63  ? 13.993  4.815   -12.755 1.00 26.01 ? 60  GLU X OE2 1 
ATOM   469  N N   . ASP A 1 64  ? 10.630  0.127   -9.703  1.00 12.90 ? 61  ASP X N   1 
ATOM   470  C CA  . ASP A 1 64  ? 10.611  -1.230  -9.161  1.00 12.05 ? 61  ASP X CA  1 
ATOM   471  C C   . ASP A 1 64  ? 9.620   -1.337  -8.003  1.00 11.68 ? 61  ASP X C   1 
ATOM   472  O O   . ASP A 1 64  ? 9.979   -1.745  -6.896  1.00 10.94 ? 61  ASP X O   1 
ATOM   473  C CB  . ASP A 1 64  ? 12.026  -1.659  -8.735  1.00 12.48 ? 61  ASP X CB  1 
ATOM   474  C CG  . ASP A 1 64  ? 13.013  -1.561  -9.890  1.00 15.26 ? 61  ASP X CG  1 
ATOM   475  O OD1 . ASP A 1 64  ? 12.818  -2.300  -10.865 1.00 17.16 ? 61  ASP X OD1 1 
ATOM   476  O OD2 . ASP A 1 64  ? 13.856  -0.632  -9.884  1.00 20.50 ? 61  ASP X OD2 1 
ATOM   477  N N   . ILE A 1 65  ? 8.396   -0.883  -8.260  1.00 11.30 ? 62  ILE X N   1 
ATOM   478  C CA  . ILE A 1 65  ? 7.346   -0.906  -7.255  1.00 10.94 ? 62  ILE X CA  1 
ATOM   479  C C   . ILE A 1 65  ? 6.727   -2.295  -7.220  1.00 11.13 ? 62  ILE X C   1 
ATOM   480  O O   . ILE A 1 65  ? 6.319   -2.844  -8.255  1.00 12.94 ? 62  ILE X O   1 
ATOM   481  C CB  . ILE A 1 65  ? 6.229   0.123   -7.553  1.00 10.76 ? 62  ILE X CB  1 
ATOM   482  C CG1 . ILE A 1 65  ? 6.817   1.524   -7.759  1.00 11.70 ? 62  ILE X CG1 1 
ATOM   483  C CG2 . ILE A 1 65  ? 5.225   0.112   -6.398  1.00 9.72  ? 62  ILE X CG2 1 
ATOM   484  C CD1 . ILE A 1 65  ? 5.801   2.565   -8.282  1.00 12.36 ? 62  ILE X CD1 1 
ATOM   485  N N   . ARG A 1 66  ? 6.684   -2.897  -6.034  1.00 9.08  ? 63  ARG X N   1 
ATOM   486  C CA  . ARG A 1 66  ? 6.067   -4.209  -5.884  1.00 10.07 ? 63  ARG X CA  1 
ATOM   487  C C   . ARG A 1 66  ? 5.519   -4.429  -4.493  1.00 10.12 ? 63  ARG X C   1 
ATOM   488  O O   . ARG A 1 66  ? 5.820   -3.676  -3.566  1.00 11.45 ? 63  ARG X O   1 
ATOM   489  C CB  . ARG A 1 66  ? 7.032   -5.342  -6.289  1.00 9.49  ? 63  ARG X CB  1 
ATOM   490  C CG  . ARG A 1 66  ? 8.144   -5.637  -5.283  1.00 9.92  ? 63  ARG X CG  1 
ATOM   491  C CD  . ARG A 1 66  ? 9.317   -4.680  -5.482  1.00 10.53 ? 63  ARG X CD  1 
ATOM   492  N NE  . ARG A 1 66  ? 10.444  -5.074  -4.635  1.00 10.79 ? 63  ARG X NE  1 
ATOM   493  C CZ  . ARG A 1 66  ? 11.498  -4.313  -4.385  1.00 8.51  ? 63  ARG X CZ  1 
ATOM   494  N NH1 . ARG A 1 66  ? 11.563  -3.077  -4.863  1.00 9.99  ? 63  ARG X NH1 1 
ATOM   495  N NH2 . ARG A 1 66  ? 12.468  -4.756  -3.588  1.00 14.00 ? 63  ARG X NH2 1 
ATOM   496  N N   . PHE A 1 67  ? 4.675   -5.438  -4.361  1.00 9.38  ? 64  PHE X N   1 
ATOM   497  C CA  . PHE A 1 67  ? 3.918   -5.606  -3.127  1.00 10.14 ? 64  PHE X CA  1 
ATOM   498  C C   . PHE A 1 67  ? 3.883   -7.092  -2.776  1.00 9.98  ? 64  PHE X C   1 
ATOM   499  O O   . PHE A 1 67  ? 3.700   -7.942  -3.662  1.00 12.03 ? 64  PHE X O   1 
ATOM   500  C CB  . PHE A 1 67  ? 2.514   -5.021  -3.339  1.00 10.32 ? 64  PHE X CB  1 
ATOM   501  C CG  . PHE A 1 67  ? 1.531   -5.329  -2.240  1.00 9.46  ? 64  PHE X CG  1 
ATOM   502  C CD1 . PHE A 1 67  ? 1.651   -4.748  -0.999  1.00 10.64 ? 64  PHE X CD1 1 
ATOM   503  C CD2 . PHE A 1 67  ? 0.458   -6.183  -2.484  1.00 12.03 ? 64  PHE X CD2 1 
ATOM   504  C CE1 . PHE A 1 67  ? 0.675   -4.986  -0.004  1.00 11.61 ? 64  PHE X CE1 1 
ATOM   505  C CE2 . PHE A 1 67  ? -0.491  -6.415  -1.519  1.00 14.33 ? 64  PHE X CE2 1 
ATOM   506  C CZ  . PHE A 1 67  ? -0.358  -5.848  -0.264  1.00 14.53 ? 64  PHE X CZ  1 
ATOM   507  N N   . HIS A 1 68  ? 4.030   -7.399  -1.490  1.00 11.36 ? 65  HIS X N   1 
ATOM   508  C CA  . HIS A 1 68  ? 3.733   -8.738  -0.969  1.00 12.36 ? 65  HIS X CA  1 
ATOM   509  C C   . HIS A 1 68  ? 2.684   -8.629  0.145   1.00 10.43 ? 65  HIS X C   1 
ATOM   510  O O   . HIS A 1 68  ? 2.913   -7.964  1.134   1.00 12.27 ? 65  HIS X O   1 
ATOM   511  C CB  . HIS A 1 68  ? 5.011   -9.355  -0.401  1.00 13.65 ? 65  HIS X CB  1 
ATOM   512  C CG  . HIS A 1 68  ? 4.936   -10.838 -0.189  1.00 15.18 ? 65  HIS X CG  1 
ATOM   513  N ND1 . HIS A 1 68  ? 3.933   -11.441 0.542   1.00 16.50 ? 65  HIS X ND1 1 
ATOM   514  C CD2 . HIS A 1 68  ? 5.794   -11.829 -0.534  1.00 18.69 ? 65  HIS X CD2 1 
ATOM   515  C CE1 . HIS A 1 68  ? 4.159   -12.743 0.610   1.00 16.68 ? 65  HIS X CE1 1 
ATOM   516  N NE2 . HIS A 1 68  ? 5.277   -13.006 -0.043  1.00 19.02 ? 65  HIS X NE2 1 
ATOM   517  N N   . PRO A 1 69  ? 1.549   -9.315  -0.017  1.00 13.51 ? 66  PRO X N   1 
ATOM   518  C CA  . PRO A 1 69  ? 0.448   -9.145  0.914   1.00 13.10 ? 66  PRO X CA  1 
ATOM   519  C C   . PRO A 1 69  ? 0.689   -9.742  2.288   1.00 14.02 ? 66  PRO X C   1 
ATOM   520  O O   . PRO A 1 69  ? 0.016   -9.347  3.232   1.00 16.01 ? 66  PRO X O   1 
ATOM   521  C CB  . PRO A 1 69  ? -0.717  -9.845  0.210   1.00 14.62 ? 66  PRO X CB  1 
ATOM   522  C CG  . PRO A 1 69  ? -0.035  -10.902 -0.662  1.00 14.76 ? 66  PRO X CG  1 
ATOM   523  C CD  . PRO A 1 69  ? 1.196   -10.187 -1.148  1.00 11.99 ? 66  PRO X CD  1 
ATOM   524  N N   . LYS A 1 70  ? 1.627   -10.694 2.400   1.00 14.33 ? 67  LYS X N   1 
ATOM   525  C CA  . LYS A 1 70  ? 1.827   -11.475 3.631   1.00 14.84 ? 67  LYS X CA  1 
ATOM   526  C C   . LYS A 1 70  ? 3.313   -11.774 3.798   1.00 15.39 ? 67  LYS X C   1 
ATOM   527  O O   . LYS A 1 70  ? 3.745   -12.940 3.896   1.00 17.24 ? 67  LYS X O   1 
ATOM   528  C CB  . LYS A 1 70  ? 1.043   -12.798 3.582   1.00 16.77 ? 67  LYS X CB  1 
ATOM   529  C CG  . LYS A 1 70  ? -0.447  -12.643 3.788   1.00 17.40 ? 67  LYS X CG  1 
ATOM   530  C CD  . LYS A 1 70  ? -1.161  -13.975 3.739   1.00 20.96 ? 67  LYS X CD  1 
ATOM   531  C CE  . LYS A 1 70  ? -2.661  -13.785 3.797   1.00 24.60 ? 67  LYS X CE  1 
ATOM   532  N NZ  . LYS A 1 70  ? -3.328  -15.124 3.729   1.00 24.97 ? 67  LYS X NZ  1 
ATOM   533  N N   . GLU A 1 71  ? 4.106   -10.712 3.815   1.00 14.54 ? 68  GLU X N   1 
ATOM   534  C CA  . GLU A 1 71  ? 5.546   -10.869 3.734   1.00 14.77 ? 68  GLU X CA  1 
ATOM   535  C C   . GLU A 1 71  ? 6.157   -11.253 5.092   1.00 16.93 ? 68  GLU X C   1 
ATOM   536  O O   . GLU A 1 71  ? 5.846   -10.652 6.122   1.00 17.76 ? 68  GLU X O   1 
ATOM   537  C CB  . GLU A 1 71  ? 6.186   -9.579  3.233   1.00 14.74 ? 68  GLU X CB  1 
ATOM   538  C CG  . GLU A 1 71  ? 7.617   -9.767  2.723   1.00 15.93 ? 68  GLU X CG  1 
ATOM   539  C CD  . GLU A 1 71  ? 8.309   -8.450  2.442   1.00 17.87 ? 68  GLU X CD  1 
ATOM   540  O OE1 . GLU A 1 71  ? 8.776   -7.818  3.397   1.00 18.41 ? 68  GLU X OE1 1 
ATOM   541  O OE2 . GLU A 1 71  ? 8.399   -8.058  1.257   1.00 16.79 ? 68  GLU X OE2 1 
ATOM   542  N N   . GLY A 1 72  ? 7.107   -12.187 5.062   1.00 18.66 ? 69  GLY X N   1 
ATOM   543  C CA  . GLY A 1 72  ? 7.981   -12.419 6.210   1.00 20.81 ? 69  GLY X CA  1 
ATOM   544  C C   . GLY A 1 72  ? 7.301   -13.194 7.324   1.00 21.54 ? 69  GLY X C   1 
ATOM   545  O O   . GLY A 1 72  ? 6.144   -13.602 7.192   1.00 22.22 ? 69  GLY X O   1 
ATOM   546  N N   . ALA A 1 73  ? 7.995   -13.318 8.453   1.00 23.95 ? 70  ALA X N   1 
ATOM   547  C CA  . ALA A 1 73  ? 7.500   -14.136 9.560   1.00 23.64 ? 70  ALA X CA  1 
ATOM   548  C C   . ALA A 1 73  ? 6.267   -13.480 10.173  1.00 23.05 ? 70  ALA X C   1 
ATOM   549  O O   . ALA A 1 73  ? 5.380   -14.151 10.706  1.00 22.82 ? 70  ALA X O   1 
ATOM   550  C CB  . ALA A 1 73  ? 8.585   -14.285 10.622  1.00 25.26 ? 70  ALA X CB  1 
ATOM   551  N N   . ALA A 1 74  ? 6.244   -12.152 10.142  1.00 20.49 ? 71  ALA X N   1 
ATOM   552  C CA  . ALA A 1 74  ? 5.104   -11.394 10.632  1.00 20.37 ? 71  ALA X CA  1 
ATOM   553  C C   . ALA A 1 74  ? 3.890   -11.385 9.689   1.00 21.02 ? 71  ALA X C   1 
ATOM   554  O O   . ALA A 1 74  ? 2.823   -10.900 10.065  1.00 22.15 ? 71  ALA X O   1 
ATOM   555  C CB  . ALA A 1 74  ? 5.531   -9.979  10.952  1.00 20.58 ? 71  ALA X CB  1 
ATOM   556  N N   . GLU A 1 75  ? 4.070   -11.909 8.471   1.00 20.08 ? 72  GLU X N   1 
ATOM   557  C CA  . GLU A 1 75  ? 3.032   -11.894 7.430   1.00 20.22 ? 72  GLU X CA  1 
ATOM   558  C C   . GLU A 1 75  ? 2.344   -10.537 7.272   1.00 18.05 ? 72  GLU X C   1 
ATOM   559  O O   . GLU A 1 75  ? 1.131   -10.404 7.462   1.00 18.61 ? 72  GLU X O   1 
ATOM   560  C CB  . GLU A 1 75  ? 2.018   -13.015 7.632   1.00 21.73 ? 72  GLU X CB  1 
ATOM   561  C CG  . GLU A 1 75  ? 2.635   -14.390 7.439   1.00 26.17 ? 72  GLU X CG  1 
ATOM   562  C CD  . GLU A 1 75  ? 1.740   -15.506 7.916   1.00 32.39 ? 72  GLU X CD  1 
ATOM   563  O OE1 . GLU A 1 75  ? 1.009   -15.303 8.909   1.00 35.95 ? 72  GLU X OE1 1 
ATOM   564  O OE2 . GLU A 1 75  ? 1.765   -16.584 7.293   1.00 36.77 ? 72  GLU X OE2 1 
ATOM   565  N N   . GLN A 1 76  ? 3.123   -9.543  6.855   1.00 16.98 ? 73  GLN X N   1 
ATOM   566  C CA  . GLN A 1 76  ? 2.637   -8.164  6.797   1.00 15.45 ? 73  GLN X CA  1 
ATOM   567  C C   . GLN A 1 76  ? 2.488   -7.724  5.343   1.00 14.75 ? 73  GLN X C   1 
ATOM   568  O O   . GLN A 1 76  ? 3.199   -8.219  4.469   1.00 13.32 ? 73  GLN X O   1 
ATOM   569  C CB  . GLN A 1 76  ? 3.622   -7.241  7.526   1.00 16.72 ? 73  GLN X CB  1 
ATOM   570  C CG  . GLN A 1 76  ? 3.644   -7.451  9.048   1.00 18.71 ? 73  GLN X CG  1 
ATOM   571  C CD  . GLN A 1 76  ? 2.319   -7.090  9.703   1.00 27.06 ? 73  GLN X CD  1 
ATOM   572  O OE1 . GLN A 1 76  ? 1.838   -5.956  9.592   1.00 28.98 ? 73  GLN X OE1 1 
ATOM   573  N NE2 . GLN A 1 76  ? 1.740   -8.046  10.430  1.00 30.25 ? 73  GLN X NE2 1 
ATOM   574  N N   . PRO A 1 77  ? 1.596   -6.757  5.091   1.00 12.86 ? 74  PRO X N   1 
ATOM   575  C CA  . PRO A 1 77  ? 1.432   -6.249  3.734   1.00 12.17 ? 74  PRO X CA  1 
ATOM   576  C C   . PRO A 1 77  ? 2.491   -5.208  3.426   1.00 12.66 ? 74  PRO X C   1 
ATOM   577  O O   . PRO A 1 77  ? 2.370   -4.055  3.849   1.00 12.45 ? 74  PRO X O   1 
ATOM   578  C CB  . PRO A 1 77  ? 0.055   -5.595  3.776   1.00 14.10 ? 74  PRO X CB  1 
ATOM   579  C CG  . PRO A 1 77  ? -0.116  -5.162  5.195   1.00 14.79 ? 74  PRO X CG  1 
ATOM   580  C CD  . PRO A 1 77  ? 0.553   -6.253  6.001   1.00 14.14 ? 74  PRO X CD  1 
ATOM   581  N N   . ILE A 1 78  ? 3.553   -5.635  2.735   1.00 11.24 ? 75  ILE X N   1 
ATOM   582  C CA  . ILE A 1 78  ? 4.725   -4.768  2.550   1.00 10.77 ? 75  ILE X CA  1 
ATOM   583  C C   . ILE A 1 78  ? 4.838   -4.305  1.083   1.00 9.94  ? 75  ILE X C   1 
ATOM   584  O O   . ILE A 1 78  ? 4.867   -5.116  0.154   1.00 11.45 ? 75  ILE X O   1 
ATOM   585  C CB  . ILE A 1 78  ? 6.027   -5.466  2.952   1.00 10.73 ? 75  ILE X CB  1 
ATOM   586  C CG1 . ILE A 1 78  ? 5.952   -5.977  4.407   1.00 13.42 ? 75  ILE X CG1 1 
ATOM   587  C CG2 . ILE A 1 78  ? 7.199   -4.496  2.787   1.00 12.45 ? 75  ILE X CG2 1 
ATOM   588  C CD1 . ILE A 1 78  ? 5.630   -4.895  5.425   1.00 13.08 ? 75  ILE X CD1 1 
ATOM   589  N N   . LEU A 1 79  ? 4.842   -2.984  0.922   1.00 9.63  ? 76  LEU X N   1 
ATOM   590  C CA  . LEU A 1 79  ? 5.048   -2.320  -0.363  1.00 8.92  ? 76  LEU X CA  1 
ATOM   591  C C   . LEU A 1 79  ? 6.532   -1.909  -0.432  1.00 8.80  ? 76  LEU X C   1 
ATOM   592  O O   . LEU A 1 79  ? 7.074   -1.351  0.523   1.00 10.69 ? 76  LEU X O   1 
ATOM   593  C CB  . LEU A 1 79  ? 4.160   -1.067  -0.416  1.00 9.46  ? 76  LEU X CB  1 
ATOM   594  C CG  . LEU A 1 79  ? 4.394   -0.122  -1.597  1.00 10.90 ? 76  LEU X CG  1 
ATOM   595  C CD1 . LEU A 1 79  ? 3.892   -0.826  -2.828  1.00 13.15 ? 76  LEU X CD1 1 
ATOM   596  C CD2 . LEU A 1 79  ? 3.650   1.240   -1.422  1.00 11.07 ? 76  LEU X CD2 1 
ATOM   597  N N   . ARG A 1 80  ? 7.193   -2.272  -1.525  1.00 8.65  ? 77  ARG X N   1 
ATOM   598  C CA  . ARG A 1 80  ? 8.605   -1.926  -1.704  1.00 9.06  ? 77  ARG X CA  1 
ATOM   599  C C   . ARG A 1 80  ? 8.780   -1.139  -2.994  1.00 10.07 ? 77  ARG X C   1 
ATOM   600  O O   . ARG A 1 80  ? 8.066   -1.365  -3.979  1.00 10.74 ? 77  ARG X O   1 
ATOM   601  C CB  . ARG A 1 80  ? 9.443   -3.188  -1.773  1.00 8.63  ? 77  ARG X CB  1 
ATOM   602  C CG  . ARG A 1 80  ? 9.507   -3.927  -0.442  1.00 10.43 ? 77  ARG X CG  1 
ATOM   603  C CD  . ARG A 1 80  ? 10.317  -5.210  -0.544  1.00 13.06 ? 77  ARG X CD  1 
ATOM   604  N NE  . ARG A 1 80  ? 10.330  -5.887  0.762   1.00 12.39 ? 77  ARG X NE  1 
ATOM   605  C CZ  . ARG A 1 80  ? 11.167  -5.617  1.761   1.00 13.89 ? 77  ARG X CZ  1 
ATOM   606  N NH1 . ARG A 1 80  ? 12.079  -4.640  1.656   1.00 16.33 ? 77  ARG X NH1 1 
ATOM   607  N NH2 . ARG A 1 80  ? 11.021  -6.258  2.913   1.00 17.00 ? 77  ARG X NH2 1 
ATOM   608  N N   . ALA A 1 81  ? 9.735   -0.216  -2.986  1.00 10.34 ? 78  ALA X N   1 
ATOM   609  C CA  . ALA A 1 81  ? 10.070  0.492   -4.225  1.00 10.56 ? 78  ALA X CA  1 
ATOM   610  C C   . ALA A 1 81  ? 11.442  1.110   -4.057  1.00 10.81 ? 78  ALA X C   1 
ATOM   611  O O   . ALA A 1 81  ? 11.872  1.371   -2.947  1.00 14.42 ? 78  ALA X O   1 
ATOM   612  C CB  . ALA A 1 81  ? 9.026   1.607   -4.501  1.00 12.47 ? 78  ALA X CB  1 
ATOM   613  N N   . ARG A 1 82  ? 12.075  1.427   -5.174  1.00 10.34 ? 79  ARG X N   1 
ATOM   614  C CA  . ARG A 1 82  ? 13.245  2.274   -5.131  1.00 11.04 ? 79  ARG X CA  1 
ATOM   615  C C   . ARG A 1 82  ? 12.795  3.729   -5.275  1.00 9.47  ? 79  ARG X C   1 
ATOM   616  O O   . ARG A 1 82  ? 12.132  4.076   -6.241  1.00 11.40 ? 79  ARG X O   1 
ATOM   617  C CB  . ARG A 1 82  ? 14.212  1.865   -6.225  1.00 11.91 ? 79  ARG X CB  1 
ATOM   618  C CG  . ARG A 1 82  ? 14.882  0.541   -5.882  1.00 16.23 ? 79  ARG X CG  1 
ATOM   619  C CD  . ARG A 1 82  ? 15.674  0.018   -7.053  1.00 18.97 ? 79  ARG X CD  1 
ATOM   620  N NE  . ARG A 1 82  ? 16.746  0.938   -7.381  1.00 24.97 ? 79  ARG X NE  1 
ATOM   621  C CZ  . ARG A 1 82  ? 16.757  1.701   -8.460  1.00 23.71 ? 79  ARG X CZ  1 
ATOM   622  N NH1 . ARG A 1 82  ? 17.780  2.521   -8.673  1.00 26.17 ? 79  ARG X NH1 1 
ATOM   623  N NH2 . ARG A 1 82  ? 15.789  1.587   -9.358  1.00 22.33 ? 79  ARG X NH2 1 
ATOM   624  N N   . LEU A 1 83  ? 13.101  4.533   -4.266  1.00 12.22 ? 80  LEU X N   1 
ATOM   625  C CA  . LEU A 1 83  ? 12.640  5.926   -4.218  1.00 12.58 ? 80  LEU X CA  1 
ATOM   626  C C   . LEU A 1 83  ? 13.829  6.843   -4.437  1.00 14.31 ? 80  LEU X C   1 
ATOM   627  O O   . LEU A 1 83  ? 14.886  6.623   -3.844  1.00 13.91 ? 80  LEU X O   1 
ATOM   628  C CB  . LEU A 1 83  ? 12.022  6.231   -2.861  1.00 14.22 ? 80  LEU X CB  1 
ATOM   629  C CG  . LEU A 1 83  ? 10.788  5.383   -2.512  1.00 11.83 ? 80  LEU X CG  1 
ATOM   630  C CD1 . LEU A 1 83  ? 10.315  5.708   -1.080  1.00 12.64 ? 80  LEU X CD1 1 
ATOM   631  C CD2 . LEU A 1 83  ? 9.688   5.592   -3.559  1.00 12.02 ? 80  LEU X CD2 1 
ATOM   632  N N   . ARG A 1 84  ? 13.628  7.881   -5.243  1.00 13.20 ? 81  ARG X N   1 
ATOM   633  C CA  . ARG A 1 84  ? 14.664  8.890   -5.498  1.00 15.54 ? 81  ARG X CA  1 
ATOM   634  C C   . ARG A 1 84  ? 14.680  9.953   -4.407  1.00 15.10 ? 81  ARG X C   1 
ATOM   635  O O   . ARG A 1 84  ? 13.640  10.533  -4.073  1.00 15.64 ? 81  ARG X O   1 
ATOM   636  C CB  . ARG A 1 84  ? 14.431  9.551   -6.864  1.00 16.57 ? 81  ARG X CB  1 
ATOM   637  C CG  . ARG A 1 84  ? 15.688  10.178  -7.450  1.00 21.19 ? 81  ARG X CG  1 
ATOM   638  C CD  . ARG A 1 84  ? 15.478  10.682  -8.877  1.00 26.49 ? 81  ARG X CD  1 
ATOM   639  N NE  . ARG A 1 84  ? 14.358  11.613  -9.018  1.00 34.92 ? 81  ARG X NE  1 
ATOM   640  C CZ  . ARG A 1 84  ? 14.364  12.886  -8.626  1.00 40.53 ? 81  ARG X CZ  1 
ATOM   641  N NH1 . ARG A 1 84  ? 15.391  13.378  -7.947  1.00 42.27 ? 81  ARG X NH1 1 
ATOM   642  N NH2 . ARG A 1 84  ? 13.303  13.655  -8.853  1.00 41.25 ? 81  ARG X NH2 1 
ATOM   643  N N   . ASP A 1 85  ? 15.854  10.195  -3.824  1.00 15.56 ? 82  ASP X N   1 
ATOM   644  C CA  . ASP A 1 85  ? 16.012  11.279  -2.855  1.00 16.96 ? 82  ASP X CA  1 
ATOM   645  C C   . ASP A 1 85  ? 16.262  12.627  -3.542  1.00 16.76 ? 82  ASP X C   1 
ATOM   646  O O   . ASP A 1 85  ? 16.254  12.719  -4.776  1.00 17.29 ? 82  ASP X O   1 
ATOM   647  C CB  . ASP A 1 85  ? 17.072  10.964  -1.776  1.00 17.66 ? 82  ASP X CB  1 
ATOM   648  C CG  . ASP A 1 85  ? 18.506  10.962  -2.305  1.00 19.10 ? 82  ASP X CG  1 
ATOM   649  O OD1 . ASP A 1 85  ? 18.767  11.542  -3.381  1.00 19.05 ? 82  ASP X OD1 1 
ATOM   650  O OD2 . ASP A 1 85  ? 19.385  10.408  -1.598  1.00 19.77 ? 82  ASP X OD2 1 
ATOM   651  N N   . CYS A 1 86  ? 16.326  13.688  -2.743  1.00 18.16 ? 83  CYS X N   1 
ATOM   652  C CA  . CYS A 1 86  ? 16.446  15.027  -3.314  1.00 19.70 ? 83  CYS X CA  1 
ATOM   653  C C   . CYS A 1 86  ? 17.792  15.317  -3.959  1.00 20.14 ? 83  CYS X C   1 
ATOM   654  O O   . CYS A 1 86  ? 17.935  16.335  -4.646  1.00 20.51 ? 83  CYS X O   1 
ATOM   655  C CB  . CYS A 1 86  ? 16.100  16.097  -2.284  1.00 20.58 ? 83  CYS X CB  1 
ATOM   656  S SG  . CYS A 1 86  ? 14.360  16.065  -1.839  1.00 29.60 ? 83  CYS X SG  1 
ATOM   657  N N   . ASN A 1 87  ? 18.765  14.430  -3.730  1.00 18.93 ? 84  ASN X N   1 
ATOM   658  C CA  . ASN A 1 87  ? 20.030  14.437  -4.465  1.00 20.38 ? 84  ASN X CA  1 
ATOM   659  C C   . ASN A 1 87  ? 20.016  13.569  -5.712  1.00 20.64 ? 84  ASN X C   1 
ATOM   660  O O   . ASN A 1 87  ? 21.042  13.411  -6.370  1.00 21.40 ? 84  ASN X O   1 
ATOM   661  C CB  . ASN A 1 87  ? 21.193  14.022  -3.553  1.00 21.59 ? 84  ASN X CB  1 
ATOM   662  C CG  . ASN A 1 87  ? 21.560  15.099  -2.542  1.00 24.71 ? 84  ASN X CG  1 
ATOM   663  O OD1 . ASN A 1 87  ? 21.190  16.264  -2.685  1.00 28.47 ? 84  ASN X OD1 1 
ATOM   664  N ND2 . ASN A 1 87  ? 22.216  14.688  -1.465  1.00 36.01 ? 84  ASN X ND2 1 
ATOM   665  N N   . GLY A 1 88  ? 18.862  12.988  -6.030  1.00 20.10 ? 85  GLY X N   1 
ATOM   666  C CA  . GLY A 1 88  ? 18.708  12.255  -7.284  1.00 20.13 ? 85  GLY X CA  1 
ATOM   667  C C   . GLY A 1 88  ? 19.205  10.819  -7.232  1.00 21.32 ? 85  GLY X C   1 
ATOM   668  O O   . GLY A 1 88  ? 19.286  10.162  -8.259  1.00 23.35 ? 85  GLY X O   1 
ATOM   669  N N   . GLU A 1 89  ? 19.458  10.314  -6.028  1.00 20.37 ? 86  GLU X N   1 
ATOM   670  C CA  . GLU A 1 89  ? 19.900  8.936   -5.855  1.00 19.65 ? 86  GLU X CA  1 
ATOM   671  C C   . GLU A 1 89  ? 18.732  8.062   -5.404  1.00 16.91 ? 86  GLU X C   1 
ATOM   672  O O   . GLU A 1 89  ? 17.936  8.467   -4.557  1.00 16.71 ? 86  GLU X O   1 
ATOM   673  C CB  . GLU A 1 89  ? 21.009  8.865   -4.826  1.00 21.74 ? 86  GLU X CB  1 
ATOM   674  C CG  . GLU A 1 89  ? 22.289  9.562   -5.278  1.00 26.51 ? 86  GLU X CG  1 
ATOM   675  C CD  . GLU A 1 89  ? 23.366  9.513   -4.219  1.00 36.03 ? 86  GLU X CD  1 
ATOM   676  O OE1 . GLU A 1 89  ? 23.849  8.399   -3.908  1.00 41.28 ? 86  GLU X OE1 1 
ATOM   677  O OE2 . GLU A 1 89  ? 23.699  10.584  -3.669  1.00 42.59 ? 86  GLU X OE2 1 
ATOM   678  N N   . PHE A 1 90  ? 18.701  6.839   -5.914  1.00 16.90 ? 87  PHE X N   1 
ATOM   679  C CA  . PHE A 1 90  ? 17.683  5.851   -5.528  1.00 16.74 ? 87  PHE X CA  1 
ATOM   680  C C   . PHE A 1 90  ? 18.105  5.009   -4.320  1.00 17.96 ? 87  PHE X C   1 
ATOM   681  O O   . PHE A 1 90  ? 19.286  4.675   -4.155  1.00 20.04 ? 87  PHE X O   1 
ATOM   682  C CB  . PHE A 1 90  ? 17.358  4.946   -6.711  1.00 16.55 ? 87  PHE X CB  1 
ATOM   683  C CG  . PHE A 1 90  ? 16.482  5.594   -7.745  1.00 17.26 ? 87  PHE X CG  1 
ATOM   684  C CD1 . PHE A 1 90  ? 17.034  6.309   -8.792  1.00 21.93 ? 87  PHE X CD1 1 
ATOM   685  C CD2 . PHE A 1 90  ? 15.106  5.581   -7.606  1.00 16.24 ? 87  PHE X CD2 1 
ATOM   686  C CE1 . PHE A 1 90  ? 16.215  6.931   -9.728  1.00 23.53 ? 87  PHE X CE1 1 
ATOM   687  C CE2 . PHE A 1 90  ? 14.293  6.163   -8.532  1.00 18.93 ? 87  PHE X CE2 1 
ATOM   688  C CZ  . PHE A 1 90  ? 14.839  6.851   -9.601  1.00 25.92 ? 87  PHE X CZ  1 
ATOM   689  N N   . HIS A 1 91  ? 17.132  4.657   -3.483  1.00 16.01 ? 88  HIS X N   1 
ATOM   690  C CA  . HIS A 1 91  ? 17.341  3.736   -2.366  1.00 15.88 ? 88  HIS X CA  1 
ATOM   691  C C   . HIS A 1 91  ? 16.165  2.761   -2.332  1.00 16.16 ? 88  HIS X C   1 
ATOM   692  O O   . HIS A 1 91  ? 15.020  3.176   -2.508  1.00 16.69 ? 88  HIS X O   1 
ATOM   693  C CB  . HIS A 1 91  ? 17.373  4.513   -1.050  1.00 17.50 ? 88  HIS X CB  1 
ATOM   694  C CG  . HIS A 1 91  ? 18.267  5.713   -1.074  1.00 19.21 ? 88  HIS X CG  1 
ATOM   695  N ND1 . HIS A 1 91  ? 19.572  5.680   -0.624  1.00 26.48 ? 88  HIS X ND1 1 
ATOM   696  C CD2 . HIS A 1 91  ? 18.035  6.989   -1.464  1.00 21.90 ? 88  HIS X CD2 1 
ATOM   697  C CE1 . HIS A 1 91  ? 20.108  6.883   -0.750  1.00 27.49 ? 88  HIS X CE1 1 
ATOM   698  N NE2 . HIS A 1 91  ? 19.192  7.697   -1.245  1.00 25.17 ? 88  HIS X NE2 1 
ATOM   699  N N   A ASP A 1 92  ? 16.406  1.462   -2.200  0.50 16.10 ? 89  ASP X N   1 
ATOM   700  N N   B ASP A 1 92  ? 16.488  1.501   -2.033  0.50 16.80 ? 89  ASP X N   1 
ATOM   701  C CA  A ASP A 1 92  ? 15.268  0.523   -2.069  0.50 14.67 ? 89  ASP X CA  1 
ATOM   702  C CA  B ASP A 1 92  ? 15.513  0.471   -1.649  0.50 16.62 ? 89  ASP X CA  1 
ATOM   703  C C   A ASP A 1 92  ? 14.685  0.606   -0.647  0.50 14.99 ? 89  ASP X C   1 
ATOM   704  C C   B ASP A 1 92  ? 14.718  0.937   -0.461  0.50 15.56 ? 89  ASP X C   1 
ATOM   705  O O   A ASP A 1 92  ? 15.395  0.474   0.344   0.50 16.43 ? 89  ASP X O   1 
ATOM   706  O O   B ASP A 1 92  ? 15.283  1.201   0.610   0.50 14.14 ? 89  ASP X O   1 
ATOM   707  C CB  A ASP A 1 92  ? 15.682  -0.916  -2.445  0.50 13.51 ? 89  ASP X CB  1 
ATOM   708  C CB  B ASP A 1 92  ? 16.235  -0.817  -1.226  0.50 16.73 ? 89  ASP X CB  1 
ATOM   709  C CG  A ASP A 1 92  ? 14.487  -1.829  -2.799  0.50 14.10 ? 89  ASP X CG  1 
ATOM   710  C CG  B ASP A 1 92  ? 16.979  -1.475  -2.358  0.50 19.70 ? 89  ASP X CG  1 
ATOM   711  O OD1 A ASP A 1 92  ? 14.585  -3.040  -2.522  0.50 13.30 ? 89  ASP X OD1 1 
ATOM   712  O OD1 B ASP A 1 92  ? 16.406  -1.556  -3.462  0.50 22.49 ? 89  ASP X OD1 1 
ATOM   713  O OD2 A ASP A 1 92  ? 13.497  -1.382  -3.414  0.50 8.05  ? 89  ASP X OD2 1 
ATOM   714  O OD2 B ASP A 1 92  ? 18.110  -1.967  -2.122  0.50 22.88 ? 89  ASP X OD2 1 
ATOM   715  N N   . ARG A 1 93  ? 13.397  0.942   -0.588  1.00 14.14 ? 90  ARG X N   1 
ATOM   716  C CA  . ARG A 1 93  ? 12.625  1.246   0.606   1.00 13.28 ? 90  ARG X CA  1 
ATOM   717  C C   . ARG A 1 93  ? 11.438  0.301   0.780   1.00 12.31 ? 90  ARG X C   1 
ATOM   718  O O   . ARG A 1 93  ? 10.989  -0.358  -0.169  1.00 12.55 ? 90  ARG X O   1 
ATOM   719  C CB  . ARG A 1 93  ? 12.100  2.693   0.546   1.00 13.66 ? 90  ARG X CB  1 
ATOM   720  C CG  . ARG A 1 93  ? 13.205  3.746   0.447   1.00 14.18 ? 90  ARG X CG  1 
ATOM   721  C CD  . ARG A 1 93  ? 14.023  3.810   1.755   1.00 18.63 ? 90  ARG X CD  1 
ATOM   722  N NE  . ARG A 1 93  ? 14.962  4.939   1.710   1.00 18.23 ? 90  ARG X NE  1 
ATOM   723  C CZ  . ARG A 1 93  ? 16.183  4.952   2.243   1.00 24.64 ? 90  ARG X CZ  1 
ATOM   724  N NH1 . ARG A 1 93  ? 16.637  3.914   2.934   1.00 23.33 ? 90  ARG X NH1 1 
ATOM   725  N NH2 . ARG A 1 93  ? 16.943  6.034   2.113   1.00 22.71 ? 90  ARG X NH2 1 
ATOM   726  N N   . ASP A 1 94  ? 10.887  0.315   1.985   1.00 13.32 ? 91  ASP X N   1 
ATOM   727  C CA  . ASP A 1 94  ? 9.689   -0.477  2.268   1.00 12.72 ? 91  ASP X CA  1 
ATOM   728  C C   . ASP A 1 94  ? 8.744   0.259   3.197   1.00 13.89 ? 91  ASP X C   1 
ATOM   729  O O   . ASP A 1 94  ? 9.156   1.121   3.992   1.00 15.40 ? 91  ASP X O   1 
ATOM   730  C CB  . ASP A 1 94  ? 10.063  -1.846  2.842   1.00 13.71 ? 91  ASP X CB  1 
ATOM   731  C CG  . ASP A 1 94  ? 10.873  -1.741  4.139   1.00 19.59 ? 91  ASP X CG  1 
ATOM   732  O OD1 . ASP A 1 94  ? 10.249  -1.719  5.220   1.00 23.53 ? 91  ASP X OD1 1 
ATOM   733  O OD2 . ASP A 1 94  ? 12.120  -1.634  4.070   1.00 20.75 ? 91  ASP X OD2 1 
ATOM   734  N N   . VAL A 1 95  ? 7.452   -0.035  3.047   1.00 11.38 ? 92  VAL X N   1 
ATOM   735  C CA  . VAL A 1 95  ? 6.457   0.482   3.955   1.00 11.52 ? 92  VAL X CA  1 
ATOM   736  C C   . VAL A 1 95  ? 5.374   -0.556  4.196   1.00 12.32 ? 92  VAL X C   1 
ATOM   737  O O   . VAL A 1 95  ? 4.934   -1.250  3.283   1.00 11.58 ? 92  VAL X O   1 
ATOM   738  C CB  . VAL A 1 95  ? 5.880   1.833   3.470   1.00 11.74 ? 92  VAL X CB  1 
ATOM   739  C CG1 . VAL A 1 95  ? 5.132   1.682   2.163   1.00 11.83 ? 92  VAL X CG1 1 
ATOM   740  C CG2 . VAL A 1 95  ? 5.001   2.465   4.540   1.00 14.36 ? 92  VAL X CG2 1 
ATOM   741  N N   . ASN A 1 96  ? 4.971   -0.667  5.459   1.00 12.39 ? 93  ASN X N   1 
ATOM   742  C CA  . ASN A 1 96  ? 3.935   -1.601  5.858   1.00 12.27 ? 93  ASN X CA  1 
ATOM   743  C C   . ASN A 1 96  ? 2.574   -0.910  5.718   1.00 12.48 ? 93  ASN X C   1 
ATOM   744  O O   . ASN A 1 96  ? 2.329   0.142   6.320   1.00 13.76 ? 93  ASN X O   1 
ATOM   745  C CB  . ASN A 1 96  ? 4.168   -2.008  7.331   1.00 10.88 ? 93  ASN X CB  1 
ATOM   746  C CG  . ASN A 1 96  ? 3.194   -3.084  7.813   1.00 13.73 ? 93  ASN X CG  1 
ATOM   747  O OD1 . ASN A 1 96  ? 2.098   -3.253  7.277   1.00 15.04 ? 93  ASN X OD1 1 
ATOM   748  N ND2 . ASN A 1 96  ? 3.647   -3.895  8.751   1.00 18.71 ? 93  ASN X ND2 1 
ATOM   749  N N   . LEU A 1 97  ? 1.699   -1.493  4.910   1.00 11.64 ? 94  LEU X N   1 
ATOM   750  C CA  . LEU A 1 97  ? 0.412   -0.853  4.593   1.00 11.30 ? 94  LEU X CA  1 
ATOM   751  C C   . LEU A 1 97  ? -0.631  -1.051  5.680   1.00 15.00 ? 94  LEU X C   1 
ATOM   752  O O   . LEU A 1 97  ? -1.823  -0.903  5.428   1.00 15.36 ? 94  LEU X O   1 
ATOM   753  C CB  . LEU A 1 97  ? -0.145  -1.421  3.284   1.00 10.45 ? 94  LEU X CB  1 
ATOM   754  C CG  . LEU A 1 97  ? 0.713   -1.171  2.041   1.00 11.26 ? 94  LEU X CG  1 
ATOM   755  C CD1 . LEU A 1 97  ? -0.084  -1.598  0.826   1.00 14.58 ? 94  LEU X CD1 1 
ATOM   756  C CD2 . LEU A 1 97  ? 1.093   0.315   1.944   1.00 11.96 ? 94  LEU X CD2 1 
ATOM   757  N N   . ASN A 1 98  ? -0.206  -1.500  6.841   1.00 17.83 ? 95  ASN X N   1 
ATOM   758  C CA  . ASN A 1 98  ? -1.187  -1.730  7.873   1.00 17.45 ? 95  ASN X CA  1 
ATOM   759  C C   . ASN A 1 98  ? -1.784  -0.436  8.459   1.00 16.74 ? 95  ASN X C   1 
ATOM   760  O O   . ASN A 1 98  ? -2.733  -0.523  9.246   1.00 17.43 ? 95  ASN X O   1 
ATOM   761  C CB  . ASN A 1 98  ? -0.641  -2.679  8.939   1.00 19.04 ? 95  ASN X CB  1 
ATOM   762  C CG  . ASN A 1 98  ? 0.469   -2.066  9.736   1.00 24.56 ? 95  ASN X CG  1 
ATOM   763  O OD1 . ASN A 1 98  ? 0.714   -0.858  9.659   1.00 23.00 ? 95  ASN X OD1 1 
ATOM   764  N ND2 . ASN A 1 98  ? 1.113   -2.884  10.568  1.00 24.05 ? 95  ASN X ND2 1 
ATOM   765  N N   . ARG A 1 99  ? -1.344  0.749   7.997   1.00 15.73 ? 96  ARG X N   1 
ATOM   766  C CA  . ARG A 1 99  ? -2.068  2.013   8.259   1.00 16.55 ? 96  ARG X CA  1 
ATOM   767  C C   . ARG A 1 99  ? -3.438  2.115   7.580   1.00 17.14 ? 96  ARG X C   1 
ATOM   768  O O   . ARG A 1 99  ? -4.232  2.995   7.884   1.00 19.83 ? 96  ARG X O   1 
ATOM   769  C CB  . ARG A 1 99  ? -1.252  3.252   7.855   1.00 18.61 ? 96  ARG X CB  1 
ATOM   770  C CG  . ARG A 1 99  ? -0.198  3.700   8.844   1.00 23.10 ? 96  ARG X CG  1 
ATOM   771  C CD  . ARG A 1 99  ? -0.784  4.475   10.023  1.00 18.25 ? 96  ARG X CD  1 
ATOM   772  N NE  . ARG A 1 99  ? -1.342  5.797   9.705   1.00 24.45 ? 96  ARG X NE  1 
ATOM   773  C CZ  . ARG A 1 99  ? -0.632  6.913   9.560   1.00 22.79 ? 96  ARG X CZ  1 
ATOM   774  N NH1 . ARG A 1 99  ? 0.694   6.868   9.541   1.00 29.23 ? 96  ARG X NH1 1 
ATOM   775  N NH2 . ARG A 1 99  ? -1.244  8.063   9.351   1.00 28.30 ? 96  ARG X NH2 1 
ATOM   776  N N   . ILE A 1 100 ? -3.610  1.362   6.508   1.00 12.56 ? 97  ILE X N   1 
ATOM   777  C CA  . ILE A 1 100 ? -4.878  1.288   5.811   1.00 10.98 ? 97  ILE X CA  1 
ATOM   778  C C   . ILE A 1 100 ? -5.809  0.331   6.539   1.00 10.05 ? 97  ILE X C   1 
ATOM   779  O O   . ILE A 1 100 ? -5.395  -0.764  6.945   1.00 11.36 ? 97  ILE X O   1 
ATOM   780  C CB  . ILE A 1 100 ? -4.622  0.781   4.388   1.00 9.90  ? 97  ILE X CB  1 
ATOM   781  C CG1 . ILE A 1 100 ? -3.823  1.853   3.624   1.00 13.21 ? 97  ILE X CG1 1 
ATOM   782  C CG2 . ILE A 1 100 ? -5.942  0.517   3.631   1.00 13.02 ? 97  ILE X CG2 1 
ATOM   783  C CD1 . ILE A 1 100 ? -3.163  1.344   2.369   1.00 14.90 ? 97  ILE X CD1 1 
ATOM   784  N N   . GLN A 1 101 ? -7.040  0.786   6.748   1.00 10.76 ? 98  GLN X N   1 
ATOM   785  C CA  . GLN A 1 101 ? -8.039  0.028   7.515   1.00 11.20 ? 98  GLN X CA  1 
ATOM   786  C C   . GLN A 1 101 ? -9.089  -0.528  6.568   1.00 10.81 ? 98  GLN X C   1 
ATOM   787  O O   . GLN A 1 101 ? -9.266  -0.030  5.470   1.00 11.53 ? 98  GLN X O   1 
ATOM   788  C CB  . GLN A 1 101 ? -8.699  0.930   8.561   1.00 14.39 ? 98  GLN X CB  1 
ATOM   789  C CG  . GLN A 1 101 ? -7.720  1.429   9.628   1.00 20.70 ? 98  GLN X CG  1 
ATOM   790  C CD  . GLN A 1 101 ? -8.265  2.584   10.444  1.00 31.36 ? 98  GLN X CD  1 
ATOM   791  O OE1 . GLN A 1 101 ? -9.336  3.123   10.152  1.00 35.11 ? 98  GLN X OE1 1 
ATOM   792  N NE2 . GLN A 1 101 ? -7.493  3.013   11.445  1.00 39.08 ? 98  GLN X NE2 1 
ATOM   793  N N   . ASN A 1 102 ? -9.801  -1.554  7.030   1.00 11.08 ? 99  ASN X N   1 
ATOM   794  C CA  . ASN A 1 102 ? -11.032 -2.006  6.417   1.00 10.31 ? 99  ASN X CA  1 
ATOM   795  C C   . ASN A 1 102 ? -12.201 -1.498  7.243   1.00 11.83 ? 99  ASN X C   1 
ATOM   796  O O   . ASN A 1 102 ? -12.469 -2.012  8.333   1.00 12.26 ? 99  ASN X O   1 
ATOM   797  C CB  . ASN A 1 102 ? -11.048 -3.546  6.365   1.00 11.16 ? 99  ASN X CB  1 
ATOM   798  C CG  . ASN A 1 102 ? -12.394 -4.102  5.966   1.00 11.45 ? 99  ASN X CG  1 
ATOM   799  O OD1 . ASN A 1 102 ? -13.245 -3.372  5.479   1.00 11.95 ? 99  ASN X OD1 1 
ATOM   800  N ND2 . ASN A 1 102 ? -12.596 -5.405  6.178   1.00 13.98 ? 99  ASN X ND2 1 
ATOM   801  N N   . VAL A 1 103 ? -12.892 -0.490  6.716   1.00 12.38 ? 100 VAL X N   1 
ATOM   802  C CA  . VAL A 1 103 ? -14.091 0.060   7.357   1.00 11.80 ? 100 VAL X CA  1 
ATOM   803  C C   . VAL A 1 103 ? -15.338 -0.513  6.664   1.00 11.25 ? 100 VAL X C   1 
ATOM   804  O O   . VAL A 1 103 ? -15.684 -0.133  5.550   1.00 10.74 ? 100 VAL X O   1 
ATOM   805  C CB  . VAL A 1 103 ? -14.075 1.596   7.325   1.00 13.94 ? 100 VAL X CB  1 
ATOM   806  C CG1 . VAL A 1 103 ? -15.367 2.171   7.953   1.00 14.41 ? 100 VAL X CG1 1 
ATOM   807  C CG2 . VAL A 1 103 ? -12.849 2.128   8.067   1.00 15.77 ? 100 VAL X CG2 1 
ATOM   808  N N   . ASN A 1 104 ? -15.867 -1.584  7.252   1.00 11.99 ? 101 ASN X N   1 
ATOM   809  C CA  . ASN A 1 104 ? -17.058 -2.254  6.765   1.00 11.09 ? 101 ASN X CA  1 
ATOM   810  C C   . ASN A 1 104 ? -17.089 -2.619  5.287   1.00 11.44 ? 101 ASN X C   1 
ATOM   811  O O   . ASN A 1 104 ? -18.077 -2.384  4.585   1.00 12.00 ? 101 ASN X O   1 
ATOM   812  C CB  . ASN A 1 104 ? -18.312 -1.434  7.115   1.00 9.95  ? 101 ASN X CB  1 
ATOM   813  C CG  . ASN A 1 104 ? -19.573 -2.260  7.027   1.00 14.99 ? 101 ASN X CG  1 
ATOM   814  O OD1 . ASN A 1 104 ? -19.568 -3.444  7.378   1.00 18.58 ? 101 ASN X OD1 1 
ATOM   815  N ND2 . ASN A 1 104 ? -20.641 -1.658  6.524   1.00 16.71 ? 101 ASN X ND2 1 
ATOM   816  N N   . GLY A 1 105 ? -15.979 -3.181  4.816   1.00 10.58 ? 102 GLY X N   1 
ATOM   817  C CA  . GLY A 1 105 ? -15.856 -3.549  3.409   1.00 11.61 ? 102 GLY X CA  1 
ATOM   818  C C   . GLY A 1 105 ? -15.095 -2.582  2.517   1.00 11.54 ? 102 GLY X C   1 
ATOM   819  O O   . GLY A 1 105 ? -15.126 -2.735  1.291   1.00 14.46 ? 102 GLY X O   1 
ATOM   820  N N   . ARG A 1 106 ? -14.561 -1.501  3.077   1.00 11.21 ? 103 ARG X N   1 
ATOM   821  C CA  . ARG A 1 106 ? -13.880 -0.496  2.248   1.00 11.23 ? 103 ARG X CA  1 
ATOM   822  C C   . ARG A 1 106 ? -12.482 -0.219  2.789   1.00 11.48 ? 103 ARG X C   1 
ATOM   823  O O   . ARG A 1 106 ? -12.297 0.005   3.984   1.00 11.39 ? 103 ARG X O   1 
ATOM   824  C CB  . ARG A 1 106 ? -14.674 0.808   2.232   1.00 11.93 ? 103 ARG X CB  1 
ATOM   825  C CG  . ARG A 1 106 ? -14.097 1.833   1.270   1.00 15.46 ? 103 ARG X CG  1 
ATOM   826  C CD  . ARG A 1 106 ? -15.191 2.706   0.796   1.00 25.00 ? 103 ARG X CD  1 
ATOM   827  N NE  . ARG A 1 106 ? -15.330 3.833   1.694   1.00 24.35 ? 103 ARG X NE  1 
ATOM   828  C CZ  . ARG A 1 106 ? -14.664 4.972   1.547   1.00 30.44 ? 103 ARG X CZ  1 
ATOM   829  N NH1 . ARG A 1 106 ? -14.896 5.991   2.365   1.00 26.12 ? 103 ARG X NH1 1 
ATOM   830  N NH2 . ARG A 1 106 ? -13.770 5.086   0.580   1.00 30.14 ? 103 ARG X NH2 1 
ATOM   831  N N   . LEU A 1 107 ? -11.494 -0.211  1.891   1.00 11.01 ? 104 LEU X N   1 
ATOM   832  C CA  . LEU A 1 107 ? -10.150 0.260   2.216   1.00 10.35 ? 104 LEU X CA  1 
ATOM   833  C C   . LEU A 1 107 ? -10.126 1.763   2.410   1.00 9.36  ? 104 LEU X C   1 
ATOM   834  O O   . LEU A 1 107 ? -10.554 2.521   1.517   1.00 10.87 ? 104 LEU X O   1 
ATOM   835  C CB  . LEU A 1 107 ? -9.164  -0.101  1.094   1.00 10.59 ? 104 LEU X CB  1 
ATOM   836  C CG  . LEU A 1 107 ? -8.985  -1.611  0.885   1.00 9.53  ? 104 LEU X CG  1 
ATOM   837  C CD1 . LEU A 1 107 ? -8.245  -1.862  -0.411  1.00 10.30 ? 104 LEU X CD1 1 
ATOM   838  C CD2 . LEU A 1 107 ? -8.252  -2.271  2.034   1.00 10.67 ? 104 LEU X CD2 1 
ATOM   839  N N   A VAL A 1 108 ? -9.612  2.174   3.570   0.50 10.72 ? 105 VAL X N   1 
ATOM   840  N N   B VAL A 1 108 ? -9.763  2.188   3.618   0.50 10.45 ? 105 VAL X N   1 
ATOM   841  C CA  A VAL A 1 108 ? -9.670  3.559   4.022   0.50 11.56 ? 105 VAL X CA  1 
ATOM   842  C CA  B VAL A 1 108 ? -9.641  3.611   3.921   0.50 11.35 ? 105 VAL X CA  1 
ATOM   843  C C   A VAL A 1 108 ? -8.360  3.934   4.723   0.50 11.43 ? 105 VAL X C   1 
ATOM   844  C C   B VAL A 1 108 ? -8.322  3.899   4.627   0.50 11.53 ? 105 VAL X C   1 
ATOM   845  O O   A VAL A 1 108 ? -7.901  3.218   5.617   0.50 12.11 ? 105 VAL X O   1 
ATOM   846  O O   B VAL A 1 108 ? -7.821  3.096   5.412   0.50 12.80 ? 105 VAL X O   1 
ATOM   847  C CB  A VAL A 1 108 ? -10.800 3.731   5.055   0.50 11.09 ? 105 VAL X CB  1 
ATOM   848  C CB  B VAL A 1 108 ? -10.778 4.102   4.836   0.50 11.28 ? 105 VAL X CB  1 
ATOM   849  C CG1 A VAL A 1 108 ? -10.696 5.088   5.730   0.50 11.51 ? 105 VAL X CG1 1 
ATOM   850  C CG1 B VAL A 1 108 ? -12.106 4.090   4.092   0.50 11.89 ? 105 VAL X CG1 1 
ATOM   851  C CG2 A VAL A 1 108 ? -12.155 3.531   4.406   0.50 12.92 ? 105 VAL X CG2 1 
ATOM   852  C CG2 B VAL A 1 108 ? -10.832 3.261   6.099   0.50 11.14 ? 105 VAL X CG2 1 
ATOM   853  N N   . PHE A 1 109 ? -7.790  5.084   4.387   1.00 14.60 ? 106 PHE X N   1 
ATOM   854  C CA  . PHE A 1 109 ? -6.627  5.546   5.140   1.00 16.23 ? 106 PHE X CA  1 
ATOM   855  C C   . PHE A 1 109 ? -7.034  6.455   6.297   1.00 19.91 ? 106 PHE X C   1 
ATOM   856  O O   . PHE A 1 109 ? -7.655  7.499   6.108   1.00 22.74 ? 106 PHE X O   1 
ATOM   857  C CB  . PHE A 1 109 ? -5.624  6.237   4.208   1.00 14.77 ? 106 PHE X CB  1 
ATOM   858  C CG  . PHE A 1 109 ? -4.550  7.008   4.931   1.00 14.58 ? 106 PHE X CG  1 
ATOM   859  C CD1 . PHE A 1 109 ? -3.542  6.347   5.624   1.00 15.43 ? 106 PHE X CD1 1 
ATOM   860  C CD2 . PHE A 1 109 ? -4.497  8.388   4.821   1.00 17.04 ? 106 PHE X CD2 1 
ATOM   861  C CE1 . PHE A 1 109 ? -2.536  7.076   6.273   1.00 16.54 ? 106 PHE X CE1 1 
ATOM   862  C CE2 . PHE A 1 109 ? -3.498  9.123   5.468   1.00 17.13 ? 106 PHE X CE2 1 
ATOM   863  C CZ  . PHE A 1 109 ? -2.517  8.470   6.166   1.00 14.66 ? 106 PHE X CZ  1 
HETATM 864  O O   . HOH B 2 .   ? 15.020  1.721   4.044   1.00 34.86 ? 108 HOH X O   1 
HETATM 865  O O   . HOH B 2 .   ? 8.966   5.465   5.617   1.00 34.46 ? 109 HOH X O   1 
HETATM 866  O O   . HOH B 2 .   ? 0.290   15.489  0.699   1.00 33.98 ? 110 HOH X O   1 
HETATM 867  O O   . HOH B 2 .   ? 2.884   -2.326  12.831  1.00 37.35 ? 111 HOH X O   1 
HETATM 868  O O   . HOH B 2 .   ? -8.731  6.811   2.187   1.00 28.71 ? 112 HOH X O   1 
HETATM 869  O O   . HOH B 2 .   ? -12.333 -0.707  10.849  1.00 36.99 ? 113 HOH X O   1 
HETATM 870  O O   . HOH B 2 .   ? 9.188   -8.089  5.873   1.00 27.28 ? 114 HOH X O   1 
HETATM 871  O O   . HOH B 2 .   ? -0.758  -2.098  -14.225 1.00 32.29 ? 115 HOH X O   1 
HETATM 872  O O   . HOH B 2 .   ? 11.615  -1.820  -13.299 1.00 33.15 ? 116 HOH X O   1 
HETATM 873  O O   . HOH B 2 .   ? 3.337   8.418   9.609   1.00 33.87 ? 117 HOH X O   1 
HETATM 874  O O   . HOH B 2 .   ? 6.785   -4.176  8.931   1.00 34.42 ? 118 HOH X O   1 
HETATM 875  O O   . HOH B 2 .   ? -3.473  -10.502 8.815   1.00 30.15 ? 119 HOH X O   1 
HETATM 876  O O   . HOH B 2 .   ? -25.386 -12.887 3.375   1.00 30.74 ? 120 HOH X O   1 
HETATM 877  O O   . HOH B 2 .   ? -8.728  -8.546  -4.840  1.00 36.99 ? 121 HOH X O   1 
HETATM 878  O O   . HOH B 2 .   ? -13.725 3.453   -1.991  1.00 32.04 ? 122 HOH X O   1 
HETATM 879  O O   . HOH B 2 .   ? 6.106   4.811   -11.500 1.00 35.30 ? 123 HOH X O   1 
HETATM 880  O O   . HOH B 2 .   ? 2.299   0.821   9.530   1.00 38.20 ? 124 HOH X O   1 
HETATM 881  O O   . HOH B 2 .   ? -5.975  12.006  -0.404  1.00 38.71 ? 125 HOH X O   1 
HETATM 882  O O   . HOH B 2 .   ? -3.272  12.872  -5.047  1.00 30.83 ? 126 HOH X O   1 
HETATM 883  O O   . HOH B 2 .   ? 6.222   -15.703 0.513   1.00 38.24 ? 127 HOH X O   1 
HETATM 884  O O   . HOH B 2 .   ? 12.985  15.522  -4.393  1.00 36.03 ? 128 HOH X O   1 
HETATM 885  O O   . HOH B 2 .   ? -16.882 -1.792  -3.415  1.00 26.22 ? 129 HOH X O   1 
HETATM 886  O O   . HOH B 2 .   ? -3.368  -2.578  -13.869 1.00 26.97 ? 130 HOH X O   1 
HETATM 887  O O   . HOH B 2 .   ? -4.812  -13.314 -4.639  1.00 39.87 ? 132 HOH X O   1 
HETATM 888  O O   . HOH B 2 .   ? 7.904   -8.308  -2.763  1.00 15.01 ? 133 HOH X O   1 
HETATM 889  O O   . HOH B 2 .   ? -3.265  -12.565 0.271   1.00 25.52 ? 134 HOH X O   1 
HETATM 890  O O   . HOH B 2 .   ? -11.866 -6.518  -9.406  1.00 27.37 ? 135 HOH X O   1 
HETATM 891  O O   . HOH B 2 .   ? -11.012 -8.584  -8.281  1.00 27.13 ? 136 HOH X O   1 
HETATM 892  O O   . HOH B 2 .   ? 8.426   -2.101  -12.417 1.00 35.08 ? 137 HOH X O   1 
HETATM 893  O O   . HOH B 2 .   ? 2.666   16.308  0.167   1.00 32.56 ? 138 HOH X O   1 
HETATM 894  O O   . HOH B 2 .   ? 11.507  -6.019  -13.141 1.00 28.29 ? 139 HOH X O   1 
HETATM 895  O O   . HOH B 2 .   ? -25.456 -2.602  6.833   1.00 29.08 ? 140 HOH X O   1 
HETATM 896  O O   . HOH B 2 .   ? -6.802  -0.459  -12.622 1.00 29.69 ? 141 HOH X O   1 
HETATM 897  O O   . HOH B 2 .   ? -4.307  5.617   9.499   1.00 31.38 ? 142 HOH X O   1 
HETATM 898  O O   . HOH B 2 .   ? -3.037  -11.062 6.227   1.00 26.77 ? 143 HOH X O   1 
HETATM 899  O O   . HOH B 2 .   ? 9.070   -12.359 0.178   1.00 31.15 ? 144 HOH X O   1 
HETATM 900  O O   . HOH B 2 .   ? -4.867  3.347   10.795  1.00 26.17 ? 145 HOH X O   1 
HETATM 901  O O   . HOH B 2 .   ? -9.914  -6.418  11.996  1.00 32.33 ? 146 HOH X O   1 
HETATM 902  O O   . HOH B 2 .   ? 15.283  3.567   6.842   1.00 40.90 ? 147 HOH X O   1 
HETATM 903  O O   . HOH B 2 .   ? -26.921 -6.627  11.548  1.00 33.64 ? 148 HOH X O   1 
HETATM 904  O O   . HOH B 2 .   ? -2.042  17.546  2.356   1.00 36.89 ? 149 HOH X O   1 
HETATM 905  O O   . HOH B 2 .   ? 3.944   -2.352  -9.807  1.00 29.16 ? 150 HOH X O   1 
HETATM 906  O O   . HOH B 2 .   ? 11.855  -9.261  -0.933  1.00 26.57 ? 151 HOH X O   1 
HETATM 907  O O   . HOH B 2 .   ? -3.759  11.967  3.572   1.00 36.40 ? 152 HOH X O   1 
HETATM 908  O O   . HOH B 2 .   ? -4.320  -4.584  -15.432 1.00 34.79 ? 154 HOH X O   1 
HETATM 909  O O   . HOH B 2 .   ? -17.602 -5.871  12.289  1.00 29.03 ? 155 HOH X O   1 
HETATM 910  O O   . HOH B 2 .   ? 11.089  6.427   6.800   1.00 40.36 ? 156 HOH X O   1 
HETATM 911  O O   . HOH B 2 .   ? 5.850   -0.380  10.278  1.00 34.75 ? 157 HOH X O   1 
HETATM 912  O O   . HOH B 2 .   ? -0.089  -8.881  -8.701  1.00 31.74 ? 158 HOH X O   1 
HETATM 913  O O   . HOH B 2 .   ? -9.807  7.412   -1.978  1.00 31.43 ? 159 HOH X O   1 
HETATM 914  O O   . HOH B 2 .   ? 7.167   9.382   8.035   1.00 42.70 ? 160 HOH X O   1 
HETATM 915  O O   . HOH B 2 .   ? 6.935   14.846  -1.885  1.00 42.03 ? 161 HOH X O   1 
HETATM 916  O O   . HOH B 2 .   ? -7.234  -12.892 10.133  1.00 46.90 ? 162 HOH X O   1 
HETATM 917  O O   . HOH B 2 .   ? -10.229 -0.493  11.575  1.00 37.08 ? 163 HOH X O   1 
HETATM 918  O O   . HOH B 2 .   ? -22.872 -8.377  11.918  1.00 37.91 ? 164 HOH X O   1 
HETATM 919  O O   . HOH B 2 .   ? -11.013 5.593   -1.201  1.00 37.06 ? 165 HOH X O   1 
HETATM 920  O O   . HOH B 2 .   ? -6.772  -4.137  -14.643 1.00 31.99 ? 166 HOH X O   1 
HETATM 921  O O   . HOH B 2 .   ? -4.665  7.790   9.262   1.00 37.75 ? 167 HOH X O   1 
HETATM 922  O O   . HOH B 2 .   ? -0.418  -3.879  -12.849 1.00 45.50 ? 168 HOH X O   1 
HETATM 923  O O   . HOH B 2 .   ? -12.898 -13.304 -8.082  1.00 23.13 ? 169 HOH X O   1 
HETATM 924  O O   . HOH B 2 .   ? -8.778  5.709   -4.212  1.00 14.12 ? 170 HOH X O   1 
HETATM 925  O O   . HOH B 2 .   ? 12.146  -4.900  -10.454 1.00 14.14 ? 171 HOH X O   1 
HETATM 926  O O   . HOH B 2 .   ? 7.214   -6.576  -0.779  1.00 13.57 ? 172 HOH X O   1 
HETATM 927  O O   . HOH B 2 .   ? -3.342  8.859   -8.625  1.00 14.13 ? 173 HOH X O   1 
HETATM 928  O O   . HOH B 2 .   ? 3.905   14.214  -0.992  1.00 20.05 ? 174 HOH X O   1 
HETATM 929  O O   . HOH B 2 .   ? -12.918 -9.350  -6.621  1.00 19.18 ? 175 HOH X O   1 
HETATM 930  O O   . HOH B 2 .   ? 10.851  4.660   3.585   1.00 18.85 ? 176 HOH X O   1 
HETATM 931  O O   . HOH B 2 .   ? -23.523 -8.008  2.968   1.00 21.33 ? 177 HOH X O   1 
HETATM 932  O O   . HOH B 2 .   ? -0.869  8.593   -9.833  1.00 15.02 ? 178 HOH X O   1 
HETATM 933  O O   . HOH B 2 .   ? 5.008   8.213   7.200   1.00 20.14 ? 179 HOH X O   1 
HETATM 934  O O   . HOH B 2 .   ? -16.229 -0.829  -0.449  1.00 21.66 ? 180 HOH X O   1 
HETATM 935  O O   . HOH B 2 .   ? 7.505   -0.040  -10.955 1.00 19.42 ? 181 HOH X O   1 
HETATM 936  O O   . HOH B 2 .   ? 12.735  -2.696  -0.483  1.00 18.02 ? 182 HOH X O   1 
HETATM 937  O O   . HOH B 2 .   ? -7.195  3.212   -8.563  1.00 18.60 ? 183 HOH X O   1 
HETATM 938  O O   . HOH B 2 .   ? -15.975 -9.864  -3.312  1.00 16.39 ? 184 HOH X O   1 
HETATM 939  O O   . HOH B 2 .   ? 10.547  -7.659  -3.660  1.00 14.71 ? 185 HOH X O   1 
HETATM 940  O O   . HOH B 2 .   ? 3.423   -6.392  -6.816  1.00 17.00 ? 186 HOH X O   1 
HETATM 941  O O   . HOH B 2 .   ? -2.590  -7.995  2.484   1.00 13.94 ? 187 HOH X O   1 
HETATM 942  O O   . HOH B 2 .   ? -5.515  -13.815 0.871   1.00 19.99 ? 188 HOH X O   1 
HETATM 943  O O   . HOH B 2 .   ? -9.282  -2.419  9.735   1.00 18.01 ? 189 HOH X O   1 
HETATM 944  O O   . HOH B 2 .   ? -15.539 -2.285  10.017  1.00 18.92 ? 190 HOH X O   1 
HETATM 945  O O   . HOH B 2 .   ? 12.138  2.022   4.102   1.00 22.15 ? 191 HOH X O   1 
HETATM 946  O O   . HOH B 2 .   ? 3.668   1.928   7.858   1.00 22.42 ? 192 HOH X O   1 
HETATM 947  O O   . HOH B 2 .   ? -11.347 2.948   -1.059  1.00 18.89 ? 193 HOH X O   1 
HETATM 948  O O   . HOH B 2 .   ? 7.738   -3.708  -10.369 1.00 21.94 ? 194 HOH X O   1 
HETATM 949  O O   . HOH B 2 .   ? -22.441 -5.389  6.373   1.00 22.41 ? 195 HOH X O   1 
HETATM 950  O O   . HOH B 2 .   ? -5.141  -11.029 4.478   1.00 23.22 ? 196 HOH X O   1 
HETATM 951  O O   . HOH B 2 .   ? -13.229 0.557   -4.705  1.00 18.06 ? 197 HOH X O   1 
HETATM 952  O O   . HOH B 2 .   ? 9.074   -9.864  -0.738  1.00 19.47 ? 198 HOH X O   1 
HETATM 953  O O   . HOH B 2 .   ? -4.320  -10.348 1.398   1.00 22.05 ? 199 HOH X O   1 
HETATM 954  O O   . HOH B 2 .   ? 5.992   -9.412  -4.329  1.00 20.06 ? 200 HOH X O   1 
HETATM 955  O O   . HOH B 2 .   ? -20.158 0.968   5.545   1.00 18.58 ? 201 HOH X O   1 
HETATM 956  O O   . HOH B 2 .   ? -7.711  0.960   -10.481 1.00 23.52 ? 202 HOH X O   1 
HETATM 957  O O   . HOH B 2 .   ? 4.949   -0.170  -11.405 1.00 26.05 ? 203 HOH X O   1 
HETATM 958  O O   . HOH B 2 .   ? -20.296 -3.480  2.927   1.00 26.98 ? 204 HOH X O   1 
HETATM 959  O O   . HOH B 2 .   ? 0.631   -7.536  -6.158  1.00 20.46 ? 205 HOH X O   1 
HETATM 960  O O   . HOH B 2 .   ? -3.148  -11.896 -2.422  1.00 20.26 ? 206 HOH X O   1 
HETATM 961  O O   . HOH B 2 .   ? 13.187  -7.163  -2.204  1.00 21.64 ? 207 HOH X O   1 
HETATM 962  O O   . HOH B 2 .   ? -9.272  -5.286  9.931   1.00 21.79 ? 208 HOH X O   1 
HETATM 963  O O   . HOH B 2 .   ? 14.027  -1.577  1.947   1.00 24.63 ? 209 HOH X O   1 
HETATM 964  O O   . HOH B 2 .   ? -17.806 -4.059  9.861   1.00 22.51 ? 210 HOH X O   1 
HETATM 965  O O   . HOH B 2 .   ? 8.039   2.904   -11.558 1.00 31.24 ? 211 HOH X O   1 
HETATM 966  O O   . HOH B 2 .   ? -10.013 -12.710 8.460   1.00 30.29 ? 212 HOH X O   1 
HETATM 967  O O   . HOH B 2 .   ? -13.145 -4.209  9.608   1.00 23.70 ? 213 HOH X O   1 
HETATM 968  O O   . HOH B 2 .   ? 22.001  10.928  -1.532  1.00 26.05 ? 214 HOH X O   1 
HETATM 969  O O   . HOH B 2 .   ? -7.512  -8.649  -8.149  1.00 33.70 ? 215 HOH X O   1 
HETATM 970  O O   . HOH B 2 .   ? -23.168 -3.103  7.373   1.00 25.56 ? 216 HOH X O   1 
HETATM 971  O O   . HOH B 2 .   ? -2.403  12.647  1.113   1.00 21.01 ? 217 HOH X O   1 
HETATM 972  O O   . HOH B 2 .   ? -5.816  -13.575 3.670   1.00 22.45 ? 218 HOH X O   1 
HETATM 973  O O   . HOH B 2 .   ? -2.712  11.126  -7.078  1.00 26.95 ? 219 HOH X O   1 
HETATM 974  O O   . HOH B 2 .   ? 6.411   0.877   7.610   1.00 22.25 ? 220 HOH X O   1 
HETATM 975  O O   . HOH B 2 .   ? -14.106 0.654   -2.093  1.00 23.68 ? 221 HOH X O   1 
HETATM 976  O O   . HOH B 2 .   ? -1.187  -6.376  8.995   1.00 23.05 ? 222 HOH X O   1 
HETATM 977  O O   . HOH B 2 .   ? -11.967 -16.179 3.015   1.00 24.92 ? 223 HOH X O   1 
HETATM 978  O O   . HOH B 2 .   ? -1.040  -9.545  5.617   1.00 20.51 ? 224 HOH X O   1 
HETATM 979  O O   . HOH B 2 .   ? -18.616 -15.168 3.990   1.00 23.03 ? 225 HOH X O   1 
HETATM 980  O O   . HOH B 2 .   ? -14.104 -13.392 -5.336  1.00 26.80 ? 226 HOH X O   1 
HETATM 981  O O   . HOH B 2 .   ? 9.858   13.188  -3.984  1.00 26.63 ? 227 HOH X O   1 
HETATM 982  O O   . HOH B 2 .   ? 12.756  7.329   -12.627 1.00 29.05 ? 228 HOH X O   1 
HETATM 983  O O   . HOH B 2 .   ? -1.950  -7.006  -9.963  1.00 30.30 ? 229 HOH X O   1 
HETATM 984  O O   . HOH B 2 .   ? -2.951  -6.055  -12.186 1.00 32.35 ? 230 HOH X O   1 
HETATM 985  O O   . HOH B 2 .   ? 7.152   -8.695  7.610   1.00 22.35 ? 231 HOH X O   1 
HETATM 986  O O   . HOH B 2 .   ? 12.393  11.736  4.551   1.00 34.42 ? 232 HOH X O   1 
HETATM 987  O O   . HOH B 2 .   ? -18.940 -8.246  12.231  1.00 28.93 ? 233 HOH X O   1 
HETATM 988  O O   . HOH B 2 .   ? -7.771  8.535   -0.794  1.00 25.02 ? 234 HOH X O   1 
HETATM 989  O O   . HOH B 2 .   ? -16.042 -16.687 0.857   1.00 26.38 ? 235 HOH X O   1 
HETATM 990  O O   . HOH B 2 .   ? -9.614  -11.746 -5.665  1.00 31.55 ? 236 HOH X O   1 
HETATM 991  O O   . HOH B 2 .   ? 10.581  0.705   -12.546 1.00 24.56 ? 237 HOH X O   1 
HETATM 992  O O   . HOH B 2 .   ? 2.207   13.705  5.615   1.00 27.20 ? 238 HOH X O   1 
HETATM 993  O O   . HOH B 2 .   ? -15.003 -6.080  8.910   1.00 22.40 ? 239 HOH X O   1 
HETATM 994  O O   . HOH B 2 .   ? 18.697  1.481   -5.554  1.00 36.89 ? 240 HOH X O   1 
HETATM 995  O O   . HOH B 2 .   ? 19.051  10.074  1.128   1.00 27.15 ? 241 HOH X O   1 
HETATM 996  O O   . HOH B 2 .   ? -1.654  15.090  -7.973  1.00 26.93 ? 242 HOH X O   1 
HETATM 997  O O   . HOH B 2 .   ? 2.617   15.629  -5.719  1.00 25.35 ? 243 HOH X O   1 
HETATM 998  O O   . HOH B 2 .   ? -14.566 -8.416  10.513  1.00 23.82 ? 244 HOH X O   1 
HETATM 999  O O   . HOH B 2 .   ? 0.823   -2.802  -10.476 1.00 30.80 ? 245 HOH X O   1 
HETATM 1000 O O   . HOH B 2 .   ? -5.043  -0.065  -14.431 1.00 26.72 ? 246 HOH X O   1 
HETATM 1001 O O   . HOH B 2 .   ? -10.869 -1.219  -11.377 1.00 27.88 ? 247 HOH X O   1 
HETATM 1002 O O   . HOH B 2 .   ? 6.818   11.874  -5.887  1.00 27.07 ? 248 HOH X O   1 
HETATM 1003 O O   . HOH B 2 .   ? 19.510  18.348  -5.120  1.00 22.79 ? 249 HOH X O   1 
HETATM 1004 O O   . HOH B 2 .   ? -16.050 -16.372 4.129   1.00 27.50 ? 250 HOH X O   1 
HETATM 1005 O O   . HOH B 2 .   ? 8.351   2.701   5.999   1.00 26.60 ? 251 HOH X O   1 
HETATM 1006 O O   . HOH B 2 .   ? -8.446  -12.354 6.321   1.00 33.50 ? 252 HOH X O   1 
HETATM 1007 O O   . HOH B 2 .   ? 20.569  5.993   -7.908  1.00 27.18 ? 253 HOH X O   1 
HETATM 1008 O O   . HOH B 2 .   ? 12.601  13.017  -3.599  1.00 26.62 ? 254 HOH X O   1 
HETATM 1009 O O   . HOH B 2 .   ? -0.463  -11.072 9.725   1.00 35.95 ? 255 HOH X O   1 
HETATM 1010 O O   . HOH B 2 .   ? 18.913  13.937  -0.435  1.00 26.20 ? 256 HOH X O   1 
HETATM 1011 O O   . HOH B 2 .   ? -0.717  -9.962  -4.175  1.00 27.26 ? 257 HOH X O   1 
HETATM 1012 O O   . HOH B 2 .   ? 11.246  0.694   6.478   1.00 35.70 ? 258 HOH X O   1 
HETATM 1013 O O   . HOH B 2 .   ? 7.975   -1.996  6.078   1.00 28.01 ? 259 HOH X O   1 
HETATM 1014 O O   . HOH B 2 .   ? 7.915   -13.373 2.587   1.00 28.53 ? 260 HOH X O   1 
HETATM 1015 O O   . HOH B 2 .   ? 5.954   13.178  0.733   1.00 30.06 ? 261 HOH X O   1 
HETATM 1016 O O   . HOH B 2 .   ? 5.116   -15.120 4.924   1.00 31.09 ? 262 HOH X O   1 
HETATM 1017 O O   . HOH B 2 .   ? 5.915   12.317  -3.434  1.00 18.22 ? 263 HOH X O   1 
HETATM 1018 O O   . HOH B 2 .   ? 8.457   9.574   5.990   1.00 31.34 ? 264 HOH X O   1 
HETATM 1019 O O   . HOH B 2 .   ? 10.773  15.136  -1.293  1.00 31.63 ? 265 HOH X O   1 
HETATM 1020 O O   . HOH B 2 .   ? -6.604  -3.232  -12.221 1.00 23.71 ? 266 HOH X O   1 
HETATM 1021 O O   . HOH B 2 .   ? 17.441  3.379   -11.682 1.00 33.87 ? 267 HOH X O   1 
HETATM 1022 O O   . HOH B 2 .   ? 1.445   -9.406  -4.707  1.00 33.22 ? 268 HOH X O   1 
HETATM 1023 O O   . HOH B 2 .   ? 16.699  8.791   1.435   1.00 28.44 ? 269 HOH X O   1 
HETATM 1024 O O   . HOH B 2 .   ? -1.760  -7.117  11.368  1.00 37.89 ? 270 HOH X O   1 
HETATM 1025 O O   . HOH B 2 .   ? 8.412   -10.424 9.669   1.00 30.17 ? 271 HOH X O   1 
HETATM 1026 O O   . HOH B 2 .   ? -13.927 -2.280  -6.428  1.00 40.63 ? 272 HOH X O   1 
HETATM 1027 O O   . HOH B 2 .   ? -24.543 -6.424  10.281  1.00 27.28 ? 273 HOH X O   1 
HETATM 1028 O O   . HOH B 2 .   ? -0.048  10.990  -10.163 1.00 35.75 ? 274 HOH X O   1 
HETATM 1029 O O   . HOH B 2 .   ? 18.021  0.719   1.079   1.00 38.04 ? 275 HOH X O   1 
HETATM 1030 O O   . HOH B 2 .   ? -2.143  14.969  4.203   1.00 40.52 ? 276 HOH X O   1 
# 
loop_
_pdbx_poly_seq_scheme.asym_id 
_pdbx_poly_seq_scheme.entity_id 
_pdbx_poly_seq_scheme.seq_id 
_pdbx_poly_seq_scheme.mon_id 
_pdbx_poly_seq_scheme.ndb_seq_num 
_pdbx_poly_seq_scheme.pdb_seq_num 
_pdbx_poly_seq_scheme.auth_seq_num 
_pdbx_poly_seq_scheme.pdb_mon_id 
_pdbx_poly_seq_scheme.auth_mon_id 
_pdbx_poly_seq_scheme.pdb_strand_id 
_pdbx_poly_seq_scheme.pdb_ins_code 
_pdbx_poly_seq_scheme.hetero 
A 1 1   GLY 1   -2  ?   ?   ?   X . n 
A 1 2   SER 2   -1  ?   ?   ?   X . n 
A 1 3   HIS 3   0   ?   ?   ?   X . n 
A 1 4   MET 4   1   1   MET MET X . n 
A 1 5   SER 5   2   2   SER SER X . n 
A 1 6   TYR 6   3   3   TYR TYR X . n 
A 1 7   ALA 7   4   4   ALA ALA X . n 
A 1 8   ASP 8   5   5   ASP ASP X . n 
A 1 9   SER 9   6   6   SER SER X . n 
A 1 10  SER 10  7   7   SER SER X . n 
A 1 11  ARG 11  8   8   ARG ARG X . n 
A 1 12  ASN 12  9   9   ASN ASN X . n 
A 1 13  ALA 13  10  10  ALA ALA X . n 
A 1 14  VAL 14  11  11  VAL VAL X . n 
A 1 15  LEU 15  12  12  LEU LEU X . n 
A 1 16  THR 16  13  13  THR THR X . n 
A 1 17  ASN 17  14  14  ASN ASN X . n 
A 1 18  GLY 18  15  15  GLY GLY X . n 
A 1 19  GLY 19  16  16  GLY GLY X . n 
A 1 20  ARG 20  17  17  ARG ARG X . n 
A 1 21  THR 21  18  18  THR THR X . n 
A 1 22  LEU 22  19  19  LEU LEU X . n 
A 1 23  ARG 23  20  20  ARG ARG X . n 
A 1 24  ALA 24  21  21  ALA ALA X . n 
A 1 25  GLU 25  22  22  GLU GLU X . n 
A 1 26  CYS 26  23  23  CYS CYS X . n 
A 1 27  ARG 27  24  24  ARG ARG X . n 
A 1 28  ASN 28  25  25  ASN ASN X . n 
A 1 29  ALA 29  26  26  ALA ALA X . n 
A 1 30  ASP 30  27  27  ASP ASP X . n 
A 1 31  GLY 31  28  28  GLY GLY X . n 
A 1 32  ASN 32  29  29  ASN ASN X . n 
A 1 33  TRP 33  30  30  TRP TRP X . n 
A 1 34  VAL 34  31  31  VAL VAL X . n 
A 1 35  THR 35  32  32  THR THR X . n 
A 1 36  SER 36  33  33  SER SER X . n 
A 1 37  GLU 37  34  34  GLU GLU X . n 
A 1 38  LEU 38  35  35  LEU LEU X . n 
A 1 39  ASP 39  36  36  ASP ASP X . n 
A 1 40  LEU 40  37  37  LEU LEU X . n 
A 1 41  ASP 41  38  38  ASP ASP X . n 
A 1 42  THR 42  39  39  THR THR X . n 
A 1 43  ILE 43  40  40  ILE ILE X . n 
A 1 44  ILE 44  41  41  ILE ILE X . n 
A 1 45  GLY 45  42  42  GLY GLY X . n 
A 1 46  ASN 46  43  43  ASN ASN X . n 
A 1 47  ASN 47  44  44  ASN ASN X . n 
A 1 48  ASP 48  45  45  ASP ASP X . n 
A 1 49  GLY 49  46  46  GLY GLY X . n 
A 1 50  HIS 50  47  47  HIS HIS X . n 
A 1 51  PHE 51  48  48  PHE PHE X . n 
A 1 52  GLN 52  49  49  GLN GLN X . n 
A 1 53  TRP 53  50  50  TRP TRP X . n 
A 1 54  GLY 54  51  51  GLY GLY X . n 
A 1 55  GLY 55  52  52  GLY GLY X . n 
A 1 56  GLN 56  53  53  GLN GLN X . n 
A 1 57  ASN 57  54  54  ASN ASN X . n 
A 1 58  PHE 58  55  55  PHE PHE X . n 
A 1 59  THR 59  56  56  THR THR X . n 
A 1 60  GLU 60  57  57  GLU GLU X . n 
A 1 61  THR 61  58  58  THR THR X . n 
A 1 62  ALA 62  59  59  ALA ALA X . n 
A 1 63  GLU 63  60  60  GLU GLU X . n 
A 1 64  ASP 64  61  61  ASP ASP X . n 
A 1 65  ILE 65  62  62  ILE ILE X . n 
A 1 66  ARG 66  63  63  ARG ARG X . n 
A 1 67  PHE 67  64  64  PHE PHE X . n 
A 1 68  HIS 68  65  65  HIS HIS X . n 
A 1 69  PRO 69  66  66  PRO PRO X . n 
A 1 70  LYS 70  67  67  LYS LYS X . n 
A 1 71  GLU 71  68  68  GLU GLU X . n 
A 1 72  GLY 72  69  69  GLY GLY X . n 
A 1 73  ALA 73  70  70  ALA ALA X . n 
A 1 74  ALA 74  71  71  ALA ALA X . n 
A 1 75  GLU 75  72  72  GLU GLU X . n 
A 1 76  GLN 76  73  73  GLN GLN X . n 
A 1 77  PRO 77  74  74  PRO PRO X . n 
A 1 78  ILE 78  75  75  ILE ILE X . n 
A 1 79  LEU 79  76  76  LEU LEU X . n 
A 1 80  ARG 80  77  77  ARG ARG X . n 
A 1 81  ALA 81  78  78  ALA ALA X . n 
A 1 82  ARG 82  79  79  ARG ARG X . n 
A 1 83  LEU 83  80  80  LEU LEU X . n 
A 1 84  ARG 84  81  81  ARG ARG X . n 
A 1 85  ASP 85  82  82  ASP ASP X . n 
A 1 86  CYS 86  83  83  CYS CYS X . n 
A 1 87  ASN 87  84  84  ASN ASN X . n 
A 1 88  GLY 88  85  85  GLY GLY X . n 
A 1 89  GLU 89  86  86  GLU GLU X . n 
A 1 90  PHE 90  87  87  PHE PHE X . n 
A 1 91  HIS 91  88  88  HIS HIS X . n 
A 1 92  ASP 92  89  89  ASP ASP X . n 
A 1 93  ARG 93  90  90  ARG ARG X . n 
A 1 94  ASP 94  91  91  ASP ASP X . n 
A 1 95  VAL 95  92  92  VAL VAL X . n 
A 1 96  ASN 96  93  93  ASN ASN X . n 
A 1 97  LEU 97  94  94  LEU LEU X . n 
A 1 98  ASN 98  95  95  ASN ASN X . n 
A 1 99  ARG 99  96  96  ARG ARG X . n 
A 1 100 ILE 100 97  97  ILE ILE X . n 
A 1 101 GLN 101 98  98  GLN GLN X . n 
A 1 102 ASN 102 99  99  ASN ASN X . n 
A 1 103 VAL 103 100 100 VAL VAL X . n 
A 1 104 ASN 104 101 101 ASN ASN X . n 
A 1 105 GLY 105 102 102 GLY GLY X . n 
A 1 106 ARG 106 103 103 ARG ARG X . n 
A 1 107 LEU 107 104 104 LEU LEU X . n 
A 1 108 VAL 108 105 105 VAL VAL X . n 
A 1 109 PHE 109 106 106 PHE PHE X . n 
A 1 110 GLN 110 107 ?   ?   ?   X . n 
# 
loop_
_pdbx_nonpoly_scheme.asym_id 
_pdbx_nonpoly_scheme.entity_id 
_pdbx_nonpoly_scheme.mon_id 
_pdbx_nonpoly_scheme.ndb_seq_num 
_pdbx_nonpoly_scheme.pdb_seq_num 
_pdbx_nonpoly_scheme.auth_seq_num 
_pdbx_nonpoly_scheme.pdb_mon_id 
_pdbx_nonpoly_scheme.auth_mon_id 
_pdbx_nonpoly_scheme.pdb_strand_id 
_pdbx_nonpoly_scheme.pdb_ins_code 
B 2 HOH 1   108 108 HOH HOH X . 
B 2 HOH 2   109 109 HOH HOH X . 
B 2 HOH 3   110 110 HOH HOH X . 
B 2 HOH 4   111 111 HOH HOH X . 
B 2 HOH 5   112 112 HOH HOH X . 
B 2 HOH 6   113 113 HOH HOH X . 
B 2 HOH 7   114 114 HOH HOH X . 
B 2 HOH 8   115 115 HOH HOH X . 
B 2 HOH 9   116 116 HOH HOH X . 
B 2 HOH 10  117 117 HOH HOH X . 
B 2 HOH 11  118 118 HOH HOH X . 
B 2 HOH 12  119 119 HOH HOH X . 
B 2 HOH 13  120 120 HOH HOH X . 
B 2 HOH 14  121 121 HOH HOH X . 
B 2 HOH 15  122 122 HOH HOH X . 
B 2 HOH 16  123 123 HOH HOH X . 
B 2 HOH 17  124 124 HOH HOH X . 
B 2 HOH 18  125 125 HOH HOH X . 
B 2 HOH 19  126 126 HOH HOH X . 
B 2 HOH 20  127 127 HOH HOH X . 
B 2 HOH 21  128 128 HOH HOH X . 
B 2 HOH 22  129 129 HOH HOH X . 
B 2 HOH 23  130 130 HOH HOH X . 
B 2 HOH 24  132 132 HOH HOH X . 
B 2 HOH 25  133 133 HOH HOH X . 
B 2 HOH 26  134 134 HOH HOH X . 
B 2 HOH 27  135 135 HOH HOH X . 
B 2 HOH 28  136 136 HOH HOH X . 
B 2 HOH 29  137 137 HOH HOH X . 
B 2 HOH 30  138 138 HOH HOH X . 
B 2 HOH 31  139 139 HOH HOH X . 
B 2 HOH 32  140 140 HOH HOH X . 
B 2 HOH 33  141 141 HOH HOH X . 
B 2 HOH 34  142 142 HOH HOH X . 
B 2 HOH 35  143 143 HOH HOH X . 
B 2 HOH 36  144 144 HOH HOH X . 
B 2 HOH 37  145 145 HOH HOH X . 
B 2 HOH 38  146 146 HOH HOH X . 
B 2 HOH 39  147 147 HOH HOH X . 
B 2 HOH 40  148 148 HOH HOH X . 
B 2 HOH 41  149 149 HOH HOH X . 
B 2 HOH 42  150 150 HOH HOH X . 
B 2 HOH 43  151 151 HOH HOH X . 
B 2 HOH 44  152 152 HOH HOH X . 
B 2 HOH 45  154 154 HOH HOH X . 
B 2 HOH 46  155 155 HOH HOH X . 
B 2 HOH 47  156 156 HOH HOH X . 
B 2 HOH 48  157 157 HOH HOH X . 
B 2 HOH 49  158 158 HOH HOH X . 
B 2 HOH 50  159 159 HOH HOH X . 
B 2 HOH 51  160 160 HOH HOH X . 
B 2 HOH 52  161 161 HOH HOH X . 
B 2 HOH 53  162 162 HOH HOH X . 
B 2 HOH 54  163 163 HOH HOH X . 
B 2 HOH 55  164 164 HOH HOH X . 
B 2 HOH 56  165 165 HOH HOH X . 
B 2 HOH 57  166 166 HOH HOH X . 
B 2 HOH 58  167 167 HOH HOH X . 
B 2 HOH 59  168 168 HOH HOH X . 
B 2 HOH 60  169 169 HOH HOH X . 
B 2 HOH 61  170 170 HOH HOH X . 
B 2 HOH 62  171 171 HOH HOH X . 
B 2 HOH 63  172 172 HOH HOH X . 
B 2 HOH 64  173 173 HOH HOH X . 
B 2 HOH 65  174 174 HOH HOH X . 
B 2 HOH 66  175 175 HOH HOH X . 
B 2 HOH 67  176 176 HOH HOH X . 
B 2 HOH 68  177 177 HOH HOH X . 
B 2 HOH 69  178 178 HOH HOH X . 
B 2 HOH 70  179 179 HOH HOH X . 
B 2 HOH 71  180 180 HOH HOH X . 
B 2 HOH 72  181 181 HOH HOH X . 
B 2 HOH 73  182 182 HOH HOH X . 
B 2 HOH 74  183 183 HOH HOH X . 
B 2 HOH 75  184 184 HOH HOH X . 
B 2 HOH 76  185 185 HOH HOH X . 
B 2 HOH 77  186 186 HOH HOH X . 
B 2 HOH 78  187 187 HOH HOH X . 
B 2 HOH 79  188 188 HOH HOH X . 
B 2 HOH 80  189 189 HOH HOH X . 
B 2 HOH 81  190 190 HOH HOH X . 
B 2 HOH 82  191 191 HOH HOH X . 
B 2 HOH 83  192 192 HOH HOH X . 
B 2 HOH 84  193 193 HOH HOH X . 
B 2 HOH 85  194 194 HOH HOH X . 
B 2 HOH 86  195 195 HOH HOH X . 
B 2 HOH 87  196 196 HOH HOH X . 
B 2 HOH 88  197 197 HOH HOH X . 
B 2 HOH 89  198 198 HOH HOH X . 
B 2 HOH 90  199 199 HOH HOH X . 
B 2 HOH 91  200 200 HOH HOH X . 
B 2 HOH 92  201 201 HOH HOH X . 
B 2 HOH 93  202 202 HOH HOH X . 
B 2 HOH 94  203 203 HOH HOH X . 
B 2 HOH 95  204 204 HOH HOH X . 
B 2 HOH 96  205 205 HOH HOH X . 
B 2 HOH 97  206 206 HOH HOH X . 
B 2 HOH 98  207 207 HOH HOH X . 
B 2 HOH 99  208 208 HOH HOH X . 
B 2 HOH 100 209 209 HOH HOH X . 
B 2 HOH 101 210 210 HOH HOH X . 
B 2 HOH 102 211 211 HOH HOH X . 
B 2 HOH 103 212 212 HOH HOH X . 
B 2 HOH 104 213 213 HOH HOH X . 
B 2 HOH 105 214 214 HOH HOH X . 
B 2 HOH 106 215 215 HOH HOH X . 
B 2 HOH 107 216 216 HOH HOH X . 
B 2 HOH 108 217 217 HOH HOH X . 
B 2 HOH 109 218 218 HOH HOH X . 
B 2 HOH 110 219 219 HOH HOH X . 
B 2 HOH 111 220 220 HOH HOH X . 
B 2 HOH 112 221 221 HOH HOH X . 
B 2 HOH 113 222 222 HOH HOH X . 
B 2 HOH 114 223 223 HOH HOH X . 
B 2 HOH 115 224 224 HOH HOH X . 
B 2 HOH 116 225 225 HOH HOH X . 
B 2 HOH 117 226 226 HOH HOH X . 
B 2 HOH 118 227 227 HOH HOH X . 
B 2 HOH 119 228 228 HOH HOH X . 
B 2 HOH 120 229 229 HOH HOH X . 
B 2 HOH 121 230 230 HOH HOH X . 
B 2 HOH 122 231 231 HOH HOH X . 
B 2 HOH 123 232 232 HOH HOH X . 
B 2 HOH 124 233 233 HOH HOH X . 
B 2 HOH 125 234 234 HOH HOH X . 
B 2 HOH 126 235 235 HOH HOH X . 
B 2 HOH 127 236 236 HOH HOH X . 
B 2 HOH 128 237 237 HOH HOH X . 
B 2 HOH 129 238 238 HOH HOH X . 
B 2 HOH 130 239 239 HOH HOH X . 
B 2 HOH 131 240 240 HOH HOH X . 
B 2 HOH 132 241 241 HOH HOH X . 
B 2 HOH 133 242 242 HOH HOH X . 
B 2 HOH 134 243 243 HOH HOH X . 
B 2 HOH 135 244 244 HOH HOH X . 
B 2 HOH 136 245 245 HOH HOH X . 
B 2 HOH 137 246 246 HOH HOH X . 
B 2 HOH 138 247 247 HOH HOH X . 
B 2 HOH 139 248 248 HOH HOH X . 
B 2 HOH 140 249 249 HOH HOH X . 
B 2 HOH 141 250 250 HOH HOH X . 
B 2 HOH 142 251 251 HOH HOH X . 
B 2 HOH 143 252 252 HOH HOH X . 
B 2 HOH 144 253 253 HOH HOH X . 
B 2 HOH 145 254 254 HOH HOH X . 
B 2 HOH 146 255 255 HOH HOH X . 
B 2 HOH 147 256 256 HOH HOH X . 
B 2 HOH 148 257 257 HOH HOH X . 
B 2 HOH 149 258 258 HOH HOH X . 
B 2 HOH 150 259 259 HOH HOH X . 
B 2 HOH 151 260 260 HOH HOH X . 
B 2 HOH 152 261 261 HOH HOH X . 
B 2 HOH 153 262 262 HOH HOH X . 
B 2 HOH 154 263 263 HOH HOH X . 
B 2 HOH 155 264 264 HOH HOH X . 
B 2 HOH 156 265 265 HOH HOH X . 
B 2 HOH 157 266 266 HOH HOH X . 
B 2 HOH 158 267 267 HOH HOH X . 
B 2 HOH 159 268 268 HOH HOH X . 
B 2 HOH 160 269 269 HOH HOH X . 
B 2 HOH 161 270 270 HOH HOH X . 
B 2 HOH 162 271 271 HOH HOH X . 
B 2 HOH 163 272 272 HOH HOH X . 
B 2 HOH 164 273 273 HOH HOH X . 
B 2 HOH 165 274 274 HOH HOH X . 
B 2 HOH 166 275 275 HOH HOH X . 
B 2 HOH 167 276 276 HOH HOH X . 
# 
_pdbx_struct_assembly.id                   1 
_pdbx_struct_assembly.details              author_and_software_defined_assembly 
_pdbx_struct_assembly.method_details       PISA 
_pdbx_struct_assembly.oligomeric_details   monomeric 
_pdbx_struct_assembly.oligomeric_count     1 
# 
_pdbx_struct_assembly_gen.assembly_id       1 
_pdbx_struct_assembly_gen.oper_expression   1 
_pdbx_struct_assembly_gen.asym_id_list      A,B 
# 
_pdbx_struct_oper_list.id                   1 
_pdbx_struct_oper_list.type                 'identity operation' 
_pdbx_struct_oper_list.name                 1_555 
_pdbx_struct_oper_list.symmetry_operation   x,y,z 
_pdbx_struct_oper_list.matrix[1][1]         1.0000000000 
_pdbx_struct_oper_list.matrix[1][2]         0.0000000000 
_pdbx_struct_oper_list.matrix[1][3]         0.0000000000 
_pdbx_struct_oper_list.vector[1]            0.0000000000 
_pdbx_struct_oper_list.matrix[2][1]         0.0000000000 
_pdbx_struct_oper_list.matrix[2][2]         1.0000000000 
_pdbx_struct_oper_list.matrix[2][3]         0.0000000000 
_pdbx_struct_oper_list.vector[2]            0.0000000000 
_pdbx_struct_oper_list.matrix[3][1]         0.0000000000 
_pdbx_struct_oper_list.matrix[3][2]         0.0000000000 
_pdbx_struct_oper_list.matrix[3][3]         1.0000000000 
_pdbx_struct_oper_list.vector[3]            0.0000000000 
# 
loop_
_pdbx_audit_revision_history.ordinal 
_pdbx_audit_revision_history.data_content_type 
_pdbx_audit_revision_history.major_revision 
_pdbx_audit_revision_history.minor_revision 
_pdbx_audit_revision_history.revision_date 
1 'Structure model' 1 0 2009-06-23 
2 'Structure model' 1 1 2011-07-13 
3 'Structure model' 1 2 2017-08-16 
4 'Structure model' 1 3 2023-09-06 
# 
_pdbx_audit_revision_details.ordinal             1 
_pdbx_audit_revision_details.revision_ordinal    1 
_pdbx_audit_revision_details.data_content_type   'Structure model' 
_pdbx_audit_revision_details.provider            repository 
_pdbx_audit_revision_details.type                'Initial release' 
_pdbx_audit_revision_details.description         ? 
_pdbx_audit_revision_details.details             ? 
# 
loop_
_pdbx_audit_revision_group.ordinal 
_pdbx_audit_revision_group.revision_ordinal 
_pdbx_audit_revision_group.data_content_type 
_pdbx_audit_revision_group.group 
1 2 'Structure model' 'Version format compliance' 
2 3 'Structure model' 'Refinement description'    
3 3 'Structure model' 'Source and taxonomy'       
4 3 'Structure model' 'Structure summary'         
5 4 'Structure model' 'Data collection'           
6 4 'Structure model' 'Database references'       
7 4 'Structure model' 'Refinement description'    
# 
loop_
_pdbx_audit_revision_category.ordinal 
_pdbx_audit_revision_category.revision_ordinal 
_pdbx_audit_revision_category.data_content_type 
_pdbx_audit_revision_category.category 
1 3 'Structure model' audit_author                  
2 3 'Structure model' entity_src_gen                
3 3 'Structure model' software                      
4 4 'Structure model' chem_comp_atom                
5 4 'Structure model' chem_comp_bond                
6 4 'Structure model' database_2                    
7 4 'Structure model' pdbx_initial_refinement_model 
8 4 'Structure model' struct_ref_seq_dif            
# 
loop_
_pdbx_audit_revision_item.ordinal 
_pdbx_audit_revision_item.revision_ordinal 
_pdbx_audit_revision_item.data_content_type 
_pdbx_audit_revision_item.item 
1 3 'Structure model' '_audit_author.name'                  
2 4 'Structure model' '_database_2.pdbx_DOI'                
3 4 'Structure model' '_database_2.pdbx_database_accession' 
4 4 'Structure model' '_struct_ref_seq_dif.details'         
# 
loop_
_software.name 
_software.classification 
_software.version 
_software.citation_id 
_software.pdbx_ordinal 
StructureStudio 'data collection' .        ? 1 
PHASER          phasing           .        ? 2 
REFMAC          refinement        5.5.0044 ? 3 
d*TREK          'data reduction'  .        ? 4 
d*TREK          'data scaling'    .        ? 5 
# 
loop_
_pdbx_validate_torsion.id 
_pdbx_validate_torsion.PDB_model_num 
_pdbx_validate_torsion.auth_comp_id 
_pdbx_validate_torsion.auth_asym_id 
_pdbx_validate_torsion.auth_seq_id 
_pdbx_validate_torsion.PDB_ins_code 
_pdbx_validate_torsion.label_alt_id 
_pdbx_validate_torsion.phi 
_pdbx_validate_torsion.psi 
1 1 SER X 6  ? ? -142.26 26.34 
2 1 LYS X 67 ? ? -145.24 56.37 
# 
loop_
_pdbx_unobs_or_zero_occ_residues.id 
_pdbx_unobs_or_zero_occ_residues.PDB_model_num 
_pdbx_unobs_or_zero_occ_residues.polymer_flag 
_pdbx_unobs_or_zero_occ_residues.occupancy_flag 
_pdbx_unobs_or_zero_occ_residues.auth_asym_id 
_pdbx_unobs_or_zero_occ_residues.auth_comp_id 
_pdbx_unobs_or_zero_occ_residues.auth_seq_id 
_pdbx_unobs_or_zero_occ_residues.PDB_ins_code 
_pdbx_unobs_or_zero_occ_residues.label_asym_id 
_pdbx_unobs_or_zero_occ_residues.label_comp_id 
_pdbx_unobs_or_zero_occ_residues.label_seq_id 
1 1 Y 1 X GLY -2  ? A GLY 1   
2 1 Y 1 X SER -1  ? A SER 2   
3 1 Y 1 X HIS 0   ? A HIS 3   
4 1 Y 1 X GLN 107 ? A GLN 110 
# 
loop_
_chem_comp_atom.comp_id 
_chem_comp_atom.atom_id 
_chem_comp_atom.type_symbol 
_chem_comp_atom.pdbx_aromatic_flag 
_chem_comp_atom.pdbx_stereo_config 
_chem_comp_atom.pdbx_ordinal 
ALA N    N N N 1   
ALA CA   C N S 2   
ALA C    C N N 3   
ALA O    O N N 4   
ALA CB   C N N 5   
ALA OXT  O N N 6   
ALA H    H N N 7   
ALA H2   H N N 8   
ALA HA   H N N 9   
ALA HB1  H N N 10  
ALA HB2  H N N 11  
ALA HB3  H N N 12  
ALA HXT  H N N 13  
ARG N    N N N 14  
ARG CA   C N S 15  
ARG C    C N N 16  
ARG O    O N N 17  
ARG CB   C N N 18  
ARG CG   C N N 19  
ARG CD   C N N 20  
ARG NE   N N N 21  
ARG CZ   C N N 22  
ARG NH1  N N N 23  
ARG NH2  N N N 24  
ARG OXT  O N N 25  
ARG H    H N N 26  
ARG H2   H N N 27  
ARG HA   H N N 28  
ARG HB2  H N N 29  
ARG HB3  H N N 30  
ARG HG2  H N N 31  
ARG HG3  H N N 32  
ARG HD2  H N N 33  
ARG HD3  H N N 34  
ARG HE   H N N 35  
ARG HH11 H N N 36  
ARG HH12 H N N 37  
ARG HH21 H N N 38  
ARG HH22 H N N 39  
ARG HXT  H N N 40  
ASN N    N N N 41  
ASN CA   C N S 42  
ASN C    C N N 43  
ASN O    O N N 44  
ASN CB   C N N 45  
ASN CG   C N N 46  
ASN OD1  O N N 47  
ASN ND2  N N N 48  
ASN OXT  O N N 49  
ASN H    H N N 50  
ASN H2   H N N 51  
ASN HA   H N N 52  
ASN HB2  H N N 53  
ASN HB3  H N N 54  
ASN HD21 H N N 55  
ASN HD22 H N N 56  
ASN HXT  H N N 57  
ASP N    N N N 58  
ASP CA   C N S 59  
ASP C    C N N 60  
ASP O    O N N 61  
ASP CB   C N N 62  
ASP CG   C N N 63  
ASP OD1  O N N 64  
ASP OD2  O N N 65  
ASP OXT  O N N 66  
ASP H    H N N 67  
ASP H2   H N N 68  
ASP HA   H N N 69  
ASP HB2  H N N 70  
ASP HB3  H N N 71  
ASP HD2  H N N 72  
ASP HXT  H N N 73  
CYS N    N N N 74  
CYS CA   C N R 75  
CYS C    C N N 76  
CYS O    O N N 77  
CYS CB   C N N 78  
CYS SG   S N N 79  
CYS OXT  O N N 80  
CYS H    H N N 81  
CYS H2   H N N 82  
CYS HA   H N N 83  
CYS HB2  H N N 84  
CYS HB3  H N N 85  
CYS HG   H N N 86  
CYS HXT  H N N 87  
GLN N    N N N 88  
GLN CA   C N S 89  
GLN C    C N N 90  
GLN O    O N N 91  
GLN CB   C N N 92  
GLN CG   C N N 93  
GLN CD   C N N 94  
GLN OE1  O N N 95  
GLN NE2  N N N 96  
GLN OXT  O N N 97  
GLN H    H N N 98  
GLN H2   H N N 99  
GLN HA   H N N 100 
GLN HB2  H N N 101 
GLN HB3  H N N 102 
GLN HG2  H N N 103 
GLN HG3  H N N 104 
GLN HE21 H N N 105 
GLN HE22 H N N 106 
GLN HXT  H N N 107 
GLU N    N N N 108 
GLU CA   C N S 109 
GLU C    C N N 110 
GLU O    O N N 111 
GLU CB   C N N 112 
GLU CG   C N N 113 
GLU CD   C N N 114 
GLU OE1  O N N 115 
GLU OE2  O N N 116 
GLU OXT  O N N 117 
GLU H    H N N 118 
GLU H2   H N N 119 
GLU HA   H N N 120 
GLU HB2  H N N 121 
GLU HB3  H N N 122 
GLU HG2  H N N 123 
GLU HG3  H N N 124 
GLU HE2  H N N 125 
GLU HXT  H N N 126 
GLY N    N N N 127 
GLY CA   C N N 128 
GLY C    C N N 129 
GLY O    O N N 130 
GLY OXT  O N N 131 
GLY H    H N N 132 
GLY H2   H N N 133 
GLY HA2  H N N 134 
GLY HA3  H N N 135 
GLY HXT  H N N 136 
HIS N    N N N 137 
HIS CA   C N S 138 
HIS C    C N N 139 
HIS O    O N N 140 
HIS CB   C N N 141 
HIS CG   C Y N 142 
HIS ND1  N Y N 143 
HIS CD2  C Y N 144 
HIS CE1  C Y N 145 
HIS NE2  N Y N 146 
HIS OXT  O N N 147 
HIS H    H N N 148 
HIS H2   H N N 149 
HIS HA   H N N 150 
HIS HB2  H N N 151 
HIS HB3  H N N 152 
HIS HD1  H N N 153 
HIS HD2  H N N 154 
HIS HE1  H N N 155 
HIS HE2  H N N 156 
HIS HXT  H N N 157 
HOH O    O N N 158 
HOH H1   H N N 159 
HOH H2   H N N 160 
ILE N    N N N 161 
ILE CA   C N S 162 
ILE C    C N N 163 
ILE O    O N N 164 
ILE CB   C N S 165 
ILE CG1  C N N 166 
ILE CG2  C N N 167 
ILE CD1  C N N 168 
ILE OXT  O N N 169 
ILE H    H N N 170 
ILE H2   H N N 171 
ILE HA   H N N 172 
ILE HB   H N N 173 
ILE HG12 H N N 174 
ILE HG13 H N N 175 
ILE HG21 H N N 176 
ILE HG22 H N N 177 
ILE HG23 H N N 178 
ILE HD11 H N N 179 
ILE HD12 H N N 180 
ILE HD13 H N N 181 
ILE HXT  H N N 182 
LEU N    N N N 183 
LEU CA   C N S 184 
LEU C    C N N 185 
LEU O    O N N 186 
LEU CB   C N N 187 
LEU CG   C N N 188 
LEU CD1  C N N 189 
LEU CD2  C N N 190 
LEU OXT  O N N 191 
LEU H    H N N 192 
LEU H2   H N N 193 
LEU HA   H N N 194 
LEU HB2  H N N 195 
LEU HB3  H N N 196 
LEU HG   H N N 197 
LEU HD11 H N N 198 
LEU HD12 H N N 199 
LEU HD13 H N N 200 
LEU HD21 H N N 201 
LEU HD22 H N N 202 
LEU HD23 H N N 203 
LEU HXT  H N N 204 
LYS N    N N N 205 
LYS CA   C N S 206 
LYS C    C N N 207 
LYS O    O N N 208 
LYS CB   C N N 209 
LYS CG   C N N 210 
LYS CD   C N N 211 
LYS CE   C N N 212 
LYS NZ   N N N 213 
LYS OXT  O N N 214 
LYS H    H N N 215 
LYS H2   H N N 216 
LYS HA   H N N 217 
LYS HB2  H N N 218 
LYS HB3  H N N 219 
LYS HG2  H N N 220 
LYS HG3  H N N 221 
LYS HD2  H N N 222 
LYS HD3  H N N 223 
LYS HE2  H N N 224 
LYS HE3  H N N 225 
LYS HZ1  H N N 226 
LYS HZ2  H N N 227 
LYS HZ3  H N N 228 
LYS HXT  H N N 229 
MET N    N N N 230 
MET CA   C N S 231 
MET C    C N N 232 
MET O    O N N 233 
MET CB   C N N 234 
MET CG   C N N 235 
MET SD   S N N 236 
MET CE   C N N 237 
MET OXT  O N N 238 
MET H    H N N 239 
MET H2   H N N 240 
MET HA   H N N 241 
MET HB2  H N N 242 
MET HB3  H N N 243 
MET HG2  H N N 244 
MET HG3  H N N 245 
MET HE1  H N N 246 
MET HE2  H N N 247 
MET HE3  H N N 248 
MET HXT  H N N 249 
PHE N    N N N 250 
PHE CA   C N S 251 
PHE C    C N N 252 
PHE O    O N N 253 
PHE CB   C N N 254 
PHE CG   C Y N 255 
PHE CD1  C Y N 256 
PHE CD2  C Y N 257 
PHE CE1  C Y N 258 
PHE CE2  C Y N 259 
PHE CZ   C Y N 260 
PHE OXT  O N N 261 
PHE H    H N N 262 
PHE H2   H N N 263 
PHE HA   H N N 264 
PHE HB2  H N N 265 
PHE HB3  H N N 266 
PHE HD1  H N N 267 
PHE HD2  H N N 268 
PHE HE1  H N N 269 
PHE HE2  H N N 270 
PHE HZ   H N N 271 
PHE HXT  H N N 272 
PRO N    N N N 273 
PRO CA   C N S 274 
PRO C    C N N 275 
PRO O    O N N 276 
PRO CB   C N N 277 
PRO CG   C N N 278 
PRO CD   C N N 279 
PRO OXT  O N N 280 
PRO H    H N N 281 
PRO HA   H N N 282 
PRO HB2  H N N 283 
PRO HB3  H N N 284 
PRO HG2  H N N 285 
PRO HG3  H N N 286 
PRO HD2  H N N 287 
PRO HD3  H N N 288 
PRO HXT  H N N 289 
SER N    N N N 290 
SER CA   C N S 291 
SER C    C N N 292 
SER O    O N N 293 
SER CB   C N N 294 
SER OG   O N N 295 
SER OXT  O N N 296 
SER H    H N N 297 
SER H2   H N N 298 
SER HA   H N N 299 
SER HB2  H N N 300 
SER HB3  H N N 301 
SER HG   H N N 302 
SER HXT  H N N 303 
THR N    N N N 304 
THR CA   C N S 305 
THR C    C N N 306 
THR O    O N N 307 
THR CB   C N R 308 
THR OG1  O N N 309 
THR CG2  C N N 310 
THR OXT  O N N 311 
THR H    H N N 312 
THR H2   H N N 313 
THR HA   H N N 314 
THR HB   H N N 315 
THR HG1  H N N 316 
THR HG21 H N N 317 
THR HG22 H N N 318 
THR HG23 H N N 319 
THR HXT  H N N 320 
TRP N    N N N 321 
TRP CA   C N S 322 
TRP C    C N N 323 
TRP O    O N N 324 
TRP CB   C N N 325 
TRP CG   C Y N 326 
TRP CD1  C Y N 327 
TRP CD2  C Y N 328 
TRP NE1  N Y N 329 
TRP CE2  C Y N 330 
TRP CE3  C Y N 331 
TRP CZ2  C Y N 332 
TRP CZ3  C Y N 333 
TRP CH2  C Y N 334 
TRP OXT  O N N 335 
TRP H    H N N 336 
TRP H2   H N N 337 
TRP HA   H N N 338 
TRP HB2  H N N 339 
TRP HB3  H N N 340 
TRP HD1  H N N 341 
TRP HE1  H N N 342 
TRP HE3  H N N 343 
TRP HZ2  H N N 344 
TRP HZ3  H N N 345 
TRP HH2  H N N 346 
TRP HXT  H N N 347 
TYR N    N N N 348 
TYR CA   C N S 349 
TYR C    C N N 350 
TYR O    O N N 351 
TYR CB   C N N 352 
TYR CG   C Y N 353 
TYR CD1  C Y N 354 
TYR CD2  C Y N 355 
TYR CE1  C Y N 356 
TYR CE2  C Y N 357 
TYR CZ   C Y N 358 
TYR OH   O N N 359 
TYR OXT  O N N 360 
TYR H    H N N 361 
TYR H2   H N N 362 
TYR HA   H N N 363 
TYR HB2  H N N 364 
TYR HB3  H N N 365 
TYR HD1  H N N 366 
TYR HD2  H N N 367 
TYR HE1  H N N 368 
TYR HE2  H N N 369 
TYR HH   H N N 370 
TYR HXT  H N N 371 
VAL N    N N N 372 
VAL CA   C N S 373 
VAL C    C N N 374 
VAL O    O N N 375 
VAL CB   C N N 376 
VAL CG1  C N N 377 
VAL CG2  C N N 378 
VAL OXT  O N N 379 
VAL H    H N N 380 
VAL H2   H N N 381 
VAL HA   H N N 382 
VAL HB   H N N 383 
VAL HG11 H N N 384 
VAL HG12 H N N 385 
VAL HG13 H N N 386 
VAL HG21 H N N 387 
VAL HG22 H N N 388 
VAL HG23 H N N 389 
VAL HXT  H N N 390 
# 
loop_
_chem_comp_bond.comp_id 
_chem_comp_bond.atom_id_1 
_chem_comp_bond.atom_id_2 
_chem_comp_bond.value_order 
_chem_comp_bond.pdbx_aromatic_flag 
_chem_comp_bond.pdbx_stereo_config 
_chem_comp_bond.pdbx_ordinal 
ALA N   CA   sing N N 1   
ALA N   H    sing N N 2   
ALA N   H2   sing N N 3   
ALA CA  C    sing N N 4   
ALA CA  CB   sing N N 5   
ALA CA  HA   sing N N 6   
ALA C   O    doub N N 7   
ALA C   OXT  sing N N 8   
ALA CB  HB1  sing N N 9   
ALA CB  HB2  sing N N 10  
ALA CB  HB3  sing N N 11  
ALA OXT HXT  sing N N 12  
ARG N   CA   sing N N 13  
ARG N   H    sing N N 14  
ARG N   H2   sing N N 15  
ARG CA  C    sing N N 16  
ARG CA  CB   sing N N 17  
ARG CA  HA   sing N N 18  
ARG C   O    doub N N 19  
ARG C   OXT  sing N N 20  
ARG CB  CG   sing N N 21  
ARG CB  HB2  sing N N 22  
ARG CB  HB3  sing N N 23  
ARG CG  CD   sing N N 24  
ARG CG  HG2  sing N N 25  
ARG CG  HG3  sing N N 26  
ARG CD  NE   sing N N 27  
ARG CD  HD2  sing N N 28  
ARG CD  HD3  sing N N 29  
ARG NE  CZ   sing N N 30  
ARG NE  HE   sing N N 31  
ARG CZ  NH1  sing N N 32  
ARG CZ  NH2  doub N N 33  
ARG NH1 HH11 sing N N 34  
ARG NH1 HH12 sing N N 35  
ARG NH2 HH21 sing N N 36  
ARG NH2 HH22 sing N N 37  
ARG OXT HXT  sing N N 38  
ASN N   CA   sing N N 39  
ASN N   H    sing N N 40  
ASN N   H2   sing N N 41  
ASN CA  C    sing N N 42  
ASN CA  CB   sing N N 43  
ASN CA  HA   sing N N 44  
ASN C   O    doub N N 45  
ASN C   OXT  sing N N 46  
ASN CB  CG   sing N N 47  
ASN CB  HB2  sing N N 48  
ASN CB  HB3  sing N N 49  
ASN CG  OD1  doub N N 50  
ASN CG  ND2  sing N N 51  
ASN ND2 HD21 sing N N 52  
ASN ND2 HD22 sing N N 53  
ASN OXT HXT  sing N N 54  
ASP N   CA   sing N N 55  
ASP N   H    sing N N 56  
ASP N   H2   sing N N 57  
ASP CA  C    sing N N 58  
ASP CA  CB   sing N N 59  
ASP CA  HA   sing N N 60  
ASP C   O    doub N N 61  
ASP C   OXT  sing N N 62  
ASP CB  CG   sing N N 63  
ASP CB  HB2  sing N N 64  
ASP CB  HB3  sing N N 65  
ASP CG  OD1  doub N N 66  
ASP CG  OD2  sing N N 67  
ASP OD2 HD2  sing N N 68  
ASP OXT HXT  sing N N 69  
CYS N   CA   sing N N 70  
CYS N   H    sing N N 71  
CYS N   H2   sing N N 72  
CYS CA  C    sing N N 73  
CYS CA  CB   sing N N 74  
CYS CA  HA   sing N N 75  
CYS C   O    doub N N 76  
CYS C   OXT  sing N N 77  
CYS CB  SG   sing N N 78  
CYS CB  HB2  sing N N 79  
CYS CB  HB3  sing N N 80  
CYS SG  HG   sing N N 81  
CYS OXT HXT  sing N N 82  
GLN N   CA   sing N N 83  
GLN N   H    sing N N 84  
GLN N   H2   sing N N 85  
GLN CA  C    sing N N 86  
GLN CA  CB   sing N N 87  
GLN CA  HA   sing N N 88  
GLN C   O    doub N N 89  
GLN C   OXT  sing N N 90  
GLN CB  CG   sing N N 91  
GLN CB  HB2  sing N N 92  
GLN CB  HB3  sing N N 93  
GLN CG  CD   sing N N 94  
GLN CG  HG2  sing N N 95  
GLN CG  HG3  sing N N 96  
GLN CD  OE1  doub N N 97  
GLN CD  NE2  sing N N 98  
GLN NE2 HE21 sing N N 99  
GLN NE2 HE22 sing N N 100 
GLN OXT HXT  sing N N 101 
GLU N   CA   sing N N 102 
GLU N   H    sing N N 103 
GLU N   H2   sing N N 104 
GLU CA  C    sing N N 105 
GLU CA  CB   sing N N 106 
GLU CA  HA   sing N N 107 
GLU C   O    doub N N 108 
GLU C   OXT  sing N N 109 
GLU CB  CG   sing N N 110 
GLU CB  HB2  sing N N 111 
GLU CB  HB3  sing N N 112 
GLU CG  CD   sing N N 113 
GLU CG  HG2  sing N N 114 
GLU CG  HG3  sing N N 115 
GLU CD  OE1  doub N N 116 
GLU CD  OE2  sing N N 117 
GLU OE2 HE2  sing N N 118 
GLU OXT HXT  sing N N 119 
GLY N   CA   sing N N 120 
GLY N   H    sing N N 121 
GLY N   H2   sing N N 122 
GLY CA  C    sing N N 123 
GLY CA  HA2  sing N N 124 
GLY CA  HA3  sing N N 125 
GLY C   O    doub N N 126 
GLY C   OXT  sing N N 127 
GLY OXT HXT  sing N N 128 
HIS N   CA   sing N N 129 
HIS N   H    sing N N 130 
HIS N   H2   sing N N 131 
HIS CA  C    sing N N 132 
HIS CA  CB   sing N N 133 
HIS CA  HA   sing N N 134 
HIS C   O    doub N N 135 
HIS C   OXT  sing N N 136 
HIS CB  CG   sing N N 137 
HIS CB  HB2  sing N N 138 
HIS CB  HB3  sing N N 139 
HIS CG  ND1  sing Y N 140 
HIS CG  CD2  doub Y N 141 
HIS ND1 CE1  doub Y N 142 
HIS ND1 HD1  sing N N 143 
HIS CD2 NE2  sing Y N 144 
HIS CD2 HD2  sing N N 145 
HIS CE1 NE2  sing Y N 146 
HIS CE1 HE1  sing N N 147 
HIS NE2 HE2  sing N N 148 
HIS OXT HXT  sing N N 149 
HOH O   H1   sing N N 150 
HOH O   H2   sing N N 151 
ILE N   CA   sing N N 152 
ILE N   H    sing N N 153 
ILE N   H2   sing N N 154 
ILE CA  C    sing N N 155 
ILE CA  CB   sing N N 156 
ILE CA  HA   sing N N 157 
ILE C   O    doub N N 158 
ILE C   OXT  sing N N 159 
ILE CB  CG1  sing N N 160 
ILE CB  CG2  sing N N 161 
ILE CB  HB   sing N N 162 
ILE CG1 CD1  sing N N 163 
ILE CG1 HG12 sing N N 164 
ILE CG1 HG13 sing N N 165 
ILE CG2 HG21 sing N N 166 
ILE CG2 HG22 sing N N 167 
ILE CG2 HG23 sing N N 168 
ILE CD1 HD11 sing N N 169 
ILE CD1 HD12 sing N N 170 
ILE CD1 HD13 sing N N 171 
ILE OXT HXT  sing N N 172 
LEU N   CA   sing N N 173 
LEU N   H    sing N N 174 
LEU N   H2   sing N N 175 
LEU CA  C    sing N N 176 
LEU CA  CB   sing N N 177 
LEU CA  HA   sing N N 178 
LEU C   O    doub N N 179 
LEU C   OXT  sing N N 180 
LEU CB  CG   sing N N 181 
LEU CB  HB2  sing N N 182 
LEU CB  HB3  sing N N 183 
LEU CG  CD1  sing N N 184 
LEU CG  CD2  sing N N 185 
LEU CG  HG   sing N N 186 
LEU CD1 HD11 sing N N 187 
LEU CD1 HD12 sing N N 188 
LEU CD1 HD13 sing N N 189 
LEU CD2 HD21 sing N N 190 
LEU CD2 HD22 sing N N 191 
LEU CD2 HD23 sing N N 192 
LEU OXT HXT  sing N N 193 
LYS N   CA   sing N N 194 
LYS N   H    sing N N 195 
LYS N   H2   sing N N 196 
LYS CA  C    sing N N 197 
LYS CA  CB   sing N N 198 
LYS CA  HA   sing N N 199 
LYS C   O    doub N N 200 
LYS C   OXT  sing N N 201 
LYS CB  CG   sing N N 202 
LYS CB  HB2  sing N N 203 
LYS CB  HB3  sing N N 204 
LYS CG  CD   sing N N 205 
LYS CG  HG2  sing N N 206 
LYS CG  HG3  sing N N 207 
LYS CD  CE   sing N N 208 
LYS CD  HD2  sing N N 209 
LYS CD  HD3  sing N N 210 
LYS CE  NZ   sing N N 211 
LYS CE  HE2  sing N N 212 
LYS CE  HE3  sing N N 213 
LYS NZ  HZ1  sing N N 214 
LYS NZ  HZ2  sing N N 215 
LYS NZ  HZ3  sing N N 216 
LYS OXT HXT  sing N N 217 
MET N   CA   sing N N 218 
MET N   H    sing N N 219 
MET N   H2   sing N N 220 
MET CA  C    sing N N 221 
MET CA  CB   sing N N 222 
MET CA  HA   sing N N 223 
MET C   O    doub N N 224 
MET C   OXT  sing N N 225 
MET CB  CG   sing N N 226 
MET CB  HB2  sing N N 227 
MET CB  HB3  sing N N 228 
MET CG  SD   sing N N 229 
MET CG  HG2  sing N N 230 
MET CG  HG3  sing N N 231 
MET SD  CE   sing N N 232 
MET CE  HE1  sing N N 233 
MET CE  HE2  sing N N 234 
MET CE  HE3  sing N N 235 
MET OXT HXT  sing N N 236 
PHE N   CA   sing N N 237 
PHE N   H    sing N N 238 
PHE N   H2   sing N N 239 
PHE CA  C    sing N N 240 
PHE CA  CB   sing N N 241 
PHE CA  HA   sing N N 242 
PHE C   O    doub N N 243 
PHE C   OXT  sing N N 244 
PHE CB  CG   sing N N 245 
PHE CB  HB2  sing N N 246 
PHE CB  HB3  sing N N 247 
PHE CG  CD1  doub Y N 248 
PHE CG  CD2  sing Y N 249 
PHE CD1 CE1  sing Y N 250 
PHE CD1 HD1  sing N N 251 
PHE CD2 CE2  doub Y N 252 
PHE CD2 HD2  sing N N 253 
PHE CE1 CZ   doub Y N 254 
PHE CE1 HE1  sing N N 255 
PHE CE2 CZ   sing Y N 256 
PHE CE2 HE2  sing N N 257 
PHE CZ  HZ   sing N N 258 
PHE OXT HXT  sing N N 259 
PRO N   CA   sing N N 260 
PRO N   CD   sing N N 261 
PRO N   H    sing N N 262 
PRO CA  C    sing N N 263 
PRO CA  CB   sing N N 264 
PRO CA  HA   sing N N 265 
PRO C   O    doub N N 266 
PRO C   OXT  sing N N 267 
PRO CB  CG   sing N N 268 
PRO CB  HB2  sing N N 269 
PRO CB  HB3  sing N N 270 
PRO CG  CD   sing N N 271 
PRO CG  HG2  sing N N 272 
PRO CG  HG3  sing N N 273 
PRO CD  HD2  sing N N 274 
PRO CD  HD3  sing N N 275 
PRO OXT HXT  sing N N 276 
SER N   CA   sing N N 277 
SER N   H    sing N N 278 
SER N   H2   sing N N 279 
SER CA  C    sing N N 280 
SER CA  CB   sing N N 281 
SER CA  HA   sing N N 282 
SER C   O    doub N N 283 
SER C   OXT  sing N N 284 
SER CB  OG   sing N N 285 
SER CB  HB2  sing N N 286 
SER CB  HB3  sing N N 287 
SER OG  HG   sing N N 288 
SER OXT HXT  sing N N 289 
THR N   CA   sing N N 290 
THR N   H    sing N N 291 
THR N   H2   sing N N 292 
THR CA  C    sing N N 293 
THR CA  CB   sing N N 294 
THR CA  HA   sing N N 295 
THR C   O    doub N N 296 
THR C   OXT  sing N N 297 
THR CB  OG1  sing N N 298 
THR CB  CG2  sing N N 299 
THR CB  HB   sing N N 300 
THR OG1 HG1  sing N N 301 
THR CG2 HG21 sing N N 302 
THR CG2 HG22 sing N N 303 
THR CG2 HG23 sing N N 304 
THR OXT HXT  sing N N 305 
TRP N   CA   sing N N 306 
TRP N   H    sing N N 307 
TRP N   H2   sing N N 308 
TRP CA  C    sing N N 309 
TRP CA  CB   sing N N 310 
TRP CA  HA   sing N N 311 
TRP C   O    doub N N 312 
TRP C   OXT  sing N N 313 
TRP CB  CG   sing N N 314 
TRP CB  HB2  sing N N 315 
TRP CB  HB3  sing N N 316 
TRP CG  CD1  doub Y N 317 
TRP CG  CD2  sing Y N 318 
TRP CD1 NE1  sing Y N 319 
TRP CD1 HD1  sing N N 320 
TRP CD2 CE2  doub Y N 321 
TRP CD2 CE3  sing Y N 322 
TRP NE1 CE2  sing Y N 323 
TRP NE1 HE1  sing N N 324 
TRP CE2 CZ2  sing Y N 325 
TRP CE3 CZ3  doub Y N 326 
TRP CE3 HE3  sing N N 327 
TRP CZ2 CH2  doub Y N 328 
TRP CZ2 HZ2  sing N N 329 
TRP CZ3 CH2  sing Y N 330 
TRP CZ3 HZ3  sing N N 331 
TRP CH2 HH2  sing N N 332 
TRP OXT HXT  sing N N 333 
TYR N   CA   sing N N 334 
TYR N   H    sing N N 335 
TYR N   H2   sing N N 336 
TYR CA  C    sing N N 337 
TYR CA  CB   sing N N 338 
TYR CA  HA   sing N N 339 
TYR C   O    doub N N 340 
TYR C   OXT  sing N N 341 
TYR CB  CG   sing N N 342 
TYR CB  HB2  sing N N 343 
TYR CB  HB3  sing N N 344 
TYR CG  CD1  doub Y N 345 
TYR CG  CD2  sing Y N 346 
TYR CD1 CE1  sing Y N 347 
TYR CD1 HD1  sing N N 348 
TYR CD2 CE2  doub Y N 349 
TYR CD2 HD2  sing N N 350 
TYR CE1 CZ   doub Y N 351 
TYR CE1 HE1  sing N N 352 
TYR CE2 CZ   sing Y N 353 
TYR CE2 HE2  sing N N 354 
TYR CZ  OH   sing N N 355 
TYR OH  HH   sing N N 356 
TYR OXT HXT  sing N N 357 
VAL N   CA   sing N N 358 
VAL N   H    sing N N 359 
VAL N   H2   sing N N 360 
VAL CA  C    sing N N 361 
VAL CA  CB   sing N N 362 
VAL CA  HA   sing N N 363 
VAL C   O    doub N N 364 
VAL C   OXT  sing N N 365 
VAL CB  CG1  sing N N 366 
VAL CB  CG2  sing N N 367 
VAL CB  HB   sing N N 368 
VAL CG1 HG11 sing N N 369 
VAL CG1 HG12 sing N N 370 
VAL CG1 HG13 sing N N 371 
VAL CG2 HG21 sing N N 372 
VAL CG2 HG22 sing N N 373 
VAL CG2 HG23 sing N N 374 
VAL OXT HXT  sing N N 375 
# 
_pdbx_entity_nonpoly.entity_id   2 
_pdbx_entity_nonpoly.name        water 
_pdbx_entity_nonpoly.comp_id     HOH 
# 
_pdbx_initial_refinement_model.id               1 
_pdbx_initial_refinement_model.entity_id_list   ? 
_pdbx_initial_refinement_model.type             'experimental model' 
_pdbx_initial_refinement_model.source_name      PDB 
_pdbx_initial_refinement_model.accession_code   1M5M 
_pdbx_initial_refinement_model.details          'PSEUDO-MONOMERIC CV-N (1M5M)' 
# 
